data_3O5C
#
_entry.id   3O5C
#
_cell.length_a   50.840
_cell.length_b   81.220
_cell.length_c   85.920
_cell.angle_alpha   113.96
_cell.angle_beta   102.10
_cell.angle_gamma   90.01
#
_symmetry.space_group_name_H-M   'P 1'
#
loop_
_entity.id
_entity.type
_entity.pdbx_description
1 polymer 'Cytochrome c551 peroxidase'
2 non-polymer 'PROTOPORPHYRIN IX CONTAINING FE'
3 non-polymer 'CALCIUM ION'
4 non-polymer (R,R)-2,3-BUTANEDIOL
5 water water
#
_entity_poly.entity_id   1
_entity_poly.type   'polypeptide(L)'
_entity_poly.pdbx_seq_one_letter_code
;AHHHHHHGGAEPIEVITPAKITEPEKVELGKMLFFEPRLSKSGFISCNSCHNLSTGGVDALPTSIGHHWQEGPINSPTVL
NADFMLAQFWDGRASNLKEQAAGPIANPKEMGFTHELATETIASMPAYRARFAKVYGDEKVDIDRLTDAIAAFEKTLVTP
NSPFDQYLLGKQDAISGDAKAGYQLFKDKGCVSCHNGPAVGGTMFMKMGLIKPFHTNNPAEGRKGVTGKDADKFVFKVPT
LRNIELTYPYFHDGSVWTLEEAVNTMADIQLGQKLTEKETKEMVAFLNSLTGEQPQISLPILPPSNKETPRPVPFATGAK
;
_entity_poly.pdbx_strand_id   A,B,C,D
#
loop_
_chem_comp.id
_chem_comp.type
_chem_comp.name
_chem_comp.formula
BU3 non-polymer (R,R)-2,3-BUTANEDIOL 'C4 H10 O2'
CA non-polymer 'CALCIUM ION' 'Ca 2'
HEM non-polymer 'PROTOPORPHYRIN IX CONTAINING FE' 'C34 H32 Fe N4 O4'
#
# COMPACT_ATOMS: atom_id res chain seq x y z
N GLU A 11 -17.13 7.67 -27.47
CA GLU A 11 -16.35 6.38 -27.48
C GLU A 11 -15.64 6.13 -26.15
N PRO A 12 -15.69 4.88 -25.65
CA PRO A 12 -15.18 4.57 -24.32
C PRO A 12 -13.64 4.49 -24.22
N ILE A 13 -12.95 4.57 -25.35
CA ILE A 13 -11.49 4.64 -25.38
C ILE A 13 -11.08 6.02 -25.91
N GLU A 14 -10.08 6.62 -25.27
CA GLU A 14 -9.54 7.94 -25.64
C GLU A 14 -8.10 7.82 -26.13
N VAL A 15 -7.67 8.84 -26.86
CA VAL A 15 -6.35 8.85 -27.46
C VAL A 15 -5.29 9.21 -26.43
N ILE A 16 -4.08 8.67 -26.59
CA ILE A 16 -2.95 9.04 -25.74
C ILE A 16 -2.19 10.19 -26.42
N THR A 17 -2.08 11.30 -25.70
CA THR A 17 -1.38 12.50 -26.16
C THR A 17 0.09 12.31 -25.77
N PRO A 18 1.03 12.92 -26.52
CA PRO A 18 2.42 12.85 -26.08
C PRO A 18 2.65 13.44 -24.70
N ALA A 19 3.67 12.92 -24.01
CA ALA A 19 4.07 13.40 -22.69
C ALA A 19 4.39 14.88 -22.71
N LYS A 20 3.76 15.64 -21.81
CA LYS A 20 4.16 17.02 -21.52
C LYS A 20 5.34 16.99 -20.55
N ILE A 21 6.53 17.32 -21.05
CA ILE A 21 7.74 17.35 -20.26
C ILE A 21 7.90 18.76 -19.68
N THR A 22 7.50 18.95 -18.42
CA THR A 22 7.64 20.27 -17.78
C THR A 22 8.91 20.40 -16.93
N GLU A 23 9.54 19.28 -16.60
CA GLU A 23 10.67 19.24 -15.64
C GLU A 23 11.81 18.33 -16.13
N PRO A 24 12.43 18.72 -17.25
CA PRO A 24 13.36 17.82 -17.92
C PRO A 24 14.60 17.43 -17.12
N GLU A 25 15.06 18.28 -16.19
CA GLU A 25 16.23 17.93 -15.36
C GLU A 25 15.92 16.81 -14.37
N LYS A 26 14.71 16.85 -13.82
CA LYS A 26 14.23 15.79 -12.93
C LYS A 26 14.04 14.49 -13.73
N VAL A 27 13.40 14.59 -14.90
CA VAL A 27 13.25 13.44 -15.81
C VAL A 27 14.60 12.76 -16.13
N GLU A 28 15.59 13.57 -16.49
CA GLU A 28 16.95 13.09 -16.72
C GLU A 28 17.46 12.30 -15.53
N LEU A 29 17.32 12.88 -14.35
CA LEU A 29 17.80 12.27 -13.10
C LEU A 29 17.07 10.96 -12.86
N GLY A 30 15.76 11.01 -13.08
CA GLY A 30 14.87 9.83 -13.03
C GLY A 30 15.25 8.71 -13.99
N LYS A 31 15.64 9.06 -15.20
CA LYS A 31 16.08 8.08 -16.18
C LYS A 31 17.35 7.38 -15.71
N MET A 32 18.33 8.15 -15.26
CA MET A 32 19.55 7.56 -14.71
C MET A 32 19.26 6.53 -13.63
N LEU A 33 18.42 6.90 -12.68
CA LEU A 33 18.08 6.05 -11.54
C LEU A 33 17.32 4.77 -11.97
N PHE A 34 16.43 4.91 -12.94
CA PHE A 34 15.68 3.76 -13.50
C PHE A 34 16.58 2.69 -14.13
N PHE A 35 17.73 3.14 -14.66
CA PHE A 35 18.73 2.27 -15.29
C PHE A 35 19.94 2.02 -14.38
N GLU A 36 19.86 2.50 -13.15
CA GLU A 36 20.99 2.48 -12.20
C GLU A 36 21.02 1.13 -11.45
N PRO A 37 21.95 0.24 -11.81
CA PRO A 37 21.97 -1.06 -11.12
C PRO A 37 22.62 -0.99 -9.76
N ARG A 38 23.22 0.14 -9.40
CA ARG A 38 23.75 0.28 -8.06
C ARG A 38 22.65 0.61 -7.02
N LEU A 39 21.40 0.73 -7.45
CA LEU A 39 20.25 0.78 -6.52
C LEU A 39 19.89 -0.63 -6.00
N SER A 40 20.47 -1.68 -6.57
CA SER A 40 20.30 -3.06 -6.08
C SER A 40 21.51 -3.50 -5.28
N LYS A 41 21.30 -4.42 -4.33
CA LYS A 41 22.39 -4.93 -3.51
C LYS A 41 23.48 -5.55 -4.37
N SER A 42 23.06 -6.31 -5.38
CA SER A 42 23.96 -7.00 -6.32
C SER A 42 24.84 -6.09 -7.19
N GLY A 43 24.35 -4.88 -7.45
CA GLY A 43 24.96 -3.99 -8.43
C GLY A 43 24.69 -4.45 -9.85
N PHE A 44 23.62 -5.22 -10.06
CA PHE A 44 23.38 -5.88 -11.35
C PHE A 44 21.94 -5.72 -11.85
N ILE A 45 21.01 -5.33 -10.96
CA ILE A 45 19.59 -5.19 -11.32
C ILE A 45 19.17 -3.73 -11.23
N SER A 46 18.46 -3.26 -12.26
CA SER A 46 17.90 -1.93 -12.28
C SER A 46 16.41 -2.08 -12.55
N CYS A 47 15.68 -0.96 -12.52
CA CYS A 47 14.26 -1.01 -12.88
C CYS A 47 14.11 -1.58 -14.29
N ASN A 48 15.00 -1.18 -15.19
CA ASN A 48 14.90 -1.57 -16.59
C ASN A 48 15.05 -3.08 -16.76
N SER A 49 15.83 -3.72 -15.89
CA SER A 49 15.93 -5.20 -15.88
C SER A 49 14.55 -5.87 -15.99
N CYS A 50 13.62 -5.47 -15.15
CA CYS A 50 12.31 -6.11 -15.11
C CYS A 50 11.22 -5.43 -15.91
N HIS A 51 11.51 -4.19 -16.33
CA HIS A 51 10.59 -3.35 -17.09
C HIS A 51 11.32 -2.82 -18.31
N ASN A 52 11.92 -3.76 -19.02
CA ASN A 52 12.85 -3.46 -20.09
C ASN A 52 12.20 -2.62 -21.15
N LEU A 53 12.69 -1.38 -21.31
CA LEU A 53 12.09 -0.43 -22.23
C LEU A 53 12.38 -0.73 -23.69
N SER A 54 13.28 -1.67 -23.95
CA SER A 54 13.47 -2.19 -25.30
C SER A 54 12.37 -3.18 -25.70
N THR A 55 11.76 -3.84 -24.71
CA THR A 55 10.78 -4.91 -24.93
C THR A 55 9.46 -4.62 -24.19
N GLY A 56 8.87 -3.49 -24.51
CA GLY A 56 7.54 -3.17 -24.01
C GLY A 56 7.39 -2.76 -22.57
N GLY A 57 8.49 -2.38 -21.91
CA GLY A 57 8.45 -1.97 -20.51
C GLY A 57 8.28 -3.15 -19.54
N VAL A 58 8.61 -4.37 -20.00
CA VAL A 58 8.49 -5.61 -19.21
C VAL A 58 9.66 -6.56 -19.50
N ASP A 59 9.93 -7.50 -18.58
CA ASP A 59 10.94 -8.55 -18.82
C ASP A 59 10.43 -9.68 -19.74
N ALA A 60 9.12 -9.70 -20.01
CA ALA A 60 8.50 -10.76 -20.82
C ALA A 60 8.79 -12.18 -20.31
N LEU A 61 8.91 -12.29 -18.98
CA LEU A 61 9.04 -13.57 -18.30
C LEU A 61 7.75 -13.83 -17.53
N PRO A 62 7.42 -15.10 -17.29
CA PRO A 62 6.21 -15.38 -16.51
C PRO A 62 6.18 -14.65 -15.17
N THR A 63 7.30 -14.70 -14.45
CA THR A 63 7.53 -13.84 -13.27
C THR A 63 8.99 -13.44 -13.26
N SER A 64 9.34 -12.51 -12.38
CA SER A 64 10.60 -11.79 -12.52
C SER A 64 11.76 -12.50 -11.84
N ILE A 65 12.93 -12.27 -12.42
CA ILE A 65 14.20 -12.71 -11.87
C ILE A 65 14.73 -11.59 -11.00
N GLY A 66 14.97 -11.88 -9.73
CA GLY A 66 15.50 -10.89 -8.77
C GLY A 66 16.88 -11.26 -8.26
N HIS A 67 17.31 -10.54 -7.24
CA HIS A 67 18.52 -10.82 -6.48
C HIS A 67 18.71 -12.32 -6.27
N HIS A 68 19.94 -12.80 -6.52
CA HIS A 68 20.27 -14.22 -6.38
C HIS A 68 19.45 -15.10 -7.32
N TRP A 69 18.91 -14.50 -8.38
CA TRP A 69 18.12 -15.21 -9.38
C TRP A 69 16.90 -15.89 -8.73
N GLN A 70 16.25 -15.16 -7.84
CA GLN A 70 15.04 -15.62 -7.18
C GLN A 70 13.92 -15.50 -8.17
N GLU A 71 13.05 -16.50 -8.17
CA GLU A 71 11.81 -16.46 -8.92
C GLU A 71 10.80 -15.65 -8.14
N GLY A 72 10.32 -14.58 -8.77
CA GLY A 72 9.36 -13.71 -8.14
C GLY A 72 7.97 -14.29 -8.21
N PRO A 73 7.04 -13.70 -7.45
CA PRO A 73 5.73 -14.33 -7.25
C PRO A 73 4.68 -13.97 -8.28
N ILE A 74 4.97 -13.00 -9.16
CA ILE A 74 3.94 -12.46 -10.04
C ILE A 74 4.56 -11.80 -11.28
N ASN A 75 3.77 -11.72 -12.34
CA ASN A 75 4.20 -11.20 -13.65
C ASN A 75 4.47 -9.70 -13.58
N SER A 76 5.64 -9.27 -14.05
N SER A 76 5.63 -9.29 -14.11
CA SER A 76 5.98 -7.85 -14.00
CA SER A 76 6.00 -7.88 -14.16
C SER A 76 5.17 -7.11 -15.06
C SER A 76 5.10 -7.12 -15.13
N PRO A 77 4.38 -6.10 -14.63
CA PRO A 77 3.61 -5.27 -15.52
C PRO A 77 4.49 -4.25 -16.23
N THR A 78 3.97 -3.74 -17.33
CA THR A 78 4.66 -2.68 -18.06
C THR A 78 4.64 -1.32 -17.33
N VAL A 79 5.75 -0.60 -17.37
CA VAL A 79 5.76 0.82 -16.97
C VAL A 79 5.14 1.74 -18.03
N LEU A 80 4.88 1.22 -19.24
CA LEU A 80 4.29 2.05 -20.31
C LEU A 80 2.83 2.38 -20.00
N ASN A 81 2.54 3.67 -19.97
CA ASN A 81 1.22 4.23 -19.64
C ASN A 81 0.79 4.01 -18.19
N ALA A 82 1.73 3.68 -17.30
CA ALA A 82 1.39 3.30 -15.91
C ALA A 82 0.86 4.45 -15.07
N ASP A 83 1.12 5.69 -15.45
CA ASP A 83 0.57 6.86 -14.74
C ASP A 83 -0.92 7.04 -15.00
N PHE A 84 -1.47 6.23 -15.91
CA PHE A 84 -2.90 6.21 -16.16
C PHE A 84 -3.66 5.30 -15.18
N MET A 85 -2.91 4.50 -14.43
CA MET A 85 -3.48 3.50 -13.52
C MET A 85 -4.07 4.16 -12.26
N LEU A 86 -5.25 3.71 -11.85
CA LEU A 86 -5.87 4.28 -10.64
C LEU A 86 -5.02 4.00 -9.38
N ALA A 87 -4.19 2.96 -9.44
CA ALA A 87 -3.27 2.60 -8.35
C ALA A 87 -2.15 1.75 -8.94
N GLN A 88 -1.10 1.48 -8.16
CA GLN A 88 0.06 0.74 -8.64
C GLN A 88 0.16 -0.62 -7.98
N PHE A 89 0.77 -1.58 -8.70
CA PHE A 89 0.82 -3.00 -8.35
C PHE A 89 -0.48 -3.72 -8.68
N TRP A 90 -0.40 -5.01 -8.94
CA TRP A 90 -1.59 -5.84 -9.22
C TRP A 90 -2.70 -5.69 -8.17
N ASP A 91 -2.30 -5.51 -6.90
CA ASP A 91 -3.24 -5.41 -5.79
C ASP A 91 -3.51 -3.97 -5.36
N GLY A 92 -2.95 -3.02 -6.09
CA GLY A 92 -3.26 -1.62 -5.86
C GLY A 92 -2.77 -1.04 -4.56
N ARG A 93 -1.73 -1.64 -3.98
CA ARG A 93 -1.27 -1.25 -2.66
C ARG A 93 -0.48 0.08 -2.63
N ALA A 94 -0.01 0.53 -3.78
CA ALA A 94 0.64 1.85 -3.91
C ALA A 94 -0.29 2.81 -4.65
N SER A 95 -0.33 4.06 -4.20
CA SER A 95 -1.28 5.04 -4.75
C SER A 95 -0.85 5.61 -6.10
N ASN A 96 0.45 5.76 -6.28
CA ASN A 96 1.01 6.34 -7.51
C ASN A 96 2.44 5.89 -7.75
N LEU A 97 3.06 6.39 -8.83
CA LEU A 97 4.38 5.88 -9.24
C LEU A 97 5.46 6.18 -8.21
N LYS A 98 5.34 7.34 -7.55
CA LYS A 98 6.30 7.75 -6.53
C LYS A 98 6.35 6.74 -5.37
N GLU A 99 5.19 6.40 -4.81
CA GLU A 99 5.10 5.45 -3.70
C GLU A 99 5.55 4.05 -4.14
N GLN A 100 5.14 3.66 -5.34
CA GLN A 100 5.49 2.36 -5.90
C GLN A 100 7.00 2.12 -5.89
N ALA A 101 7.75 3.11 -6.39
CA ALA A 101 9.19 2.96 -6.68
C ALA A 101 10.00 2.62 -5.44
N ALA A 102 9.50 3.01 -4.26
CA ALA A 102 10.14 2.66 -3.00
C ALA A 102 10.19 1.13 -2.78
N GLY A 103 9.20 0.41 -3.29
CA GLY A 103 9.08 -1.03 -3.02
C GLY A 103 10.25 -1.89 -3.50
N PRO A 104 10.43 -2.00 -4.81
CA PRO A 104 11.42 -2.88 -5.43
C PRO A 104 12.85 -2.68 -4.90
N ILE A 105 13.21 -1.43 -4.61
CA ILE A 105 14.54 -1.13 -4.03
C ILE A 105 14.79 -1.96 -2.75
N ALA A 106 13.77 -2.09 -1.91
CA ALA A 106 13.89 -2.80 -0.62
C ALA A 106 13.31 -4.21 -0.59
N ASN A 107 12.69 -4.62 -1.70
CA ASN A 107 12.09 -5.96 -1.79
C ASN A 107 13.20 -6.99 -1.89
N PRO A 108 13.33 -7.91 -0.89
CA PRO A 108 14.36 -8.95 -0.95
C PRO A 108 14.34 -9.86 -2.19
N LYS A 109 13.16 -10.05 -2.78
CA LYS A 109 13.03 -10.88 -4.00
C LYS A 109 13.26 -10.11 -5.29
N GLU A 110 13.48 -8.80 -5.18
CA GLU A 110 13.68 -7.96 -6.35
C GLU A 110 15.09 -7.38 -6.24
N MET A 111 15.22 -6.09 -5.95
CA MET A 111 16.52 -5.44 -5.98
C MET A 111 17.33 -5.78 -4.72
N GLY A 112 16.63 -6.19 -3.67
CA GLY A 112 17.22 -6.67 -2.42
C GLY A 112 18.12 -5.71 -1.67
N PHE A 113 17.89 -4.40 -1.82
CA PHE A 113 18.71 -3.42 -1.16
C PHE A 113 17.97 -2.87 0.06
N THR A 114 18.45 -1.76 0.61
CA THR A 114 17.72 -1.02 1.63
C THR A 114 17.67 0.42 1.19
N HIS A 115 16.69 1.17 1.70
CA HIS A 115 16.52 2.57 1.34
C HIS A 115 17.74 3.33 1.76
N GLU A 116 18.26 3.00 2.95
CA GLU A 116 19.40 3.69 3.53
C GLU A 116 20.64 3.50 2.67
N LEU A 117 20.84 2.28 2.18
CA LEU A 117 21.99 1.97 1.35
C LEU A 117 21.85 2.56 -0.04
N ALA A 118 20.63 2.54 -0.59
CA ALA A 118 20.36 3.15 -1.90
C ALA A 118 20.71 4.63 -1.90
N THR A 119 20.21 5.38 -0.91
CA THR A 119 20.51 6.79 -0.83
C THR A 119 21.98 7.09 -0.54
N GLU A 120 22.65 6.27 0.29
CA GLU A 120 24.09 6.45 0.54
C GLU A 120 24.88 6.20 -0.75
N THR A 121 24.48 5.16 -1.48
CA THR A 121 25.13 4.78 -2.75
C THR A 121 25.05 5.95 -3.75
N ILE A 122 23.85 6.51 -3.93
CA ILE A 122 23.65 7.64 -4.84
C ILE A 122 24.34 8.93 -4.35
N ALA A 123 24.24 9.21 -3.04
CA ALA A 123 24.84 10.39 -2.42
C ALA A 123 26.38 10.36 -2.46
N SER A 124 26.96 9.17 -2.60
CA SER A 124 28.43 9.04 -2.71
C SER A 124 29.04 9.73 -3.93
N MET A 125 28.26 9.90 -4.99
CA MET A 125 28.79 10.37 -6.28
C MET A 125 28.45 11.83 -6.53
N PRO A 126 29.48 12.70 -6.62
CA PRO A 126 29.27 14.14 -6.85
C PRO A 126 28.35 14.47 -8.03
N ALA A 127 28.46 13.73 -9.13
CA ALA A 127 27.61 13.96 -10.30
C ALA A 127 26.12 13.79 -9.95
N TYR A 128 25.80 12.80 -9.13
CA TYR A 128 24.41 12.61 -8.68
C TYR A 128 24.03 13.73 -7.72
N ARG A 129 24.87 14.00 -6.74
CA ARG A 129 24.60 15.08 -5.79
C ARG A 129 24.34 16.41 -6.51
N ALA A 130 25.08 16.67 -7.58
CA ALA A 130 24.91 17.89 -8.38
C ALA A 130 23.53 17.98 -9.02
N ARG A 131 23.02 16.84 -9.49
CA ARG A 131 21.70 16.80 -10.14
C ARG A 131 20.56 16.95 -9.12
N PHE A 132 20.68 16.29 -7.97
CA PHE A 132 19.74 16.48 -6.88
C PHE A 132 19.66 17.94 -6.46
N ALA A 133 20.82 18.58 -6.34
CA ALA A 133 20.91 20.02 -6.06
C ALA A 133 20.18 20.88 -7.11
N LYS A 134 20.39 20.56 -8.39
CA LYS A 134 19.81 21.32 -9.50
C LYS A 134 18.28 21.19 -9.58
N VAL A 135 17.75 20.07 -9.11
CA VAL A 135 16.30 19.78 -9.16
C VAL A 135 15.58 20.16 -7.84
N TYR A 136 16.20 19.82 -6.71
CA TYR A 136 15.57 19.94 -5.40
C TYR A 136 16.15 21.06 -4.52
N GLY A 137 17.34 21.57 -4.86
CA GLY A 137 17.88 22.76 -4.20
C GLY A 137 19.09 22.55 -3.32
N ASP A 138 19.33 21.30 -2.92
CA ASP A 138 20.57 20.94 -2.21
C ASP A 138 20.94 19.50 -2.55
N GLU A 139 22.16 19.08 -2.24
CA GLU A 139 22.61 17.80 -2.80
C GLU A 139 22.33 16.56 -1.93
N LYS A 140 21.49 16.73 -0.92
CA LYS A 140 21.02 15.62 -0.09
C LYS A 140 20.14 14.64 -0.89
N VAL A 141 20.33 13.35 -0.61
CA VAL A 141 19.55 12.31 -1.24
C VAL A 141 18.80 11.52 -0.17
N ASP A 142 17.49 11.40 -0.35
CA ASP A 142 16.63 10.58 0.47
C ASP A 142 15.66 9.88 -0.46
N ILE A 143 14.93 8.89 0.03
CA ILE A 143 14.08 8.08 -0.84
C ILE A 143 12.94 8.87 -1.45
N ASP A 144 12.46 9.88 -0.73
CA ASP A 144 11.48 10.83 -1.25
C ASP A 144 11.90 11.46 -2.60
N ARG A 145 13.09 12.05 -2.64
CA ARG A 145 13.59 12.71 -3.85
C ARG A 145 13.97 11.68 -4.92
N LEU A 146 14.52 10.56 -4.48
CA LEU A 146 14.98 9.49 -5.36
C LEU A 146 13.76 8.97 -6.13
N THR A 147 12.70 8.64 -5.42
CA THR A 147 11.49 8.08 -6.02
C THR A 147 10.66 9.13 -6.74
N ASP A 148 10.73 10.38 -6.28
CA ASP A 148 10.15 11.51 -7.04
C ASP A 148 10.76 11.62 -8.46
N ALA A 149 12.09 11.60 -8.53
CA ALA A 149 12.79 11.68 -9.83
C ALA A 149 12.46 10.47 -10.70
N ILE A 150 12.48 9.26 -10.15
CA ILE A 150 12.11 8.09 -10.97
C ILE A 150 10.69 8.19 -11.53
N ALA A 151 9.74 8.65 -10.69
CA ALA A 151 8.34 8.77 -11.11
C ALA A 151 8.24 9.82 -12.22
N ALA A 152 8.98 10.93 -12.11
CA ALA A 152 8.96 11.99 -13.11
C ALA A 152 9.31 11.42 -14.50
N PHE A 153 10.36 10.61 -14.52
CA PHE A 153 10.78 9.90 -15.74
C PHE A 153 9.72 8.93 -16.23
N GLU A 154 9.18 8.12 -15.33
CA GLU A 154 8.11 7.18 -15.73
C GLU A 154 6.89 7.86 -16.32
N LYS A 155 6.49 9.02 -15.79
CA LYS A 155 5.35 9.73 -16.38
C LYS A 155 5.55 10.12 -17.86
N THR A 156 6.80 10.19 -18.31
CA THR A 156 7.10 10.46 -19.74
C THR A 156 6.89 9.24 -20.66
N LEU A 157 6.77 8.06 -20.05
CA LEU A 157 6.76 6.82 -20.80
C LEU A 157 5.34 6.47 -21.26
N VAL A 158 4.71 7.41 -21.96
CA VAL A 158 3.43 7.13 -22.64
C VAL A 158 3.72 6.71 -24.09
N THR A 159 2.72 6.16 -24.75
CA THR A 159 2.87 5.59 -26.08
C THR A 159 1.79 6.13 -26.98
N PRO A 160 2.01 7.33 -27.53
CA PRO A 160 1.09 7.94 -28.47
C PRO A 160 1.14 7.31 -29.85
N ASN A 161 0.18 7.66 -30.69
CA ASN A 161 0.23 7.41 -32.14
C ASN A 161 0.02 5.95 -32.57
N SER A 162 -0.56 5.13 -31.69
CA SER A 162 -0.97 3.78 -32.05
C SER A 162 -1.97 3.83 -33.22
N PRO A 163 -2.00 2.79 -34.07
CA PRO A 163 -3.00 2.70 -35.16
C PRO A 163 -4.44 2.92 -34.71
N PHE A 164 -4.82 2.37 -33.56
CA PHE A 164 -6.18 2.58 -33.04
C PHE A 164 -6.46 4.05 -32.70
N ASP A 165 -5.47 4.75 -32.16
CA ASP A 165 -5.64 6.17 -31.86
C ASP A 165 -5.87 6.96 -33.14
N GLN A 166 -5.06 6.69 -34.16
CA GLN A 166 -5.24 7.30 -35.46
C GLN A 166 -6.66 7.06 -35.98
N TYR A 167 -7.19 5.86 -35.75
CA TYR A 167 -8.58 5.49 -36.10
C TYR A 167 -9.65 6.24 -35.30
N LEU A 168 -9.47 6.31 -33.98
CA LEU A 168 -10.37 7.10 -33.12
C LEU A 168 -10.47 8.55 -33.59
N LEU A 169 -9.35 9.10 -34.05
CA LEU A 169 -9.28 10.46 -34.59
C LEU A 169 -9.93 10.62 -35.99
N GLY A 170 -10.32 9.51 -36.61
CA GLY A 170 -11.07 9.55 -37.86
C GLY A 170 -10.42 8.86 -39.06
N LYS A 171 -9.16 8.48 -38.93
CA LYS A 171 -8.42 7.87 -40.04
C LYS A 171 -8.87 6.43 -40.27
N GLN A 172 -9.74 6.22 -41.26
CA GLN A 172 -10.40 4.93 -41.46
C GLN A 172 -9.47 3.79 -41.90
N ASP A 173 -8.34 4.10 -42.53
CA ASP A 173 -7.36 3.08 -42.94
C ASP A 173 -6.22 2.95 -41.94
N ALA A 174 -6.39 3.53 -40.75
CA ALA A 174 -5.41 3.41 -39.69
C ALA A 174 -5.29 1.95 -39.22
N ILE A 175 -6.41 1.23 -39.21
CA ILE A 175 -6.44 -0.17 -38.79
C ILE A 175 -7.16 -1.04 -39.84
N SER A 176 -6.97 -2.35 -39.75
CA SER A 176 -7.54 -3.28 -40.71
C SER A 176 -9.04 -3.46 -40.48
N GLY A 177 -9.74 -3.96 -41.50
CA GLY A 177 -11.15 -4.35 -41.35
C GLY A 177 -11.34 -5.25 -40.15
N ASP A 178 -10.47 -6.24 -40.00
CA ASP A 178 -10.49 -7.14 -38.86
C ASP A 178 -10.45 -6.32 -37.57
N ALA A 179 -9.44 -5.47 -37.43
CA ALA A 179 -9.29 -4.63 -36.25
C ALA A 179 -10.53 -3.77 -35.95
N LYS A 180 -11.20 -3.25 -36.98
CA LYS A 180 -12.43 -2.49 -36.77
C LYS A 180 -13.53 -3.36 -36.17
N ALA A 181 -13.75 -4.54 -36.76
CA ALA A 181 -14.69 -5.53 -36.24
C ALA A 181 -14.29 -5.93 -34.82
N GLY A 182 -12.98 -6.10 -34.63
CA GLY A 182 -12.39 -6.35 -33.30
C GLY A 182 -12.93 -5.38 -32.26
N TYR A 183 -12.85 -4.08 -32.57
CA TYR A 183 -13.22 -3.04 -31.62
C TYR A 183 -14.72 -3.02 -31.32
N GLN A 184 -15.54 -3.26 -32.34
CA GLN A 184 -16.99 -3.34 -32.11
C GLN A 184 -17.36 -4.54 -31.24
N LEU A 185 -16.65 -5.65 -31.42
CA LEU A 185 -16.80 -6.84 -30.56
C LEU A 185 -16.35 -6.57 -29.14
N PHE A 186 -15.18 -5.94 -29.00
CA PHE A 186 -14.64 -5.54 -27.70
C PHE A 186 -15.72 -4.79 -26.91
N LYS A 187 -16.45 -3.93 -27.60
CA LYS A 187 -17.57 -3.19 -27.01
C LYS A 187 -18.81 -4.04 -26.78
N ASP A 188 -19.27 -4.68 -27.85
CA ASP A 188 -20.53 -5.44 -27.85
C ASP A 188 -20.52 -6.64 -26.89
N LYS A 189 -19.36 -7.25 -26.68
CA LYS A 189 -19.25 -8.44 -25.81
C LYS A 189 -19.02 -8.07 -24.33
N GLY A 190 -18.61 -6.83 -24.09
CA GLY A 190 -18.54 -6.30 -22.75
C GLY A 190 -17.14 -6.18 -22.18
N CYS A 191 -16.11 -6.43 -23.00
CA CYS A 191 -14.73 -6.22 -22.57
C CYS A 191 -14.52 -4.79 -22.09
N VAL A 192 -15.16 -3.84 -22.78
CA VAL A 192 -14.95 -2.42 -22.48
C VAL A 192 -15.58 -2.01 -21.13
N SER A 193 -16.42 -2.86 -20.54
CA SER A 193 -16.95 -2.59 -19.21
C SER A 193 -15.81 -2.52 -18.17
N CYS A 194 -14.77 -3.32 -18.37
CA CYS A 194 -13.62 -3.34 -17.46
C CYS A 194 -12.35 -2.71 -18.00
N HIS A 195 -12.23 -2.70 -19.34
CA HIS A 195 -11.07 -2.15 -20.04
C HIS A 195 -11.49 -0.90 -20.85
N ASN A 196 -11.36 0.28 -20.28
CA ASN A 196 -11.77 1.52 -20.99
C ASN A 196 -10.85 2.69 -20.68
N GLY A 197 -11.17 3.86 -21.23
CA GLY A 197 -10.36 5.06 -21.04
C GLY A 197 -9.12 5.08 -21.92
N PRO A 198 -8.21 6.05 -21.69
CA PRO A 198 -7.01 6.19 -22.52
C PRO A 198 -6.11 4.95 -22.56
N ALA A 199 -6.01 4.25 -21.45
CA ALA A 199 -5.12 3.10 -21.36
C ALA A 199 -5.85 1.79 -21.60
N VAL A 200 -7.14 1.85 -21.94
CA VAL A 200 -7.93 0.65 -22.23
C VAL A 200 -7.75 -0.32 -21.05
N GLY A 201 -8.08 0.18 -19.85
CA GLY A 201 -7.72 -0.51 -18.60
C GLY A 201 -7.21 0.42 -17.49
N GLY A 202 -6.97 -0.15 -16.32
CA GLY A 202 -6.44 0.59 -15.17
C GLY A 202 -7.40 1.57 -14.50
N THR A 203 -8.68 1.57 -14.87
CA THR A 203 -9.64 2.48 -14.23
C THR A 203 -10.35 1.85 -13.04
N MET A 204 -10.13 0.55 -12.83
CA MET A 204 -10.80 -0.20 -11.78
C MET A 204 -10.11 -1.51 -11.39
N PHE A 205 -10.52 -2.03 -10.23
CA PHE A 205 -10.15 -3.37 -9.81
C PHE A 205 -11.36 -4.25 -10.10
N MET A 206 -11.12 -5.42 -10.69
CA MET A 206 -12.18 -6.38 -10.93
C MET A 206 -11.72 -7.80 -10.61
N LYS A 207 -12.72 -8.65 -10.41
CA LYS A 207 -12.51 -10.07 -10.15
C LYS A 207 -11.87 -10.69 -11.37
N MET A 208 -10.79 -11.45 -11.15
CA MET A 208 -10.31 -12.38 -12.16
C MET A 208 -11.07 -13.70 -11.94
N GLY A 209 -11.98 -14.00 -12.86
CA GLY A 209 -12.84 -15.16 -12.75
C GLY A 209 -14.24 -14.78 -12.30
N LEU A 210 -14.86 -13.88 -13.04
CA LEU A 210 -16.15 -13.32 -12.65
C LEU A 210 -17.29 -14.34 -12.85
N ILE A 211 -17.30 -15.01 -14.01
CA ILE A 211 -18.34 -16.02 -14.29
C ILE A 211 -17.89 -17.46 -13.96
N LYS A 212 -16.60 -17.74 -14.18
CA LYS A 212 -15.99 -19.02 -13.88
C LYS A 212 -14.64 -18.77 -13.19
N PRO A 213 -14.14 -19.75 -12.40
CA PRO A 213 -12.83 -19.56 -11.79
C PRO A 213 -11.71 -19.46 -12.81
N PHE A 214 -10.74 -18.59 -12.54
CA PHE A 214 -9.52 -18.58 -13.32
C PHE A 214 -8.68 -19.72 -12.81
N HIS A 215 -8.39 -20.67 -13.70
CA HIS A 215 -7.61 -21.85 -13.34
C HIS A 215 -6.12 -21.48 -13.38
N THR A 216 -5.53 -21.31 -12.19
CA THR A 216 -4.11 -21.01 -12.05
C THR A 216 -3.53 -21.76 -10.86
N ASN A 217 -2.21 -21.99 -10.89
CA ASN A 217 -1.46 -22.47 -9.73
C ASN A 217 -0.78 -21.32 -8.97
N ASN A 218 -1.06 -20.08 -9.38
CA ASN A 218 -0.45 -18.93 -8.72
C ASN A 218 -1.32 -18.53 -7.52
N PRO A 219 -0.68 -18.38 -6.34
CA PRO A 219 -1.43 -18.15 -5.10
C PRO A 219 -1.86 -16.71 -4.84
N ALA A 220 -1.48 -15.76 -5.71
CA ALA A 220 -1.73 -14.34 -5.42
C ALA A 220 -3.22 -14.06 -5.20
N GLU A 221 -3.50 -13.30 -4.14
CA GLU A 221 -4.88 -13.05 -3.70
C GLU A 221 -5.45 -11.76 -4.29
N GLY A 222 -4.59 -10.90 -4.85
CA GLY A 222 -5.02 -9.61 -5.37
C GLY A 222 -5.34 -8.64 -4.23
N ARG A 223 -6.38 -7.83 -4.39
CA ARG A 223 -6.75 -6.82 -3.39
C ARG A 223 -6.90 -7.38 -1.97
N LYS A 224 -7.44 -8.60 -1.82
CA LYS A 224 -7.60 -9.22 -0.50
C LYS A 224 -6.29 -9.25 0.28
N GLY A 225 -5.16 -9.48 -0.40
CA GLY A 225 -3.84 -9.42 0.21
C GLY A 225 -3.52 -8.09 0.89
N VAL A 226 -4.16 -7.02 0.42
CA VAL A 226 -3.97 -5.66 0.92
C VAL A 226 -5.06 -5.28 1.91
N THR A 227 -6.31 -5.66 1.62
CA THR A 227 -7.46 -5.23 2.39
C THR A 227 -7.91 -6.26 3.43
N GLY A 228 -7.59 -7.53 3.21
CA GLY A 228 -8.07 -8.62 4.04
C GLY A 228 -9.45 -9.15 3.69
N LYS A 229 -10.19 -8.41 2.86
CA LYS A 229 -11.60 -8.69 2.65
C LYS A 229 -11.77 -9.89 1.76
N ASP A 230 -12.65 -10.81 2.16
CA ASP A 230 -12.93 -11.98 1.34
C ASP A 230 -13.52 -11.60 -0.03
N ALA A 231 -14.32 -10.54 -0.04
CA ALA A 231 -14.89 -10.00 -1.26
C ALA A 231 -13.84 -9.48 -2.26
N ASP A 232 -12.63 -9.16 -1.77
CA ASP A 232 -11.53 -8.70 -2.63
C ASP A 232 -10.65 -9.85 -3.10
N LYS A 233 -11.07 -11.10 -2.90
CA LYS A 233 -10.25 -12.26 -3.26
C LYS A 233 -10.16 -12.39 -4.79
N PHE A 234 -8.92 -12.43 -5.29
CA PHE A 234 -8.64 -12.48 -6.73
C PHE A 234 -9.26 -11.31 -7.50
N VAL A 235 -9.45 -10.19 -6.81
CA VAL A 235 -9.82 -8.93 -7.43
C VAL A 235 -8.51 -8.20 -7.74
N PHE A 236 -8.25 -7.95 -9.02
CA PHE A 236 -6.99 -7.34 -9.47
C PHE A 236 -7.22 -6.05 -10.23
N LYS A 237 -6.21 -5.18 -10.19
CA LYS A 237 -6.21 -4.00 -11.03
C LYS A 237 -6.37 -4.50 -12.46
N VAL A 238 -7.34 -3.95 -13.19
CA VAL A 238 -7.50 -4.31 -14.60
C VAL A 238 -6.31 -3.73 -15.39
N PRO A 239 -5.50 -4.59 -16.03
CA PRO A 239 -4.29 -4.05 -16.70
C PRO A 239 -4.61 -3.18 -17.91
N THR A 240 -3.67 -2.31 -18.28
CA THR A 240 -3.77 -1.62 -19.56
C THR A 240 -3.60 -2.65 -20.68
N LEU A 241 -4.36 -2.51 -21.76
CA LEU A 241 -4.20 -3.34 -22.96
C LEU A 241 -3.40 -2.57 -24.03
N ARG A 242 -3.03 -1.33 -23.73
CA ARG A 242 -2.06 -0.63 -24.59
C ARG A 242 -0.77 -1.43 -24.62
N ASN A 243 -0.26 -1.66 -25.83
CA ASN A 243 0.98 -2.41 -26.03
C ASN A 243 0.88 -3.86 -25.53
N ILE A 244 -0.32 -4.43 -25.52
CA ILE A 244 -0.52 -5.80 -25.03
C ILE A 244 0.18 -6.80 -25.95
N GLU A 245 0.33 -6.43 -27.21
CA GLU A 245 1.15 -7.17 -28.18
C GLU A 245 2.59 -7.43 -27.68
N LEU A 246 3.12 -6.50 -26.90
CA LEU A 246 4.54 -6.54 -26.51
C LEU A 246 4.80 -7.04 -25.11
N THR A 247 3.73 -7.30 -24.34
CA THR A 247 3.91 -7.58 -22.92
C THR A 247 3.44 -8.98 -22.53
N TYR A 248 3.53 -9.93 -23.45
CA TYR A 248 3.45 -11.35 -23.13
C TYR A 248 4.52 -11.73 -22.08
N PRO A 249 4.30 -12.82 -21.33
CA PRO A 249 3.07 -13.59 -21.30
C PRO A 249 2.04 -12.87 -20.43
N TYR A 250 0.81 -13.36 -20.49
CA TYR A 250 -0.35 -12.61 -20.00
C TYR A 250 -0.91 -13.16 -18.69
N PHE A 251 -1.70 -12.29 -18.05
CA PHE A 251 -2.26 -12.49 -16.72
C PHE A 251 -1.18 -12.39 -15.65
N HIS A 252 -1.62 -12.27 -14.40
CA HIS A 252 -0.69 -12.02 -13.29
C HIS A 252 0.20 -13.24 -13.03
N ASP A 253 -0.25 -14.39 -13.49
CA ASP A 253 0.55 -15.61 -13.38
C ASP A 253 1.50 -15.85 -14.55
N GLY A 254 1.43 -15.00 -15.59
CA GLY A 254 2.29 -15.14 -16.78
C GLY A 254 2.17 -16.50 -17.45
N SER A 255 0.94 -16.99 -17.57
CA SER A 255 0.68 -18.37 -17.95
C SER A 255 0.40 -18.55 -19.43
N VAL A 256 0.03 -17.46 -20.10
CA VAL A 256 -0.46 -17.53 -21.47
C VAL A 256 0.41 -16.64 -22.38
N TRP A 257 0.98 -17.23 -23.43
CA TRP A 257 1.92 -16.51 -24.29
C TRP A 257 1.32 -15.87 -25.53
N THR A 258 0.14 -16.33 -25.94
CA THR A 258 -0.52 -15.74 -27.08
C THR A 258 -1.72 -14.91 -26.68
N LEU A 259 -1.96 -13.86 -27.43
CA LEU A 259 -3.13 -13.01 -27.22
C LEU A 259 -4.39 -13.81 -27.56
N GLU A 260 -4.26 -14.75 -28.48
CA GLU A 260 -5.36 -15.66 -28.82
C GLU A 260 -5.94 -16.34 -27.58
N GLU A 261 -5.07 -16.96 -26.81
N GLU A 261 -5.09 -16.97 -26.79
CA GLU A 261 -5.45 -17.66 -25.57
CA GLU A 261 -5.57 -17.66 -25.58
C GLU A 261 -6.04 -16.66 -24.56
C GLU A 261 -6.05 -16.66 -24.52
N ALA A 262 -5.36 -15.53 -24.39
CA ALA A 262 -5.76 -14.47 -23.46
C ALA A 262 -7.19 -13.95 -23.71
N VAL A 263 -7.49 -13.64 -24.97
CA VAL A 263 -8.82 -13.19 -25.37
C VAL A 263 -9.88 -14.28 -25.06
N ASN A 264 -9.62 -15.51 -25.45
CA ASN A 264 -10.55 -16.62 -25.21
C ASN A 264 -10.79 -16.89 -23.72
N THR A 265 -9.74 -16.78 -22.91
CA THR A 265 -9.83 -16.98 -21.47
C THR A 265 -10.73 -15.91 -20.85
N MET A 266 -10.50 -14.66 -21.21
CA MET A 266 -11.33 -13.52 -20.79
C MET A 266 -12.80 -13.64 -21.21
N ALA A 267 -13.04 -13.86 -22.50
CA ALA A 267 -14.42 -14.01 -22.99
C ALA A 267 -15.15 -15.09 -22.19
N ASP A 268 -14.44 -16.19 -21.92
CA ASP A 268 -15.00 -17.32 -21.21
C ASP A 268 -15.30 -17.00 -19.74
N ILE A 269 -14.27 -16.66 -18.97
CA ILE A 269 -14.42 -16.60 -17.52
C ILE A 269 -14.97 -15.26 -16.99
N GLN A 270 -14.78 -14.17 -17.76
CA GLN A 270 -15.34 -12.86 -17.36
C GLN A 270 -16.74 -12.60 -17.95
N LEU A 271 -17.03 -13.17 -19.12
CA LEU A 271 -18.28 -12.89 -19.83
C LEU A 271 -19.19 -14.09 -20.10
N GLY A 272 -18.70 -15.31 -19.84
CA GLY A 272 -19.47 -16.53 -20.14
C GLY A 272 -19.64 -16.77 -21.63
N GLN A 273 -18.69 -16.27 -22.43
CA GLN A 273 -18.82 -16.25 -23.88
C GLN A 273 -17.67 -17.00 -24.56
N LYS A 274 -18.00 -17.64 -25.68
CA LYS A 274 -17.03 -18.35 -26.49
C LYS A 274 -16.91 -17.60 -27.81
N LEU A 275 -15.68 -17.41 -28.27
CA LEU A 275 -15.42 -16.66 -29.50
C LEU A 275 -15.22 -17.59 -30.70
N THR A 276 -15.87 -17.25 -31.81
CA THR A 276 -15.58 -17.83 -33.11
C THR A 276 -14.11 -17.57 -33.46
N GLU A 277 -13.50 -18.44 -34.27
CA GLU A 277 -12.10 -18.22 -34.65
C GLU A 277 -11.93 -16.87 -35.33
N LYS A 278 -12.86 -16.52 -36.22
CA LYS A 278 -12.85 -15.20 -36.87
C LYS A 278 -12.96 -14.05 -35.86
N GLU A 279 -13.82 -14.23 -34.85
CA GLU A 279 -13.99 -13.25 -33.77
C GLU A 279 -12.72 -13.05 -32.94
N THR A 280 -12.05 -14.15 -32.61
CA THR A 280 -10.80 -14.07 -31.84
C THR A 280 -9.73 -13.35 -32.67
N LYS A 281 -9.71 -13.62 -33.97
CA LYS A 281 -8.76 -13.00 -34.88
C LYS A 281 -9.02 -11.51 -35.06
N GLU A 282 -10.29 -11.15 -35.16
CA GLU A 282 -10.71 -9.75 -35.12
C GLU A 282 -10.27 -9.07 -33.83
N MET A 283 -10.53 -9.70 -32.69
CA MET A 283 -10.16 -9.12 -31.39
C MET A 283 -8.65 -8.89 -31.30
N VAL A 284 -7.87 -9.87 -31.77
CA VAL A 284 -6.40 -9.81 -31.65
C VAL A 284 -5.84 -8.71 -32.56
N ALA A 285 -6.47 -8.53 -33.72
CA ALA A 285 -6.13 -7.45 -34.63
C ALA A 285 -6.38 -6.09 -33.96
N PHE A 286 -7.56 -5.93 -33.35
CA PHE A 286 -7.86 -4.74 -32.56
C PHE A 286 -6.80 -4.51 -31.49
N LEU A 287 -6.58 -5.49 -30.63
CA LEU A 287 -5.59 -5.36 -29.55
C LEU A 287 -4.20 -5.01 -30.07
N ASN A 288 -3.78 -5.65 -31.15
CA ASN A 288 -2.50 -5.33 -31.77
C ASN A 288 -2.41 -3.85 -32.22
N SER A 289 -3.53 -3.32 -32.72
CA SER A 289 -3.62 -1.90 -33.07
C SER A 289 -3.40 -0.92 -31.89
N LEU A 290 -3.43 -1.42 -30.65
CA LEU A 290 -3.19 -0.59 -29.46
C LEU A 290 -1.69 -0.36 -29.13
N THR A 291 -0.79 -0.96 -29.90
CA THR A 291 0.65 -0.74 -29.68
C THR A 291 0.97 0.65 -30.20
N GLY A 292 1.52 1.47 -29.33
CA GLY A 292 1.89 2.83 -29.67
C GLY A 292 3.36 2.98 -29.95
N GLU A 293 3.74 4.23 -30.16
CA GLU A 293 5.11 4.64 -30.34
C GLU A 293 5.84 4.45 -29.02
N GLN A 294 6.93 3.70 -29.08
CA GLN A 294 7.67 3.33 -27.88
C GLN A 294 8.56 4.49 -27.46
N PRO A 295 8.83 4.60 -26.14
CA PRO A 295 9.75 5.61 -25.65
C PRO A 295 11.02 5.71 -26.49
N GLN A 296 11.34 6.92 -26.93
CA GLN A 296 12.58 7.19 -27.65
C GLN A 296 13.52 7.95 -26.73
N ILE A 297 14.43 7.21 -26.09
CA ILE A 297 15.29 7.76 -25.06
C ILE A 297 16.76 7.43 -25.25
N SER A 298 17.61 8.26 -24.66
CA SER A 298 19.05 8.06 -24.75
C SER A 298 19.46 7.27 -23.52
N LEU A 299 20.21 6.20 -23.77
CA LEU A 299 20.73 5.37 -22.72
C LEU A 299 21.57 6.26 -21.80
N PRO A 300 21.20 6.33 -20.50
CA PRO A 300 21.82 7.32 -19.63
C PRO A 300 23.24 6.92 -19.31
N ILE A 301 24.13 7.91 -19.19
CA ILE A 301 25.51 7.68 -18.77
C ILE A 301 25.61 7.97 -17.29
N LEU A 302 25.99 6.95 -16.52
CA LEU A 302 25.97 7.04 -15.07
C LEU A 302 27.37 7.36 -14.57
N PRO A 303 27.45 8.10 -13.46
CA PRO A 303 28.75 8.45 -12.95
C PRO A 303 29.49 7.25 -12.39
N PRO A 304 30.83 7.35 -12.30
CA PRO A 304 31.63 6.29 -11.69
C PRO A 304 31.49 6.24 -10.17
N SER A 305 31.48 5.03 -9.62
CA SER A 305 31.61 4.85 -8.18
C SER A 305 32.96 5.42 -7.76
N ASN A 306 33.05 5.74 -6.48
CA ASN A 306 34.28 6.23 -5.93
C ASN A 306 34.50 5.54 -4.58
N LYS A 307 35.42 6.04 -3.77
CA LYS A 307 35.80 5.31 -2.58
C LYS A 307 34.75 5.35 -1.45
N GLU A 308 33.76 6.24 -1.55
CA GLU A 308 32.68 6.26 -0.57
C GLU A 308 31.44 5.54 -1.07
N THR A 309 31.48 4.99 -2.28
CA THR A 309 30.33 4.26 -2.82
C THR A 309 30.38 2.84 -2.29
N PRO A 310 29.32 2.41 -1.56
CA PRO A 310 29.26 1.01 -1.19
C PRO A 310 29.47 0.11 -2.41
N ARG A 311 30.32 -0.92 -2.26
CA ARG A 311 30.58 -1.87 -3.35
C ARG A 311 29.34 -2.74 -3.58
N PRO A 312 29.17 -3.26 -4.81
CA PRO A 312 28.08 -4.21 -5.02
C PRO A 312 28.35 -5.51 -4.25
N VAL A 313 27.28 -6.17 -3.82
CA VAL A 313 27.39 -7.45 -3.12
C VAL A 313 26.54 -8.48 -3.87
N PRO A 314 27.12 -9.04 -4.96
CA PRO A 314 26.37 -10.00 -5.78
C PRO A 314 26.09 -11.36 -5.11
N PHE A 315 26.98 -11.81 -4.21
CA PHE A 315 26.84 -13.16 -3.62
C PHE A 315 26.78 -13.22 -2.10
N ALA A 316 27.59 -12.41 -1.42
CA ALA A 316 27.65 -12.41 0.05
C ALA A 316 26.29 -12.14 0.71
N THR A 317 26.01 -12.84 1.80
CA THR A 317 24.75 -12.68 2.52
C THR A 317 24.74 -11.41 3.40
N GLY A 318 25.92 -10.99 3.86
CA GLY A 318 26.04 -9.78 4.65
C GLY A 318 26.07 -8.53 3.78
N GLU B 11 54.19 11.73 -29.86
CA GLU B 11 53.79 11.04 -28.59
C GLU B 11 53.39 9.60 -28.83
N PRO B 12 53.75 8.69 -27.88
CA PRO B 12 53.37 7.28 -27.96
C PRO B 12 51.87 7.00 -27.84
N ILE B 13 51.10 7.93 -27.27
CA ILE B 13 49.64 7.81 -27.23
C ILE B 13 49.07 8.65 -28.36
N GLU B 14 48.10 8.10 -29.09
CA GLU B 14 47.42 8.83 -30.14
C GLU B 14 45.97 9.13 -29.78
N VAL B 15 45.38 10.10 -30.47
CA VAL B 15 43.99 10.49 -30.26
C VAL B 15 43.06 9.46 -30.90
N ILE B 16 41.88 9.28 -30.32
CA ILE B 16 40.82 8.45 -30.92
C ILE B 16 39.87 9.34 -31.68
N THR B 17 39.61 9.02 -32.95
CA THR B 17 38.68 9.81 -33.77
C THR B 17 37.30 9.17 -33.73
N PRO B 18 36.24 9.98 -33.82
CA PRO B 18 34.87 9.46 -33.90
C PRO B 18 34.75 8.32 -34.89
N ALA B 19 33.90 7.33 -34.60
CA ALA B 19 33.71 6.21 -35.51
C ALA B 19 33.06 6.67 -36.81
N LYS B 20 33.51 6.10 -37.93
CA LYS B 20 32.84 6.29 -39.21
C LYS B 20 31.93 5.10 -39.44
N ILE B 21 30.63 5.36 -39.54
CA ILE B 21 29.65 4.33 -39.86
C ILE B 21 29.48 4.22 -41.38
N THR B 22 29.88 3.10 -41.95
CA THR B 22 29.73 2.84 -43.39
C THR B 22 28.61 1.84 -43.74
N GLU B 23 28.10 1.10 -42.75
CA GLU B 23 27.01 0.15 -42.96
C GLU B 23 25.93 0.42 -41.92
N PRO B 24 25.09 1.46 -42.17
CA PRO B 24 24.13 1.89 -41.14
C PRO B 24 23.03 0.88 -40.78
N GLU B 25 22.51 0.15 -41.77
CA GLU B 25 21.50 -0.87 -41.51
C GLU B 25 22.08 -1.96 -40.58
N LYS B 26 23.32 -2.34 -40.86
CA LYS B 26 24.03 -3.38 -40.11
C LYS B 26 24.34 -2.98 -38.68
N VAL B 27 24.81 -1.75 -38.50
CA VAL B 27 25.05 -1.18 -37.16
C VAL B 27 23.76 -1.16 -36.32
N GLU B 28 22.64 -0.78 -36.95
CA GLU B 28 21.34 -0.78 -36.26
C GLU B 28 20.94 -2.19 -35.83
N LEU B 29 21.10 -3.18 -36.72
CA LEU B 29 20.80 -4.58 -36.40
C LEU B 29 21.70 -5.07 -35.29
N GLY B 30 22.97 -4.68 -35.36
CA GLY B 30 23.96 -4.99 -34.32
C GLY B 30 23.57 -4.39 -32.98
N LYS B 31 23.11 -3.15 -33.00
CA LYS B 31 22.72 -2.50 -31.76
C LYS B 31 21.55 -3.24 -31.11
N MET B 32 20.54 -3.58 -31.92
CA MET B 32 19.41 -4.37 -31.44
C MET B 32 19.85 -5.69 -30.79
N LEU B 33 20.75 -6.41 -31.46
CA LEU B 33 21.25 -7.68 -30.96
C LEU B 33 22.11 -7.55 -29.68
N PHE B 34 22.90 -6.49 -29.58
CA PHE B 34 23.69 -6.25 -28.38
C PHE B 34 22.80 -6.10 -27.12
N PHE B 35 21.58 -5.60 -27.32
CA PHE B 35 20.61 -5.38 -26.23
C PHE B 35 19.52 -6.45 -26.16
N GLU B 36 19.67 -7.50 -26.95
CA GLU B 36 18.64 -8.48 -27.12
C GLU B 36 18.81 -9.56 -26.04
N PRO B 37 17.94 -9.57 -25.02
CA PRO B 37 18.14 -10.62 -23.99
C PRO B 37 17.67 -12.01 -24.44
N ARG B 38 16.93 -12.09 -25.54
CA ARG B 38 16.52 -13.38 -26.08
C ARG B 38 17.67 -14.12 -26.81
N LEU B 39 18.86 -13.53 -26.84
CA LEU B 39 20.10 -14.25 -27.17
C LEU B 39 20.52 -15.19 -26.04
N SER B 40 19.88 -15.08 -24.87
CA SER B 40 20.23 -15.93 -23.74
C SER B 40 19.13 -16.94 -23.45
N LYS B 41 19.53 -18.03 -22.80
CA LYS B 41 18.58 -19.06 -22.41
C LYS B 41 17.45 -18.48 -21.55
N SER B 42 17.81 -17.64 -20.60
CA SER B 42 16.85 -17.06 -19.63
C SER B 42 15.87 -16.04 -20.20
N GLY B 43 16.24 -15.43 -21.34
CA GLY B 43 15.52 -14.29 -21.89
C GLY B 43 15.74 -13.04 -21.03
N PHE B 44 16.84 -13.02 -20.30
CA PHE B 44 17.10 -11.96 -19.31
C PHE B 44 18.50 -11.34 -19.47
N ILE B 45 19.45 -12.05 -20.08
CA ILE B 45 20.82 -11.55 -20.18
C ILE B 45 21.17 -11.16 -21.61
N SER B 46 21.56 -9.90 -21.82
CA SER B 46 22.03 -9.41 -23.11
C SER B 46 23.51 -9.06 -22.99
N CYS B 47 24.16 -8.77 -24.12
CA CYS B 47 25.53 -8.26 -24.11
C CYS B 47 25.67 -7.12 -23.12
N ASN B 48 24.67 -6.23 -23.15
CA ASN B 48 24.62 -5.09 -22.26
C ASN B 48 24.60 -5.39 -20.76
N SER B 49 24.11 -6.56 -20.38
CA SER B 49 24.02 -6.92 -18.97
C SER B 49 25.44 -6.92 -18.40
N CYS B 50 26.38 -7.48 -19.13
CA CYS B 50 27.76 -7.54 -18.66
C CYS B 50 28.70 -6.48 -19.24
N HIS B 51 28.25 -5.76 -20.27
CA HIS B 51 29.04 -4.67 -20.86
C HIS B 51 28.22 -3.42 -20.93
N ASN B 52 27.63 -3.09 -19.80
CA ASN B 52 26.62 -2.08 -19.65
C ASN B 52 27.15 -0.74 -20.16
N LEU B 53 26.53 -0.23 -21.22
CA LEU B 53 27.02 0.99 -21.87
C LEU B 53 26.71 2.25 -21.03
N SER B 54 25.83 2.11 -20.03
CA SER B 54 25.60 3.19 -19.07
C SER B 54 26.76 3.33 -18.06
N THR B 55 27.58 2.28 -17.92
CA THR B 55 28.61 2.21 -16.87
C THR B 55 29.98 1.73 -17.41
N GLY B 56 30.49 2.47 -18.41
CA GLY B 56 31.81 2.23 -18.98
C GLY B 56 31.98 0.94 -19.78
N GLY B 57 30.87 0.35 -20.24
CA GLY B 57 30.93 -0.88 -21.03
C GLY B 57 31.30 -2.13 -20.22
N VAL B 58 31.01 -2.11 -18.92
CA VAL B 58 31.31 -3.23 -18.03
C VAL B 58 30.24 -3.37 -16.94
N ASP B 59 30.14 -4.56 -16.35
CA ASP B 59 29.25 -4.77 -15.21
C ASP B 59 29.79 -4.16 -13.92
N ALA B 60 31.10 -3.92 -13.89
CA ALA B 60 31.77 -3.30 -12.74
C ALA B 60 31.74 -4.18 -11.48
N LEU B 61 31.79 -5.49 -11.71
CA LEU B 61 31.77 -6.49 -10.66
C LEU B 61 33.07 -7.23 -10.71
N PRO B 62 33.40 -7.96 -9.65
CA PRO B 62 34.68 -8.65 -9.64
C PRO B 62 34.78 -9.68 -10.76
N THR B 63 33.80 -10.58 -10.83
CA THR B 63 33.61 -11.38 -12.04
C THR B 63 32.13 -11.32 -12.34
N SER B 64 31.77 -11.80 -13.52
CA SER B 64 30.43 -11.63 -14.05
C SER B 64 29.41 -12.45 -13.30
N ILE B 65 28.17 -11.96 -13.32
CA ILE B 65 27.01 -12.74 -12.92
C ILE B 65 26.38 -13.23 -14.20
N GLY B 66 26.18 -14.53 -14.33
CA GLY B 66 25.66 -15.11 -15.55
C GLY B 66 24.33 -15.82 -15.34
N HIS B 67 24.00 -16.66 -16.32
CA HIS B 67 22.82 -17.51 -16.28
C HIS B 67 22.74 -18.22 -14.92
N HIS B 68 21.55 -18.19 -14.32
CA HIS B 68 21.31 -18.78 -13.00
C HIS B 68 22.16 -18.16 -11.87
N TRP B 69 22.60 -16.92 -12.06
CA TRP B 69 23.41 -16.21 -11.08
C TRP B 69 24.75 -16.92 -10.83
N GLN B 70 25.24 -17.61 -11.87
CA GLN B 70 26.52 -18.32 -11.80
C GLN B 70 27.66 -17.34 -11.70
N GLU B 71 28.59 -17.60 -10.79
CA GLU B 71 29.76 -16.74 -10.62
C GLU B 71 30.79 -17.01 -11.72
N GLY B 72 31.08 -15.97 -12.51
CA GLY B 72 32.00 -16.08 -13.64
C GLY B 72 33.45 -16.18 -13.22
N PRO B 73 34.31 -16.73 -14.10
CA PRO B 73 35.71 -16.95 -13.78
C PRO B 73 36.63 -15.74 -13.95
N ILE B 74 36.17 -14.65 -14.56
CA ILE B 74 37.09 -13.58 -14.93
C ILE B 74 36.36 -12.26 -15.05
N ASN B 75 37.10 -11.17 -14.84
CA ASN B 75 36.53 -9.83 -14.92
C ASN B 75 36.05 -9.47 -16.32
N SER B 76 34.84 -8.92 -16.43
CA SER B 76 34.30 -8.49 -17.72
CA SER B 76 34.30 -8.49 -17.72
C SER B 76 35.01 -7.22 -18.18
N PRO B 77 35.75 -7.30 -19.31
CA PRO B 77 36.40 -6.10 -19.83
C PRO B 77 35.42 -5.22 -20.59
N THR B 78 35.81 -3.97 -20.84
CA THR B 78 34.98 -3.01 -21.55
C THR B 78 34.93 -3.31 -23.05
N VAL B 79 33.73 -3.20 -23.61
CA VAL B 79 33.58 -3.17 -25.06
C VAL B 79 34.04 -1.83 -25.67
N LEU B 80 34.26 -0.81 -24.83
CA LEU B 80 34.69 0.49 -25.35
C LEU B 80 36.12 0.45 -25.89
N ASN B 81 36.26 0.89 -27.14
CA ASN B 81 37.50 0.86 -27.93
C ASN B 81 38.05 -0.55 -28.10
N ALA B 82 37.18 -1.54 -28.04
CA ALA B 82 37.60 -2.93 -28.14
C ALA B 82 38.20 -3.29 -29.50
N ASP B 83 37.85 -2.55 -30.55
CA ASP B 83 38.36 -2.85 -31.90
C ASP B 83 39.83 -2.47 -32.11
N PHE B 84 40.36 -1.60 -31.25
CA PHE B 84 41.78 -1.25 -31.23
C PHE B 84 42.67 -2.36 -30.64
N MET B 85 42.04 -3.40 -30.08
CA MET B 85 42.74 -4.54 -29.49
C MET B 85 43.30 -5.47 -30.58
N LEU B 86 44.52 -5.97 -30.36
CA LEU B 86 45.19 -6.89 -31.29
C LEU B 86 44.47 -8.23 -31.42
N ALA B 87 43.78 -8.62 -30.35
CA ALA B 87 42.93 -9.81 -30.29
C ALA B 87 41.88 -9.59 -29.20
N GLN B 88 41.03 -10.58 -28.95
CA GLN B 88 39.92 -10.43 -28.01
C GLN B 88 39.97 -11.49 -26.93
N PHE B 89 39.32 -11.17 -25.81
CA PHE B 89 39.43 -11.91 -24.56
C PHE B 89 40.80 -11.69 -23.93
N TRP B 90 40.85 -11.92 -22.63
CA TRP B 90 42.08 -11.79 -21.87
C TRP B 90 43.27 -12.60 -22.45
N ASP B 91 42.98 -13.77 -23.03
CA ASP B 91 44.00 -14.67 -23.61
C ASP B 91 44.14 -14.56 -25.13
N GLY B 92 43.37 -13.67 -25.74
CA GLY B 92 43.45 -13.42 -27.17
C GLY B 92 42.99 -14.56 -28.06
N ARG B 93 42.16 -15.46 -27.53
CA ARG B 93 41.77 -16.67 -28.28
C ARG B 93 40.83 -16.35 -29.44
N ALA B 94 40.27 -15.14 -29.46
CA ALA B 94 39.51 -14.65 -30.60
C ALA B 94 40.30 -13.55 -31.30
N SER B 95 40.16 -13.48 -32.61
CA SER B 95 40.99 -12.63 -33.46
C SER B 95 40.38 -11.23 -33.68
N ASN B 96 39.06 -11.18 -33.81
CA ASN B 96 38.35 -9.94 -33.99
C ASN B 96 37.04 -9.99 -33.20
N LEU B 97 36.24 -8.93 -33.31
CA LEU B 97 35.00 -8.82 -32.53
C LEU B 97 33.90 -9.76 -33.05
N LYS B 98 33.90 -10.05 -34.35
CA LYS B 98 32.92 -10.99 -34.91
C LYS B 98 33.15 -12.39 -34.35
N GLU B 99 34.41 -12.82 -34.26
CA GLU B 99 34.70 -14.15 -33.70
C GLU B 99 34.36 -14.22 -32.22
N GLN B 100 34.75 -13.17 -31.48
CA GLN B 100 34.47 -13.06 -30.05
C GLN B 100 33.01 -13.26 -29.73
N ALA B 101 32.13 -12.54 -30.45
CA ALA B 101 30.69 -12.50 -30.16
C ALA B 101 30.03 -13.88 -30.13
N ALA B 102 30.59 -14.85 -30.84
CA ALA B 102 30.10 -16.23 -30.82
C ALA B 102 30.20 -16.86 -29.43
N GLY B 103 31.23 -16.47 -28.68
CA GLY B 103 31.52 -17.09 -27.38
C GLY B 103 30.41 -16.94 -26.33
N PRO B 104 30.06 -15.70 -25.97
CA PRO B 104 29.08 -15.49 -24.87
C PRO B 104 27.71 -16.16 -25.09
N ILE B 105 27.25 -16.22 -26.32
CA ILE B 105 25.92 -16.76 -26.61
C ILE B 105 25.85 -18.24 -26.19
N ALA B 106 26.94 -18.94 -26.45
CA ALA B 106 27.04 -20.37 -26.25
C ALA B 106 27.76 -20.75 -24.96
N ASN B 107 28.14 -19.76 -24.16
CA ASN B 107 28.95 -19.97 -22.96
C ASN B 107 28.01 -20.26 -21.79
N PRO B 108 28.12 -21.45 -21.16
CA PRO B 108 27.20 -21.87 -20.09
C PRO B 108 27.15 -20.93 -18.87
N LYS B 109 28.29 -20.34 -18.52
CA LYS B 109 28.38 -19.39 -17.41
C LYS B 109 27.93 -17.97 -17.78
N GLU B 110 27.55 -17.74 -19.05
CA GLU B 110 27.16 -16.40 -19.49
C GLU B 110 25.73 -16.39 -20.02
N MET B 111 25.54 -16.45 -21.33
CA MET B 111 24.16 -16.37 -21.85
C MET B 111 23.49 -17.74 -21.83
N GLY B 112 24.31 -18.79 -21.73
CA GLY B 112 23.83 -20.16 -21.53
C GLY B 112 22.96 -20.72 -22.65
N PHE B 113 23.09 -20.15 -23.84
CA PHE B 113 22.25 -20.58 -24.97
C PHE B 113 23.09 -21.49 -25.89
N THR B 114 22.64 -21.68 -27.12
CA THR B 114 23.46 -22.27 -28.17
C THR B 114 23.33 -21.40 -29.41
N HIS B 115 24.25 -21.57 -30.35
CA HIS B 115 24.23 -20.81 -31.59
C HIS B 115 22.96 -21.12 -32.37
N GLU B 116 22.54 -22.38 -32.30
CA GLU B 116 21.34 -22.87 -33.00
C GLU B 116 20.07 -22.23 -32.40
N LEU B 117 20.00 -22.18 -31.07
CA LEU B 117 18.83 -21.62 -30.40
C LEU B 117 18.77 -20.11 -30.58
N ALA B 118 19.93 -19.46 -30.47
CA ALA B 118 19.98 -18.02 -30.71
C ALA B 118 19.43 -17.65 -32.10
N THR B 119 19.89 -18.35 -33.14
CA THR B 119 19.52 -18.01 -34.50
C THR B 119 18.04 -18.33 -34.79
N GLU B 120 17.54 -19.43 -34.22
CA GLU B 120 16.13 -19.78 -34.36
C GLU B 120 15.26 -18.70 -33.73
N THR B 121 15.69 -18.22 -32.57
CA THR B 121 14.95 -17.23 -31.78
C THR B 121 14.85 -15.94 -32.60
N ILE B 122 15.99 -15.46 -33.07
CA ILE B 122 16.01 -14.25 -33.90
C ILE B 122 15.23 -14.43 -35.19
N ALA B 123 15.40 -15.59 -35.84
CA ALA B 123 14.68 -15.88 -37.09
C ALA B 123 13.17 -16.05 -36.94
N SER B 124 12.68 -16.33 -35.74
CA SER B 124 11.22 -16.42 -35.52
C SER B 124 10.50 -15.10 -35.85
N MET B 125 11.21 -13.99 -35.72
CA MET B 125 10.60 -12.67 -35.75
C MET B 125 10.80 -12.00 -37.10
N PRO B 126 9.71 -11.79 -37.85
CA PRO B 126 9.80 -11.19 -39.19
C PRO B 126 10.55 -9.87 -39.23
N ALA B 127 10.44 -9.06 -38.17
CA ALA B 127 11.13 -7.78 -38.08
C ALA B 127 12.66 -7.95 -38.11
N TYR B 128 13.18 -8.97 -37.43
CA TYR B 128 14.60 -9.32 -37.52
C TYR B 128 14.96 -9.88 -38.89
N ARG B 129 14.16 -10.81 -39.39
CA ARG B 129 14.40 -11.42 -40.70
C ARG B 129 14.49 -10.38 -41.81
N ALA B 130 13.60 -9.39 -41.78
CA ALA B 130 13.63 -8.30 -42.77
C ALA B 130 14.95 -7.57 -42.78
N ARG B 131 15.55 -7.41 -41.60
CA ARG B 131 16.81 -6.68 -41.46
C ARG B 131 18.02 -7.49 -41.93
N PHE B 132 18.03 -8.79 -41.61
CA PHE B 132 19.07 -9.69 -42.12
C PHE B 132 19.05 -9.72 -43.64
N ALA B 133 17.86 -9.73 -44.22
CA ALA B 133 17.66 -9.68 -45.67
C ALA B 133 18.18 -8.39 -46.30
N LYS B 134 17.98 -7.27 -45.62
CA LYS B 134 18.44 -5.99 -46.14
C LYS B 134 19.95 -5.93 -46.07
N VAL B 135 20.53 -6.50 -45.03
CA VAL B 135 21.97 -6.43 -44.82
C VAL B 135 22.72 -7.50 -45.64
N TYR B 136 22.23 -8.74 -45.65
CA TYR B 136 22.98 -9.89 -46.17
C TYR B 136 22.41 -10.55 -47.42
N GLY B 137 21.14 -10.30 -47.73
CA GLY B 137 20.55 -10.75 -48.99
C GLY B 137 19.38 -11.70 -48.88
N ASP B 138 19.17 -12.30 -47.72
CA ASP B 138 17.96 -13.09 -47.50
C ASP B 138 17.63 -13.18 -46.00
N GLU B 139 16.52 -13.85 -45.67
CA GLU B 139 16.00 -13.86 -44.31
C GLU B 139 16.64 -14.91 -43.41
N LYS B 140 17.64 -15.63 -43.91
CA LYS B 140 18.33 -16.62 -43.09
C LYS B 140 19.09 -15.94 -41.96
N VAL B 141 18.97 -16.51 -40.78
CA VAL B 141 19.81 -16.10 -39.65
C VAL B 141 20.78 -17.21 -39.27
N ASP B 142 22.07 -16.92 -39.37
CA ASP B 142 23.07 -17.88 -38.92
C ASP B 142 24.03 -17.13 -38.04
N ILE B 143 24.89 -17.88 -37.37
CA ILE B 143 25.71 -17.26 -36.36
C ILE B 143 26.73 -16.31 -36.97
N ASP B 144 27.18 -16.58 -38.19
CA ASP B 144 28.12 -15.68 -38.85
C ASP B 144 27.50 -14.28 -39.01
N ARG B 145 26.29 -14.23 -39.55
CA ARG B 145 25.62 -12.95 -39.78
C ARG B 145 25.31 -12.24 -38.48
N LEU B 146 24.80 -13.00 -37.51
CA LEU B 146 24.40 -12.45 -36.23
C LEU B 146 25.62 -11.81 -35.54
N THR B 147 26.73 -12.54 -35.48
CA THR B 147 27.93 -11.99 -34.84
C THR B 147 28.55 -10.85 -35.65
N ASP B 148 28.40 -10.92 -36.98
CA ASP B 148 28.96 -9.86 -37.86
C ASP B 148 28.24 -8.55 -37.60
N ALA B 149 26.91 -8.63 -37.50
CA ALA B 149 26.10 -7.48 -37.14
C ALA B 149 26.48 -6.87 -35.77
N ILE B 150 26.60 -7.72 -34.74
CA ILE B 150 27.04 -7.29 -33.41
C ILE B 150 28.38 -6.57 -33.46
N ALA B 151 29.35 -7.16 -34.18
CA ALA B 151 30.69 -6.60 -34.34
C ALA B 151 30.69 -5.24 -35.02
N ALA B 152 29.85 -5.10 -36.05
CA ALA B 152 29.69 -3.83 -36.74
C ALA B 152 29.23 -2.74 -35.76
N PHE B 153 28.26 -3.08 -34.91
CA PHE B 153 27.81 -2.11 -33.89
C PHE B 153 28.92 -1.74 -32.92
N GLU B 154 29.65 -2.75 -32.44
CA GLU B 154 30.66 -2.54 -31.41
C GLU B 154 31.76 -1.62 -31.88
N LYS B 155 32.04 -1.66 -33.18
CA LYS B 155 33.03 -0.77 -33.76
C LYS B 155 32.67 0.71 -33.65
N THR B 156 31.38 1.01 -33.42
CA THR B 156 30.95 2.39 -33.21
C THR B 156 31.22 2.87 -31.77
N LEU B 157 31.50 1.94 -30.85
CA LEU B 157 31.66 2.25 -29.44
C LEU B 157 33.08 2.72 -29.09
N VAL B 158 33.54 3.74 -29.78
CA VAL B 158 34.81 4.39 -29.45
C VAL B 158 34.53 5.59 -28.55
N THR B 159 35.53 6.05 -27.80
CA THR B 159 35.34 7.19 -26.89
C THR B 159 36.29 8.35 -27.22
N PRO B 160 35.93 9.15 -28.24
CA PRO B 160 36.71 10.32 -28.59
C PRO B 160 36.56 11.48 -27.58
N ASN B 161 37.44 12.46 -27.72
CA ASN B 161 37.38 13.73 -26.98
C ASN B 161 37.67 13.64 -25.49
N SER B 162 38.49 12.67 -25.07
CA SER B 162 38.93 12.63 -23.68
C SER B 162 39.67 13.95 -23.40
N PRO B 163 39.66 14.43 -22.15
CA PRO B 163 40.49 15.59 -21.81
C PRO B 163 41.96 15.44 -22.20
N PHE B 164 42.49 14.23 -22.08
CA PHE B 164 43.85 13.96 -22.56
C PHE B 164 44.02 14.13 -24.08
N ASP B 165 43.06 13.65 -24.85
CA ASP B 165 43.11 13.83 -26.30
C ASP B 165 43.11 15.31 -26.69
N GLN B 166 42.33 16.11 -25.96
CA GLN B 166 42.30 17.54 -26.17
C GLN B 166 43.65 18.18 -25.85
N TYR B 167 44.35 17.60 -24.87
CA TYR B 167 45.70 18.02 -24.49
C TYR B 167 46.72 17.68 -25.57
N LEU B 168 46.68 16.44 -26.07
CA LEU B 168 47.55 15.99 -27.18
C LEU B 168 47.35 16.84 -28.44
N LEU B 169 46.11 17.29 -28.66
CA LEU B 169 45.79 18.18 -29.78
C LEU B 169 46.11 19.66 -29.51
N GLY B 170 46.67 19.97 -28.34
CA GLY B 170 47.23 21.29 -28.07
C GLY B 170 46.53 22.11 -27.01
N LYS B 171 45.39 21.63 -26.52
CA LYS B 171 44.66 22.34 -25.46
C LYS B 171 45.39 22.17 -24.12
N GLN B 172 46.40 23.02 -23.89
CA GLN B 172 47.24 22.92 -22.69
C GLN B 172 46.43 22.99 -21.37
N ASP B 173 45.26 23.61 -21.39
CA ASP B 173 44.43 23.72 -20.18
C ASP B 173 43.39 22.58 -20.02
N ALA B 174 43.38 21.61 -20.93
CA ALA B 174 42.40 20.51 -20.88
C ALA B 174 42.60 19.54 -19.70
N ILE B 175 43.81 19.50 -19.14
CA ILE B 175 44.06 18.64 -17.98
C ILE B 175 44.86 19.39 -16.92
N SER B 176 44.79 18.91 -15.68
CA SER B 176 45.49 19.49 -14.54
C SER B 176 46.98 19.30 -14.65
N GLY B 177 47.74 20.09 -13.90
CA GLY B 177 49.18 19.89 -13.76
C GLY B 177 49.50 18.53 -13.19
N ASP B 178 48.70 18.06 -12.25
CA ASP B 178 48.81 16.69 -11.74
C ASP B 178 48.70 15.67 -12.87
N ALA B 179 47.73 15.89 -13.76
CA ALA B 179 47.54 14.99 -14.88
C ALA B 179 48.69 15.07 -15.88
N LYS B 180 49.25 16.27 -16.09
CA LYS B 180 50.38 16.45 -17.00
C LYS B 180 51.63 15.77 -16.47
N ALA B 181 51.83 15.89 -15.15
CA ALA B 181 52.97 15.24 -14.49
C ALA B 181 52.78 13.73 -14.49
N GLY B 182 51.53 13.28 -14.36
CA GLY B 182 51.21 11.86 -14.44
C GLY B 182 51.48 11.23 -15.80
N TYR B 183 51.28 11.97 -16.89
CA TYR B 183 51.58 11.46 -18.23
C TYR B 183 53.08 11.33 -18.41
N GLN B 184 53.81 12.30 -17.89
CA GLN B 184 55.26 12.27 -17.93
C GLN B 184 55.80 11.08 -17.15
N LEU B 185 55.29 10.88 -15.92
CA LEU B 185 55.64 9.69 -15.12
C LEU B 185 55.34 8.43 -15.92
N PHE B 186 54.13 8.37 -16.47
CA PHE B 186 53.69 7.22 -17.27
C PHE B 186 54.73 6.84 -18.33
N LYS B 187 55.24 7.84 -19.06
CA LYS B 187 56.28 7.61 -20.06
C LYS B 187 57.58 7.23 -19.40
N ASP B 188 58.02 8.07 -18.46
CA ASP B 188 59.34 7.94 -17.80
C ASP B 188 59.54 6.69 -16.96
N LYS B 189 58.46 6.15 -16.42
CA LYS B 189 58.55 4.92 -15.61
C LYS B 189 58.50 3.66 -16.47
N GLY B 190 57.99 3.76 -17.70
CA GLY B 190 57.93 2.62 -18.62
C GLY B 190 56.55 2.00 -18.82
N CYS B 191 55.53 2.55 -18.17
CA CYS B 191 54.15 2.12 -18.39
C CYS B 191 53.83 2.11 -19.88
N VAL B 192 54.31 3.13 -20.58
CA VAL B 192 54.01 3.32 -21.99
C VAL B 192 54.65 2.25 -22.86
N SER B 193 55.69 1.59 -22.35
CA SER B 193 56.32 0.47 -23.06
C SER B 193 55.29 -0.62 -23.36
N CYS B 194 54.28 -0.76 -22.50
CA CYS B 194 53.22 -1.77 -22.67
C CYS B 194 51.85 -1.23 -23.02
N HIS B 195 51.56 -0.02 -22.56
CA HIS B 195 50.27 0.63 -22.75
C HIS B 195 50.50 1.83 -23.68
N ASN B 196 50.30 1.65 -24.99
CA ASN B 196 50.52 2.73 -25.96
C ASN B 196 49.54 2.66 -27.13
N GLY B 197 49.73 3.50 -28.15
CA GLY B 197 48.80 3.56 -29.25
C GLY B 197 47.55 4.31 -28.85
N PRO B 198 46.54 4.32 -29.74
CA PRO B 198 45.32 5.06 -29.48
C PRO B 198 44.55 4.60 -28.24
N ALA B 199 44.63 3.31 -27.91
CA ALA B 199 43.86 2.77 -26.79
C ALA B 199 44.67 2.69 -25.48
N VAL B 200 45.88 3.24 -25.46
CA VAL B 200 46.75 3.20 -24.28
C VAL B 200 46.74 1.77 -23.72
N GLY B 201 47.11 0.83 -24.59
CA GLY B 201 46.94 -0.60 -24.32
C GLY B 201 46.47 -1.29 -25.59
N GLY B 202 46.36 -2.61 -25.54
CA GLY B 202 45.71 -3.39 -26.60
C GLY B 202 46.57 -3.75 -27.80
N THR B 203 47.86 -3.41 -27.75
CA THR B 203 48.74 -3.59 -28.90
C THR B 203 49.69 -4.77 -28.75
N MET B 204 49.61 -5.47 -27.62
CA MET B 204 50.53 -6.56 -27.35
C MET B 204 50.01 -7.44 -26.22
N PHE B 205 50.61 -8.61 -26.12
CA PHE B 205 50.46 -9.49 -24.98
C PHE B 205 51.70 -9.32 -24.13
N MET B 206 51.51 -9.30 -22.80
CA MET B 206 52.64 -9.17 -21.88
C MET B 206 52.38 -9.95 -20.58
N LYS B 207 53.47 -10.39 -19.93
CA LYS B 207 53.37 -11.11 -18.67
C LYS B 207 52.82 -10.20 -17.56
N MET B 208 51.85 -10.72 -16.81
CA MET B 208 51.38 -10.08 -15.60
C MET B 208 52.28 -10.55 -14.45
N GLY B 209 53.12 -9.65 -13.97
CA GLY B 209 54.17 -9.98 -13.00
C GLY B 209 55.48 -10.21 -13.71
N LEU B 210 55.96 -9.17 -14.39
CA LEU B 210 57.20 -9.26 -15.17
C LEU B 210 58.44 -9.29 -14.29
N ILE B 211 58.49 -8.43 -13.28
CA ILE B 211 59.60 -8.37 -12.33
C ILE B 211 59.29 -9.08 -11.01
N LYS B 212 58.03 -9.03 -10.59
CA LYS B 212 57.60 -9.70 -9.37
C LYS B 212 56.31 -10.45 -9.65
N PRO B 213 56.10 -11.61 -8.99
CA PRO B 213 54.90 -12.36 -9.34
C PRO B 213 53.62 -11.62 -8.95
N PHE B 214 52.55 -11.82 -9.71
CA PHE B 214 51.25 -11.28 -9.36
C PHE B 214 50.50 -12.31 -8.53
N HIS B 215 50.23 -11.99 -7.26
CA HIS B 215 49.45 -12.88 -6.45
C HIS B 215 47.97 -12.77 -6.74
N THR B 216 47.37 -13.89 -7.08
CA THR B 216 45.93 -14.00 -7.18
C THR B 216 45.58 -15.45 -6.88
N ASN B 217 44.36 -15.68 -6.41
CA ASN B 217 43.86 -17.05 -6.28
C ASN B 217 42.99 -17.40 -7.48
N ASN B 218 42.99 -16.53 -8.50
CA ASN B 218 42.33 -16.82 -9.77
C ASN B 218 43.26 -17.65 -10.68
N PRO B 219 42.83 -18.86 -11.07
CA PRO B 219 43.70 -19.79 -11.82
C PRO B 219 43.97 -19.47 -13.30
N ALA B 220 43.33 -18.44 -13.86
CA ALA B 220 43.43 -18.16 -15.29
C ALA B 220 44.90 -17.97 -15.72
N GLU B 221 45.34 -18.80 -16.67
CA GLU B 221 46.73 -18.78 -17.11
C GLU B 221 46.97 -17.93 -18.37
N GLY B 222 45.93 -17.32 -18.91
CA GLY B 222 46.09 -16.37 -20.00
C GLY B 222 46.50 -17.04 -21.31
N ARG B 223 47.52 -16.48 -21.96
CA ARG B 223 47.92 -16.88 -23.32
C ARG B 223 48.34 -18.34 -23.44
N LYS B 224 48.81 -18.94 -22.34
CA LYS B 224 49.16 -20.36 -22.32
C LYS B 224 47.99 -21.27 -22.73
N GLY B 225 46.76 -20.88 -22.40
CA GLY B 225 45.57 -21.64 -22.76
C GLY B 225 45.16 -21.58 -24.23
N VAL B 226 45.73 -20.65 -24.98
CA VAL B 226 45.59 -20.60 -26.45
C VAL B 226 46.78 -21.25 -27.16
N THR B 227 47.99 -20.96 -26.67
CA THR B 227 49.23 -21.32 -27.37
C THR B 227 49.84 -22.65 -26.90
N GLY B 228 49.67 -22.97 -25.61
CA GLY B 228 50.24 -24.18 -25.04
C GLY B 228 51.65 -23.98 -24.51
N LYS B 229 52.21 -22.78 -24.72
CA LYS B 229 53.56 -22.45 -24.31
C LYS B 229 53.62 -22.07 -22.83
N ASP B 230 54.57 -22.65 -22.11
CA ASP B 230 54.72 -22.32 -20.69
C ASP B 230 55.24 -20.89 -20.48
N ALA B 231 56.09 -20.42 -21.40
CA ALA B 231 56.51 -19.00 -21.39
C ALA B 231 55.32 -18.03 -21.50
N ASP B 232 54.21 -18.51 -22.05
CA ASP B 232 52.98 -17.73 -22.19
C ASP B 232 52.06 -17.78 -20.96
N LYS B 233 52.52 -18.42 -19.90
CA LYS B 233 51.73 -18.53 -18.68
C LYS B 233 51.67 -17.19 -17.94
N PHE B 234 50.43 -16.78 -17.63
CA PHE B 234 50.12 -15.47 -17.06
C PHE B 234 50.60 -14.31 -17.94
N VAL B 235 50.54 -14.55 -19.25
CA VAL B 235 50.73 -13.51 -20.25
C VAL B 235 49.34 -13.16 -20.79
N PHE B 236 48.90 -11.92 -20.59
CA PHE B 236 47.55 -11.49 -20.94
C PHE B 236 47.60 -10.38 -21.98
N LYS B 237 46.49 -10.14 -22.67
CA LYS B 237 46.41 -8.95 -23.50
C LYS B 237 46.58 -7.77 -22.54
N VAL B 238 47.42 -6.81 -22.92
CA VAL B 238 47.49 -5.56 -22.17
C VAL B 238 46.17 -4.83 -22.37
N PRO B 239 45.42 -4.55 -21.28
CA PRO B 239 44.12 -3.88 -21.44
C PRO B 239 44.30 -2.42 -21.84
N THR B 240 43.24 -1.87 -22.41
CA THR B 240 43.16 -0.44 -22.64
C THR B 240 43.06 0.29 -21.31
N LEU B 241 43.77 1.42 -21.20
CA LEU B 241 43.57 2.31 -20.07
C LEU B 241 42.62 3.47 -20.39
N ARG B 242 42.06 3.49 -21.61
CA ARG B 242 40.97 4.43 -21.94
C ARG B 242 39.79 4.08 -21.06
N ASN B 243 39.18 5.10 -20.44
CA ASN B 243 38.04 4.90 -19.56
C ASN B 243 38.35 3.98 -18.35
N ILE B 244 39.61 3.91 -17.94
CA ILE B 244 39.96 3.06 -16.81
C ILE B 244 39.27 3.56 -15.52
N GLU B 245 39.04 4.86 -15.42
CA GLU B 245 38.29 5.45 -14.31
C GLU B 245 36.94 4.77 -14.06
N LEU B 246 36.30 4.32 -15.14
CA LEU B 246 34.95 3.74 -15.10
C LEU B 246 34.87 2.22 -15.01
N THR B 247 35.99 1.52 -15.15
CA THR B 247 35.96 0.08 -15.39
C THR B 247 36.48 -0.77 -14.22
N TYR B 248 36.45 -0.18 -13.03
CA TYR B 248 36.66 -0.89 -11.75
C TYR B 248 35.73 -2.12 -11.61
N PRO B 249 36.14 -3.13 -10.83
CA PRO B 249 37.49 -3.28 -10.25
C PRO B 249 38.52 -3.71 -11.30
N TYR B 250 39.79 -3.84 -10.90
CA TYR B 250 40.86 -3.94 -11.89
C TYR B 250 41.59 -5.26 -11.88
N PHE B 251 42.30 -5.46 -12.99
CA PHE B 251 42.92 -6.73 -13.36
C PHE B 251 41.90 -7.83 -13.72
N HIS B 252 42.40 -8.86 -14.38
CA HIS B 252 41.53 -9.94 -14.85
C HIS B 252 40.77 -10.66 -13.71
N ASP B 253 41.32 -10.62 -12.49
CA ASP B 253 40.69 -11.26 -11.33
C ASP B 253 39.73 -10.34 -10.53
N GLY B 254 39.63 -9.06 -10.92
CA GLY B 254 38.71 -8.12 -10.24
C GLY B 254 39.00 -7.91 -8.77
N SER B 255 40.28 -7.93 -8.42
CA SER B 255 40.70 -7.96 -7.04
C SER B 255 40.82 -6.56 -6.42
N VAL B 256 41.08 -5.55 -7.26
CA VAL B 256 41.46 -4.22 -6.79
C VAL B 256 40.39 -3.20 -7.18
N TRP B 257 39.82 -2.54 -6.18
CA TRP B 257 38.73 -1.60 -6.42
C TRP B 257 39.16 -0.18 -6.76
N THR B 258 40.33 0.22 -6.25
CA THR B 258 40.80 1.59 -6.45
C THR B 258 41.91 1.65 -7.49
N LEU B 259 41.85 2.67 -8.34
CA LEU B 259 42.86 2.88 -9.34
C LEU B 259 44.20 3.18 -8.65
N GLU B 260 44.13 3.80 -7.46
CA GLU B 260 45.32 4.04 -6.64
C GLU B 260 46.10 2.75 -6.41
N GLU B 261 45.44 1.70 -5.92
CA GLU B 261 46.10 0.41 -5.71
C GLU B 261 46.55 -0.28 -7.02
N ALA B 262 45.76 -0.18 -8.08
CA ALA B 262 46.14 -0.77 -9.37
C ALA B 262 47.45 -0.18 -9.91
N VAL B 263 47.57 1.14 -9.88
CA VAL B 263 48.78 1.78 -10.41
C VAL B 263 50.00 1.38 -9.58
N ASN B 264 49.80 1.21 -8.28
CA ASN B 264 50.92 0.81 -7.40
C ASN B 264 51.29 -0.66 -7.54
N THR B 265 50.28 -1.51 -7.76
CA THR B 265 50.54 -2.92 -8.07
C THR B 265 51.29 -3.06 -9.40
N MET B 266 50.91 -2.26 -10.40
CA MET B 266 51.60 -2.28 -11.69
C MET B 266 53.05 -1.81 -11.60
N ALA B 267 53.27 -0.68 -10.92
CA ALA B 267 54.61 -0.17 -10.71
C ALA B 267 55.43 -1.20 -9.94
N ASP B 268 54.89 -1.71 -8.85
CA ASP B 268 55.59 -2.68 -8.03
C ASP B 268 55.99 -3.93 -8.82
N ILE B 269 55.04 -4.59 -9.48
CA ILE B 269 55.34 -5.89 -10.10
C ILE B 269 55.78 -5.86 -11.57
N GLN B 270 55.32 -4.88 -12.33
CA GLN B 270 55.80 -4.74 -13.70
C GLN B 270 57.16 -4.01 -13.80
N LEU B 271 57.40 -3.07 -12.88
CA LEU B 271 58.60 -2.21 -12.91
C LEU B 271 59.58 -2.39 -11.73
N GLY B 272 59.13 -3.04 -10.66
CA GLY B 272 59.99 -3.35 -9.52
C GLY B 272 59.97 -2.32 -8.40
N GLN B 273 59.05 -1.36 -8.44
CA GLN B 273 59.00 -0.32 -7.43
C GLN B 273 57.63 0.36 -7.40
N LYS B 274 57.02 0.44 -6.22
CA LYS B 274 55.73 1.12 -6.09
C LYS B 274 55.90 2.63 -6.15
N LEU B 275 54.78 3.30 -6.39
CA LEU B 275 54.75 4.74 -6.55
C LEU B 275 54.64 5.43 -5.21
N THR B 276 55.12 6.67 -5.14
CA THR B 276 54.95 7.52 -3.97
C THR B 276 53.53 8.06 -3.93
N GLU B 277 53.17 8.71 -2.82
CA GLU B 277 51.83 9.28 -2.66
C GLU B 277 51.56 10.32 -3.74
N LYS B 278 52.52 11.23 -3.92
CA LYS B 278 52.47 12.27 -4.95
C LYS B 278 52.41 11.66 -6.35
N GLU B 279 53.26 10.68 -6.63
CA GLU B 279 53.30 9.99 -7.91
C GLU B 279 51.99 9.27 -8.24
N THR B 280 51.33 8.71 -7.21
CA THR B 280 50.05 8.02 -7.38
C THR B 280 48.94 9.01 -7.72
N LYS B 281 48.90 10.10 -6.97
CA LYS B 281 48.01 11.25 -7.22
C LYS B 281 48.12 11.69 -8.69
N GLU B 282 49.36 11.84 -9.15
CA GLU B 282 49.65 12.26 -10.52
C GLU B 282 49.24 11.20 -11.54
N MET B 283 49.58 9.95 -11.25
CA MET B 283 49.25 8.86 -12.17
C MET B 283 47.75 8.72 -12.33
N VAL B 284 47.02 8.79 -11.22
CA VAL B 284 45.57 8.67 -11.27
C VAL B 284 44.94 9.83 -12.02
N ALA B 285 45.43 11.04 -11.76
CA ALA B 285 44.97 12.24 -12.47
C ALA B 285 45.09 12.03 -13.99
N PHE B 286 46.24 11.56 -14.45
CA PHE B 286 46.42 11.28 -15.88
C PHE B 286 45.47 10.20 -16.40
N LEU B 287 45.35 9.11 -15.65
CA LEU B 287 44.47 8.02 -16.07
C LEU B 287 43.00 8.44 -16.17
N ASN B 288 42.52 9.28 -15.26
CA ASN B 288 41.15 9.78 -15.34
C ASN B 288 40.92 10.65 -16.58
N SER B 289 41.93 11.43 -16.95
CA SER B 289 41.87 12.26 -18.15
C SER B 289 41.76 11.45 -19.45
N LEU B 290 41.94 10.13 -19.35
CA LEU B 290 41.75 9.22 -20.49
C LEU B 290 40.28 8.83 -20.71
N THR B 291 39.39 9.32 -19.85
CA THR B 291 37.96 9.05 -19.98
C THR B 291 37.39 9.89 -21.11
N GLY B 292 36.84 9.22 -22.12
CA GLY B 292 36.37 9.89 -23.33
C GLY B 292 34.87 10.03 -23.35
N GLU B 293 34.35 10.61 -24.44
CA GLU B 293 32.92 10.74 -24.59
C GLU B 293 32.31 9.36 -24.75
N GLN B 294 31.37 9.05 -23.87
CA GLN B 294 30.72 7.75 -23.82
C GLN B 294 29.70 7.71 -24.95
N PRO B 295 29.52 6.53 -25.57
CA PRO B 295 28.55 6.42 -26.64
C PRO B 295 27.18 6.93 -26.30
N GLN B 296 26.67 7.83 -27.14
CA GLN B 296 25.30 8.33 -27.05
C GLN B 296 24.45 7.51 -27.99
N ILE B 297 23.63 6.63 -27.40
CA ILE B 297 22.83 5.69 -28.15
C ILE B 297 21.40 5.79 -27.67
N SER B 298 20.44 5.74 -28.61
CA SER B 298 19.05 5.58 -28.25
C SER B 298 18.81 4.10 -27.97
N LEU B 299 18.07 3.81 -26.91
CA LEU B 299 17.72 2.43 -26.57
C LEU B 299 16.97 1.78 -27.72
N PRO B 300 17.40 0.60 -28.19
CA PRO B 300 16.67 0.06 -29.33
C PRO B 300 15.32 -0.54 -28.96
N ILE B 301 14.34 -0.38 -29.85
CA ILE B 301 13.03 -1.00 -29.68
C ILE B 301 13.06 -2.35 -30.39
N LEU B 302 12.92 -3.43 -29.62
CA LEU B 302 13.02 -4.77 -30.16
C LEU B 302 11.63 -5.32 -30.53
N PRO B 303 11.59 -6.23 -31.52
CA PRO B 303 10.30 -6.77 -31.98
C PRO B 303 9.68 -7.77 -30.97
N PRO B 304 8.35 -8.01 -31.08
CA PRO B 304 7.74 -9.00 -30.18
C PRO B 304 8.07 -10.44 -30.57
N SER B 305 8.20 -11.30 -29.56
CA SER B 305 8.19 -12.74 -29.79
C SER B 305 6.84 -13.16 -30.33
N ASN B 306 6.83 -14.25 -31.06
CA ASN B 306 5.59 -14.83 -31.58
C ASN B 306 5.55 -16.33 -31.24
N LYS B 307 4.56 -17.05 -31.75
CA LYS B 307 4.38 -18.48 -31.42
C LYS B 307 5.55 -19.38 -31.92
N GLU B 308 6.33 -18.89 -32.87
CA GLU B 308 7.51 -19.59 -33.40
C GLU B 308 8.77 -19.26 -32.60
N THR B 309 8.69 -18.29 -31.71
CA THR B 309 9.83 -17.91 -30.89
C THR B 309 9.96 -18.87 -29.71
N PRO B 310 11.12 -19.56 -29.59
CA PRO B 310 11.36 -20.40 -28.41
C PRO B 310 11.08 -19.63 -27.12
N ARG B 311 10.42 -20.27 -26.15
CA ARG B 311 10.14 -19.60 -24.90
C ARG B 311 11.44 -19.57 -24.06
N PRO B 312 11.67 -18.46 -23.34
CA PRO B 312 12.77 -18.41 -22.40
C PRO B 312 12.61 -19.40 -21.25
N VAL B 313 13.72 -19.79 -20.65
CA VAL B 313 13.72 -20.73 -19.56
C VAL B 313 14.58 -20.10 -18.46
N PRO B 314 14.00 -19.13 -17.70
CA PRO B 314 14.75 -18.45 -16.64
C PRO B 314 15.01 -19.35 -15.44
N PHE B 315 14.08 -20.25 -15.18
CA PHE B 315 14.17 -21.09 -14.01
C PHE B 315 14.23 -22.56 -14.44
N ALA B 316 13.20 -23.34 -14.15
CA ALA B 316 13.22 -24.79 -14.39
C ALA B 316 12.72 -25.18 -15.79
N THR B 317 13.38 -26.21 -16.34
CA THR B 317 12.80 -27.24 -17.23
C THR B 317 13.88 -27.95 -18.04
N GLU C 11 8.49 23.16 37.30
CA GLU C 11 8.54 21.91 36.49
C GLU C 11 8.10 22.16 35.05
N PRO C 12 8.71 21.46 34.07
CA PRO C 12 8.32 21.61 32.67
C PRO C 12 6.94 21.04 32.31
N ILE C 13 6.38 20.22 33.20
CA ILE C 13 5.03 19.68 33.06
C ILE C 13 4.10 20.28 34.11
N GLU C 14 2.85 20.56 33.72
CA GLU C 14 1.83 21.13 34.60
C GLU C 14 0.64 20.19 34.76
N VAL C 15 -0.06 20.32 35.89
CA VAL C 15 -1.20 19.48 36.17
C VAL C 15 -2.37 19.91 35.29
N ILE C 16 -3.25 18.98 34.98
CA ILE C 16 -4.46 19.28 34.23
C ILE C 16 -5.57 19.35 35.27
N THR C 17 -6.31 20.46 35.27
CA THR C 17 -7.46 20.63 36.15
C THR C 17 -8.72 20.17 35.39
N PRO C 18 -9.78 19.80 36.13
CA PRO C 18 -11.04 19.48 35.45
C PRO C 18 -11.58 20.63 34.59
N ALA C 19 -12.30 20.28 33.52
CA ALA C 19 -12.99 21.25 32.68
C ALA C 19 -13.97 22.08 33.52
N ILE C 21 -16.64 23.98 32.68
CA ILE C 21 -17.82 23.79 31.83
C ILE C 21 -18.82 24.94 31.98
N THR C 22 -18.81 25.84 31.01
CA THR C 22 -19.60 27.06 31.08
C THR C 22 -20.86 26.99 30.22
N GLU C 23 -20.93 26.01 29.31
CA GLU C 23 -22.00 25.92 28.32
C GLU C 23 -22.57 24.49 28.23
N PRO C 24 -23.24 24.04 29.29
CA PRO C 24 -23.67 22.65 29.36
C PRO C 24 -24.62 22.20 28.26
N GLU C 25 -25.55 23.05 27.84
CA GLU C 25 -26.49 22.66 26.76
C GLU C 25 -25.81 22.49 25.40
N LYS C 26 -24.80 23.31 25.13
CA LYS C 26 -23.98 23.15 23.92
C LYS C 26 -23.12 21.88 24.00
N VAL C 27 -22.49 21.67 25.16
CA VAL C 27 -21.77 20.42 25.40
C VAL C 27 -22.63 19.19 25.16
N GLU C 28 -23.86 19.18 25.68
CA GLU C 28 -24.80 18.06 25.46
C GLU C 28 -25.02 17.80 23.97
N LEU C 29 -25.34 18.88 23.25
CA LEU C 29 -25.55 18.81 21.81
C LEU C 29 -24.32 18.29 21.09
N GLY C 30 -23.15 18.83 21.42
CA GLY C 30 -21.90 18.31 20.87
C GLY C 30 -21.65 16.84 21.14
N LYS C 31 -22.02 16.38 22.34
CA LYS C 31 -21.83 14.97 22.69
C LYS C 31 -22.68 14.10 21.79
N MET C 32 -23.95 14.49 21.62
CA MET C 32 -24.87 13.78 20.74
C MET C 32 -24.25 13.70 19.33
N LEU C 33 -23.83 14.83 18.78
CA LEU C 33 -23.19 14.86 17.48
C LEU C 33 -21.91 13.99 17.38
N PHE C 34 -21.08 13.96 18.42
CA PHE C 34 -19.85 13.16 18.44
C PHE C 34 -20.14 11.66 18.28
N PHE C 35 -21.30 11.25 18.78
CA PHE C 35 -21.74 9.85 18.83
C PHE C 35 -22.81 9.60 17.76
N GLU C 36 -23.03 10.57 16.90
CA GLU C 36 -24.09 10.52 15.89
C GLU C 36 -23.58 9.88 14.57
N PRO C 37 -23.96 8.62 14.30
CA PRO C 37 -23.52 7.95 13.08
C PRO C 37 -24.27 8.42 11.82
N ARG C 38 -25.38 9.14 11.99
CA ARG C 38 -26.05 9.72 10.82
C ARG C 38 -25.34 10.98 10.29
N LEU C 39 -24.19 11.35 10.87
CA LEU C 39 -23.26 12.30 10.24
C LEU C 39 -22.37 11.63 9.18
N SER C 40 -22.47 10.31 9.04
CA SER C 40 -21.73 9.59 8.01
C SER C 40 -22.68 9.09 6.94
N LYS C 41 -22.14 8.83 5.74
CA LYS C 41 -22.97 8.36 4.63
C LYS C 41 -23.61 7.01 4.96
N SER C 42 -22.83 6.15 5.59
CA SER C 42 -23.28 4.80 5.94
C SER C 42 -24.34 4.76 7.04
N GLY C 43 -24.42 5.84 7.84
CA GLY C 43 -25.23 5.81 9.05
C GLY C 43 -24.63 4.88 10.09
N PHE C 44 -23.32 4.64 9.99
CA PHE C 44 -22.61 3.66 10.82
C PHE C 44 -21.35 4.21 11.51
N ILE C 45 -20.79 5.31 11.02
CA ILE C 45 -19.56 5.82 11.57
C ILE C 45 -19.81 7.15 12.27
N SER C 46 -19.38 7.25 13.52
CA SER C 46 -19.43 8.50 14.27
C SER C 46 -18.01 8.88 14.67
N CYS C 47 -17.83 10.08 15.21
CA CYS C 47 -16.53 10.49 15.74
C CYS C 47 -15.99 9.45 16.72
N ASN C 48 -16.88 8.93 17.55
CA ASN C 48 -16.48 7.98 18.58
C ASN C 48 -15.92 6.70 17.98
N SER C 49 -16.39 6.33 16.79
CA SER C 49 -15.83 5.17 16.04
C SER C 49 -14.30 5.21 15.96
N CYS C 50 -13.73 6.36 15.59
CA CYS C 50 -12.29 6.45 15.44
C CYS C 50 -11.58 7.06 16.61
N HIS C 51 -12.32 7.63 17.55
CA HIS C 51 -11.76 8.25 18.74
C HIS C 51 -12.53 7.72 19.95
N ASN C 52 -12.61 6.40 20.03
CA ASN C 52 -13.42 5.72 21.03
C ASN C 52 -13.12 6.20 22.44
N LEU C 53 -14.07 6.91 23.05
CA LEU C 53 -13.89 7.41 24.40
C LEU C 53 -13.86 6.28 25.44
N SER C 54 -14.32 5.09 25.07
CA SER C 54 -14.11 3.88 25.91
C SER C 54 -12.63 3.39 25.99
N THR C 55 -11.84 3.70 24.96
CA THR C 55 -10.46 3.21 24.84
C THR C 55 -9.51 4.35 24.51
N GLY C 56 -9.48 5.34 25.38
CA GLY C 56 -8.46 6.38 25.33
C GLY C 56 -8.65 7.46 24.30
N GLY C 57 -9.85 7.55 23.73
CA GLY C 57 -10.15 8.54 22.70
C GLY C 57 -9.58 8.21 21.34
N VAL C 58 -9.28 6.93 21.12
CA VAL C 58 -8.72 6.44 19.87
C VAL C 58 -9.34 5.10 19.48
N ASP C 59 -9.26 4.74 18.20
CA ASP C 59 -9.67 3.38 17.79
C ASP C 59 -8.60 2.31 18.11
N ALA C 60 -7.39 2.71 18.49
CA ALA C 60 -6.32 1.76 18.81
C ALA C 60 -5.98 0.84 17.62
N LEU C 61 -6.12 1.36 16.42
CA LEU C 61 -5.73 0.64 15.21
C LEU C 61 -4.59 1.39 14.54
N PRO C 62 -3.78 0.67 13.73
CA PRO C 62 -2.64 1.32 13.09
C PRO C 62 -3.07 2.54 12.27
N THR C 63 -4.12 2.37 11.47
CA THR C 63 -4.83 3.49 10.87
C THR C 63 -6.31 3.14 10.86
N SER C 64 -7.13 4.10 10.49
N SER C 64 -7.12 4.11 10.49
CA SER C 64 -8.56 4.04 10.79
CA SER C 64 -8.55 4.06 10.73
C SER C 64 -9.43 3.47 9.67
C SER C 64 -9.33 3.29 9.67
N ILE C 65 -10.47 2.76 10.10
CA ILE C 65 -11.46 2.16 9.22
C ILE C 65 -12.52 3.20 8.92
N GLY C 66 -12.72 3.49 7.64
CA GLY C 66 -13.70 4.48 7.23
C GLY C 66 -14.81 3.86 6.42
N HIS C 67 -15.59 4.73 5.78
CA HIS C 67 -16.69 4.33 4.91
C HIS C 67 -16.23 3.21 3.95
N HIS C 68 -17.07 2.20 3.76
CA HIS C 68 -16.77 1.00 2.95
C HIS C 68 -15.52 0.22 3.43
N TRP C 69 -15.18 0.43 4.69
CA TRP C 69 -14.01 -0.19 5.33
C TRP C 69 -12.74 0.17 4.58
N GLN C 70 -12.61 1.45 4.24
CA GLN C 70 -11.39 1.94 3.58
C GLN C 70 -10.33 2.03 4.65
N GLU C 71 -9.11 1.64 4.29
CA GLU C 71 -7.95 1.74 5.16
C GLU C 71 -7.43 3.17 5.13
N GLY C 72 -7.39 3.82 6.29
CA GLY C 72 -6.98 5.21 6.36
C GLY C 72 -5.48 5.38 6.19
N PRO C 73 -5.03 6.62 5.91
CA PRO C 73 -3.61 6.87 5.63
C PRO C 73 -2.74 7.13 6.87
N ILE C 74 -3.35 7.31 8.03
CA ILE C 74 -2.60 7.77 9.20
C ILE C 74 -3.27 7.40 10.54
N ASN C 75 -2.47 7.27 11.59
CA ASN C 75 -2.95 6.80 12.90
C ASN C 75 -3.88 7.85 13.51
N SER C 76 -5.02 7.39 14.03
CA SER C 76 -6.01 8.28 14.65
CA SER C 76 -6.01 8.27 14.66
C SER C 76 -5.53 8.73 16.02
N PRO C 77 -5.28 10.06 16.18
CA PRO C 77 -4.83 10.58 17.46
C PRO C 77 -5.97 10.68 18.46
N THR C 78 -5.63 10.83 19.73
CA THR C 78 -6.65 10.95 20.76
C THR C 78 -7.31 12.33 20.79
N VAL C 79 -8.63 12.36 21.05
CA VAL C 79 -9.33 13.63 21.30
C VAL C 79 -9.10 14.09 22.75
N LEU C 80 -8.58 13.20 23.60
CA LEU C 80 -8.29 13.52 25.00
C LEU C 80 -7.17 14.52 25.07
N ASN C 81 -7.49 15.67 25.68
CA ASN C 81 -6.58 16.81 25.83
C ASN C 81 -6.22 17.55 24.53
N ALA C 82 -7.02 17.33 23.47
CA ALA C 82 -6.76 17.92 22.15
C ALA C 82 -6.82 19.44 22.14
N ASP C 83 -7.60 20.07 23.02
CA ASP C 83 -7.68 21.55 23.04
C ASP C 83 -6.39 22.18 23.57
N PHE C 84 -5.49 21.37 24.11
CA PHE C 84 -4.15 21.85 24.48
C PHE C 84 -3.18 21.99 23.29
N MET C 85 -3.54 21.41 22.15
CA MET C 85 -2.66 21.35 20.99
C MET C 85 -2.58 22.72 20.33
N LEU C 86 -1.40 23.08 19.85
CA LEU C 86 -1.19 24.37 19.16
C LEU C 86 -1.95 24.43 17.82
N ALA C 87 -2.20 23.28 17.21
CA ALA C 87 -3.05 23.16 16.02
C ALA C 87 -3.56 21.74 15.93
N GLN C 88 -4.47 21.45 15.01
CA GLN C 88 -5.07 20.10 14.92
C GLN C 88 -4.62 19.38 13.65
N PHE C 89 -4.69 18.05 13.71
CA PHE C 89 -4.15 17.09 12.71
C PHE C 89 -2.64 16.94 12.85
N TRP C 90 -2.09 15.82 12.37
CA TRP C 90 -0.65 15.57 12.43
C TRP C 90 0.19 16.70 11.78
N ASP C 91 -0.36 17.29 10.72
CA ASP C 91 0.31 18.40 10.00
C ASP C 91 -0.18 19.80 10.40
N GLY C 92 -1.01 19.88 11.44
CA GLY C 92 -1.44 21.18 11.96
C GLY C 92 -2.29 21.99 11.00
N ARG C 93 -2.96 21.33 10.06
CA ARG C 93 -3.65 22.06 8.99
C ARG C 93 -4.93 22.76 9.43
N ALA C 94 -5.48 22.35 10.58
CA ALA C 94 -6.63 23.02 11.19
C ALA C 94 -6.18 23.80 12.41
N SER C 95 -6.76 24.97 12.66
CA SER C 95 -6.26 25.82 13.73
C SER C 95 -6.75 25.41 15.11
N ASN C 96 -7.94 24.78 15.14
CA ASN C 96 -8.60 24.48 16.40
C ASN C 96 -9.67 23.44 16.21
N LEU C 97 -10.35 23.07 17.30
CA LEU C 97 -11.26 21.91 17.27
C LEU C 97 -12.48 22.11 16.38
N LYS C 98 -12.97 23.34 16.30
CA LYS C 98 -14.19 23.63 15.57
C LYS C 98 -13.86 23.49 14.07
N GLU C 99 -12.75 24.08 13.66
CA GLU C 99 -12.21 23.90 12.29
C GLU C 99 -11.99 22.43 11.96
N GLN C 100 -11.26 21.72 12.81
CA GLN C 100 -10.95 20.30 12.60
C GLN C 100 -12.21 19.49 12.30
N ALA C 101 -13.25 19.69 13.11
CA ALA C 101 -14.47 18.85 13.05
C ALA C 101 -15.18 18.81 11.69
N ALA C 102 -15.02 19.87 10.89
CA ALA C 102 -15.62 19.92 9.54
C ALA C 102 -15.02 18.84 8.60
N GLY C 103 -13.77 18.47 8.83
CA GLY C 103 -13.04 17.58 7.95
C GLY C 103 -13.62 16.19 7.80
N PRO C 104 -13.61 15.39 8.90
CA PRO C 104 -14.00 13.98 8.78
C PRO C 104 -15.39 13.78 8.18
N ILE C 105 -16.32 14.70 8.46
CA ILE C 105 -17.70 14.62 7.97
C ILE C 105 -17.76 14.47 6.44
N ALA C 106 -16.92 15.23 5.73
CA ALA C 106 -16.91 15.26 4.26
C ALA C 106 -15.71 14.54 3.64
N ASN C 107 -14.89 13.94 4.49
CA ASN C 107 -13.74 13.16 4.08
C ASN C 107 -14.20 11.80 3.51
N PRO C 108 -13.92 11.54 2.22
CA PRO C 108 -14.42 10.31 1.59
C PRO C 108 -13.80 9.02 2.13
N LYS C 109 -12.59 9.09 2.67
CA LYS C 109 -11.95 7.96 3.37
C LYS C 109 -12.39 7.80 4.83
N GLU C 110 -13.14 8.77 5.35
CA GLU C 110 -13.61 8.69 6.72
C GLU C 110 -15.13 8.55 6.78
N MET C 111 -15.85 9.62 7.07
CA MET C 111 -17.29 9.52 7.24
C MET C 111 -18.01 9.49 5.91
N GLY C 112 -17.38 10.09 4.89
CA GLY C 112 -17.85 9.96 3.52
C GLY C 112 -19.14 10.67 3.19
N PHE C 113 -19.52 11.64 3.99
CA PHE C 113 -20.77 12.39 3.77
C PHE C 113 -20.44 13.70 3.05
N THR C 114 -21.38 14.66 3.11
CA THR C 114 -21.11 16.05 2.75
C THR C 114 -21.61 16.96 3.85
N HIS C 115 -21.18 18.22 3.82
CA HIS C 115 -21.64 19.19 4.81
C HIS C 115 -23.14 19.44 4.69
N GLU C 116 -23.59 19.58 3.45
CA GLU C 116 -25.00 19.77 3.14
C GLU C 116 -25.89 18.61 3.62
N LEU C 117 -25.48 17.38 3.35
CA LEU C 117 -26.27 16.22 3.80
C LEU C 117 -26.22 16.03 5.33
N ALA C 118 -25.08 16.35 5.95
CA ALA C 118 -24.95 16.31 7.40
C ALA C 118 -25.98 17.26 8.00
N THR C 119 -25.96 18.51 7.55
CA THR C 119 -26.85 19.52 8.09
C THR C 119 -28.33 19.23 7.74
N GLU C 120 -28.62 18.62 6.58
CA GLU C 120 -30.01 18.24 6.26
CA GLU C 120 -30.00 18.23 6.25
C GLU C 120 -30.46 17.13 7.20
N THR C 121 -29.57 16.19 7.46
CA THR C 121 -29.88 15.06 8.34
C THR C 121 -30.24 15.53 9.74
N ILE C 122 -29.34 16.28 10.38
CA ILE C 122 -29.57 16.79 11.72
C ILE C 122 -30.84 17.67 11.79
N ALA C 123 -30.97 18.61 10.86
CA ALA C 123 -32.11 19.52 10.79
C ALA C 123 -33.45 18.81 10.60
N SER C 124 -33.44 17.62 10.00
CA SER C 124 -34.70 16.90 9.78
C SER C 124 -35.45 16.53 11.08
N MET C 125 -34.72 16.45 12.20
CA MET C 125 -35.25 15.93 13.47
C MET C 125 -35.59 17.05 14.45
N PRO C 126 -36.86 17.17 14.85
CA PRO C 126 -37.32 18.29 15.72
C PRO C 126 -36.54 18.41 17.03
N ALA C 127 -36.13 17.28 17.60
CA ALA C 127 -35.36 17.26 18.84
C ALA C 127 -33.98 17.88 18.64
N TYR C 128 -33.35 17.64 17.49
CA TYR C 128 -32.10 18.34 17.20
C TYR C 128 -32.37 19.82 16.99
N ARG C 129 -33.38 20.17 16.18
CA ARG C 129 -33.68 21.60 15.93
C ARG C 129 -33.89 22.36 17.24
N ALA C 130 -34.56 21.69 18.19
CA ALA C 130 -34.91 22.28 19.47
C ALA C 130 -33.66 22.71 20.22
N ARG C 131 -32.64 21.86 20.19
CA ARG C 131 -31.37 22.10 20.90
C ARG C 131 -30.52 23.19 20.26
N PHE C 132 -30.53 23.23 18.93
CA PHE C 132 -29.88 24.29 18.18
C PHE C 132 -30.51 25.63 18.53
N ALA C 133 -31.84 25.63 18.68
CA ALA C 133 -32.59 26.82 19.14
C ALA C 133 -32.20 27.29 20.56
N LYS C 134 -32.07 26.33 21.48
CA LYS C 134 -31.72 26.63 22.89
C LYS C 134 -30.31 27.18 23.04
N VAL C 135 -29.41 26.75 22.17
CA VAL C 135 -28.00 27.10 22.23
C VAL C 135 -27.67 28.35 21.40
N TYR C 136 -28.22 28.39 20.17
CA TYR C 136 -27.83 29.41 19.18
C TYR C 136 -28.91 30.44 18.89
N GLY C 137 -30.15 30.14 19.26
CA GLY C 137 -31.23 31.12 19.17
C GLY C 137 -32.26 30.83 18.10
N ASP C 138 -32.00 29.85 17.24
CA ASP C 138 -33.00 29.43 16.26
C ASP C 138 -32.71 28.01 15.77
N GLU C 139 -33.67 27.45 15.04
CA GLU C 139 -33.64 26.06 14.59
C GLU C 139 -32.68 25.75 13.44
N LYS C 140 -32.06 26.76 12.84
CA LYS C 140 -31.11 26.55 11.72
C LYS C 140 -29.91 25.66 12.10
N VAL C 141 -29.60 24.69 11.24
CA VAL C 141 -28.42 23.86 11.41
C VAL C 141 -27.47 24.12 10.24
N ASP C 142 -26.26 24.58 10.56
CA ASP C 142 -25.17 24.68 9.58
C ASP C 142 -23.90 24.09 10.17
N ILE C 143 -22.91 23.84 9.31
CA ILE C 143 -21.70 23.18 9.74
C ILE C 143 -20.99 23.98 10.81
N ASP C 144 -21.10 25.30 10.73
CA ASP C 144 -20.58 26.19 11.75
C ASP C 144 -21.11 25.83 13.14
N ARG C 145 -22.43 25.75 13.29
CA ARG C 145 -23.04 25.45 14.59
C ARG C 145 -22.78 24.01 15.00
N LEU C 146 -22.88 23.11 14.02
CA LEU C 146 -22.62 21.69 14.20
C LEU C 146 -21.21 21.47 14.79
N THR C 147 -20.19 22.00 14.10
CA THR C 147 -18.80 21.86 14.55
C THR C 147 -18.50 22.64 15.84
N ASP C 148 -19.11 23.81 16.00
CA ASP C 148 -19.04 24.59 17.25
C ASP C 148 -19.48 23.75 18.46
N ALA C 149 -20.62 23.07 18.29
CA ALA C 149 -21.16 22.22 19.37
C ALA C 149 -20.24 21.03 19.64
N ILE C 150 -19.81 20.34 18.60
CA ILE C 150 -18.91 19.20 18.76
C ILE C 150 -17.64 19.64 19.49
N ALA C 151 -17.12 20.82 19.13
CA ALA C 151 -15.88 21.34 19.74
C ALA C 151 -16.07 21.64 21.24
N ALA C 152 -17.25 22.13 21.60
CA ALA C 152 -17.56 22.47 22.98
C ALA C 152 -17.50 21.19 23.80
N PHE C 153 -18.12 20.14 23.26
CA PHE C 153 -18.05 18.83 23.91
C PHE C 153 -16.62 18.38 24.06
N GLU C 154 -15.85 18.38 22.96
CA GLU C 154 -14.46 17.94 23.01
C GLU C 154 -13.59 18.71 24.00
N LYS C 155 -13.84 20.02 24.18
CA LYS C 155 -13.09 20.76 25.20
C LYS C 155 -13.28 20.21 26.62
N THR C 156 -14.35 19.44 26.84
CA THR C 156 -14.58 18.87 28.17
C THR C 156 -13.72 17.64 28.43
N LEU C 157 -13.16 17.07 27.37
CA LEU C 157 -12.49 15.78 27.41
C LEU C 157 -11.01 15.92 27.76
N VAL C 158 -10.75 16.59 28.87
CA VAL C 158 -9.43 16.63 29.49
C VAL C 158 -9.37 15.52 30.53
N THR C 159 -8.16 15.15 30.94
CA THR C 159 -7.95 14.01 31.87
C THR C 159 -7.13 14.41 33.11
N PRO C 160 -7.79 14.98 34.13
CA PRO C 160 -7.13 15.36 35.37
C PRO C 160 -6.89 14.14 36.27
N ASN C 161 -6.07 14.34 37.30
CA ASN C 161 -5.90 13.35 38.39
C ASN C 161 -5.13 12.10 38.03
N SER C 162 -4.26 12.21 37.03
CA SER C 162 -3.34 11.12 36.71
C SER C 162 -2.40 10.97 37.89
N PRO C 163 -1.88 9.74 38.11
CA PRO C 163 -0.90 9.54 39.17
C PRO C 163 0.23 10.54 39.15
N PHE C 164 0.69 10.92 37.95
CA PHE C 164 1.79 11.87 37.84
C PHE C 164 1.42 13.25 38.37
N ASP C 165 0.22 13.72 38.02
CA ASP C 165 -0.26 15.01 38.53
C ASP C 165 -0.37 15.02 40.04
N GLN C 166 -0.84 13.90 40.61
CA GLN C 166 -0.97 13.75 42.06
C GLN C 166 0.42 13.83 42.71
N TYR C 167 1.40 13.23 42.06
CA TYR C 167 2.80 13.30 42.52
C TYR C 167 3.35 14.73 42.47
N LEU C 168 3.04 15.45 41.39
CA LEU C 168 3.40 16.87 41.29
C LEU C 168 2.70 17.68 42.38
N LEU C 169 1.47 17.27 42.73
CA LEU C 169 0.68 17.93 43.78
C LEU C 169 1.10 17.52 45.20
N GLY C 170 2.08 16.63 45.31
CA GLY C 170 2.74 16.31 46.58
C GLY C 170 2.31 14.98 47.18
N LYS C 171 1.55 14.18 46.44
CA LYS C 171 1.14 12.85 46.91
C LYS C 171 2.32 11.88 46.73
N GLN C 172 3.07 11.67 47.81
CA GLN C 172 4.30 10.90 47.79
C GLN C 172 4.16 9.48 47.22
N ASP C 173 3.02 8.82 47.47
CA ASP C 173 2.85 7.43 47.07
C ASP C 173 1.85 7.23 45.92
N ALA C 174 1.62 8.28 45.14
CA ALA C 174 0.76 8.20 43.96
C ALA C 174 1.45 7.48 42.80
N ILE C 175 2.79 7.57 42.73
CA ILE C 175 3.57 6.85 41.73
C ILE C 175 4.76 6.08 42.32
N SER C 176 5.27 5.15 41.52
CA SER C 176 6.41 4.31 41.89
C SER C 176 7.74 5.06 41.86
N GLY C 177 8.74 4.52 42.54
CA GLY C 177 10.12 5.00 42.44
C GLY C 177 10.66 4.93 41.02
N ASP C 178 10.32 3.86 40.31
CA ASP C 178 10.68 3.75 38.87
C ASP C 178 10.11 4.92 38.07
N ALA C 179 8.83 5.22 38.27
CA ALA C 179 8.19 6.34 37.61
C ALA C 179 8.83 7.67 38.01
N LYS C 180 9.06 7.84 39.32
CA LYS C 180 9.81 9.00 39.82
C LYS C 180 11.15 9.14 39.10
N ALA C 181 11.88 8.03 38.95
CA ALA C 181 13.15 8.00 38.21
C ALA C 181 12.97 8.25 36.70
N GLY C 182 11.86 7.76 36.14
CA GLY C 182 11.54 7.95 34.72
C GLY C 182 11.33 9.41 34.33
N TYR C 183 10.66 10.15 35.20
CA TYR C 183 10.48 11.58 35.02
C TYR C 183 11.81 12.34 34.98
N GLN C 184 12.74 11.96 35.85
CA GLN C 184 14.04 12.63 35.86
C GLN C 184 14.82 12.32 34.58
N LEU C 185 14.72 11.09 34.07
CA LEU C 185 15.34 10.74 32.79
C LEU C 185 14.66 11.50 31.66
N PHE C 186 13.34 11.53 31.70
CA PHE C 186 12.56 12.27 30.71
C PHE C 186 13.13 13.68 30.55
N LYS C 187 13.38 14.32 31.67
CA LYS C 187 13.91 15.69 31.70
C LYS C 187 15.38 15.74 31.29
N ASP C 188 16.20 14.91 31.95
CA ASP C 188 17.65 14.95 31.77
C ASP C 188 18.12 14.51 30.38
N LYS C 189 17.42 13.54 29.79
CA LYS C 189 17.78 13.04 28.45
C LYS C 189 17.35 13.99 27.33
N GLY C 190 16.43 14.91 27.63
CA GLY C 190 15.98 15.90 26.66
C GLY C 190 14.64 15.63 26.00
N CYS C 191 13.87 14.69 26.56
CA CYS C 191 12.50 14.45 26.06
C CYS C 191 11.61 15.67 26.25
N VAL C 192 11.80 16.36 27.38
CA VAL C 192 10.99 17.55 27.72
C VAL C 192 11.18 18.73 26.75
N SER C 193 12.26 18.74 26.00
CA SER C 193 12.49 19.78 25.00
C SER C 193 11.40 19.85 23.92
N CYS C 194 10.77 18.72 23.65
CA CYS C 194 9.69 18.66 22.67
C CYS C 194 8.34 18.28 23.29
N HIS C 195 8.38 17.51 24.37
CA HIS C 195 7.18 17.06 25.09
C HIS C 195 7.09 17.76 26.46
N ASN C 196 6.37 18.87 26.52
CA ASN C 196 6.24 19.64 27.77
C ASN C 196 4.89 20.35 27.89
N GLY C 197 4.72 21.11 28.97
CA GLY C 197 3.43 21.79 29.25
C GLY C 197 2.40 20.88 29.91
N PRO C 198 1.13 21.34 30.02
CA PRO C 198 0.12 20.47 30.64
C PRO C 198 -0.10 19.15 29.90
N ALA C 199 0.07 19.16 28.58
CA ALA C 199 -0.20 17.97 27.77
C ALA C 199 1.04 17.13 27.44
N VAL C 200 2.20 17.49 28.01
CA VAL C 200 3.44 16.75 27.74
C VAL C 200 3.56 16.53 26.22
N GLY C 201 3.54 17.65 25.48
CA GLY C 201 3.45 17.62 24.04
C GLY C 201 2.43 18.61 23.50
N GLY C 202 2.36 18.71 22.17
CA GLY C 202 1.38 19.55 21.49
C GLY C 202 1.68 21.04 21.47
N THR C 203 2.87 21.44 21.92
CA THR C 203 3.22 22.85 22.00
C THR C 203 4.08 23.32 20.82
N MET C 204 4.45 22.40 19.94
CA MET C 204 5.31 22.72 18.81
C MET C 204 5.26 21.63 17.73
N PHE C 205 5.76 21.99 16.55
CA PHE C 205 6.02 21.03 15.48
C PHE C 205 7.50 20.72 15.45
N MET C 206 7.84 19.45 15.25
CA MET C 206 9.24 19.03 15.20
C MET C 206 9.43 17.93 14.17
N LYS C 207 10.64 17.85 13.62
CA LYS C 207 11.00 16.80 12.69
C LYS C 207 10.98 15.44 13.38
N MET C 208 10.41 14.45 12.70
CA MET C 208 10.43 13.08 13.16
C MET C 208 11.61 12.41 12.46
N GLY C 209 12.64 12.11 13.24
CA GLY C 209 13.93 11.70 12.72
C GLY C 209 14.87 12.89 12.64
N LEU C 210 15.11 13.52 13.79
CA LEU C 210 15.91 14.74 13.87
C LEU C 210 17.42 14.45 13.79
N ILE C 211 17.89 13.44 14.52
CA ILE C 211 19.31 13.04 14.50
C ILE C 211 19.55 11.89 13.53
N LYS C 212 18.54 11.04 13.33
CA LYS C 212 18.60 9.92 12.38
C LYS C 212 17.24 9.80 11.71
N PRO C 213 17.17 9.18 10.52
CA PRO C 213 15.88 8.96 9.88
C PRO C 213 14.90 8.12 10.71
N PHE C 214 13.61 8.35 10.52
CA PHE C 214 12.58 7.44 11.01
C PHE C 214 12.30 6.44 9.89
N HIS C 215 12.48 5.15 10.19
CA HIS C 215 12.25 4.09 9.22
C HIS C 215 10.77 3.73 9.21
N THR C 216 10.10 4.07 8.11
CA THR C 216 8.67 3.83 7.98
C THR C 216 8.32 3.68 6.52
N ASN C 217 7.25 2.95 6.24
CA ASN C 217 6.74 2.80 4.88
C ASN C 217 5.57 3.75 4.58
N ASN C 218 5.17 4.54 5.58
CA ASN C 218 4.05 5.46 5.45
C ASN C 218 4.55 6.72 4.76
N PRO C 219 3.81 7.21 3.74
CA PRO C 219 4.28 8.36 2.97
C PRO C 219 3.90 9.76 3.53
N ALA C 220 3.31 9.83 4.72
CA ALA C 220 2.87 11.11 5.28
C ALA C 220 4.05 12.06 5.40
N GLU C 221 3.84 13.31 4.97
CA GLU C 221 4.92 14.30 4.94
C GLU C 221 4.81 15.36 6.04
N GLY C 222 3.74 15.31 6.84
CA GLY C 222 3.55 16.30 7.89
C GLY C 222 3.38 17.68 7.29
N ARG C 223 4.09 18.66 7.86
CA ARG C 223 3.88 20.07 7.54
C ARG C 223 4.09 20.38 6.06
N LYS C 224 4.98 19.65 5.39
CA LYS C 224 5.23 19.84 3.96
C LYS C 224 3.96 19.64 3.12
N GLY C 225 3.09 18.73 3.55
CA GLY C 225 1.82 18.50 2.87
C GLY C 225 0.90 19.72 2.79
N VAL C 226 1.07 20.64 3.74
CA VAL C 226 0.26 21.86 3.86
C VAL C 226 1.01 23.13 3.40
N THR C 227 2.32 23.18 3.64
CA THR C 227 3.13 24.36 3.32
C THR C 227 3.90 24.25 2.00
N GLY C 228 4.10 23.02 1.52
CA GLY C 228 4.91 22.75 0.33
C GLY C 228 6.42 22.81 0.56
N LYS C 229 6.85 23.33 1.70
CA LYS C 229 8.26 23.58 1.98
C LYS C 229 9.05 22.31 2.27
N ASP C 230 10.25 22.22 1.70
CA ASP C 230 11.08 21.04 1.91
C ASP C 230 11.59 20.97 3.34
N ALA C 231 11.79 22.15 3.95
CA ALA C 231 12.24 22.26 5.32
C ALA C 231 11.24 21.69 6.32
N ASP C 232 9.99 21.53 5.87
CA ASP C 232 8.89 21.00 6.68
C ASP C 232 8.64 19.50 6.45
N LYS C 233 9.56 18.82 5.76
CA LYS C 233 9.37 17.42 5.42
C LYS C 233 9.44 16.53 6.69
N PHE C 234 8.38 15.76 6.90
CA PHE C 234 8.26 14.92 8.12
C PHE C 234 8.36 15.74 9.42
N VAL C 235 7.94 17.00 9.37
CA VAL C 235 7.79 17.83 10.57
C VAL C 235 6.35 17.65 11.03
N PHE C 236 6.18 17.11 12.22
CA PHE C 236 4.86 16.73 12.70
C PHE C 236 4.51 17.47 13.99
N LYS C 237 3.21 17.60 14.26
CA LYS C 237 2.78 18.06 15.59
C LYS C 237 3.31 17.08 16.63
N VAL C 238 3.98 17.58 17.67
CA VAL C 238 4.44 16.71 18.78
C VAL C 238 3.22 16.20 19.57
N PRO C 239 2.95 14.87 19.57
CA PRO C 239 1.73 14.42 20.22
C PRO C 239 1.76 14.61 21.74
N THR C 240 0.58 14.54 22.34
CA THR C 240 0.49 14.56 23.79
C THR C 240 0.92 13.20 24.31
N LEU C 241 1.68 13.19 25.40
CA LEU C 241 2.02 11.91 26.01
C LEU C 241 1.05 11.59 27.14
N ARG C 242 0.09 12.47 27.40
CA ARG C 242 -1.01 12.15 28.31
C ARG C 242 -1.77 10.95 27.74
N ASN C 243 -2.01 9.93 28.58
CA ASN C 243 -2.78 8.75 28.21
C ASN C 243 -2.12 7.94 27.10
N ILE C 244 -0.82 8.11 26.94
CA ILE C 244 -0.05 7.38 25.94
C ILE C 244 -0.13 5.86 26.17
N GLU C 245 -0.36 5.46 27.43
CA GLU C 245 -0.59 4.07 27.82
C GLU C 245 -1.73 3.46 27.03
N LEU C 246 -2.72 4.31 26.79
CA LEU C 246 -4.01 3.90 26.21
C LEU C 246 -4.13 4.06 24.69
N THR C 247 -3.17 4.69 24.04
CA THR C 247 -3.33 5.14 22.63
C THR C 247 -2.37 4.47 21.62
N TYR C 248 -1.88 3.30 21.99
CA TYR C 248 -1.23 2.39 21.04
C TYR C 248 -2.13 2.14 19.81
N PRO C 249 -1.55 1.73 18.67
CA PRO C 249 -0.13 1.74 18.38
C PRO C 249 0.36 3.18 18.19
N TYR C 250 1.69 3.31 18.19
CA TYR C 250 2.35 4.59 18.33
C TYR C 250 2.98 5.09 17.05
N PHE C 251 3.24 6.40 17.05
CA PHE C 251 3.74 7.16 15.90
C PHE C 251 2.66 7.30 14.85
N HIS C 252 2.83 8.25 13.93
CA HIS C 252 1.78 8.54 12.94
C HIS C 252 1.46 7.37 12.01
N ASP C 253 2.40 6.44 11.87
CA ASP C 253 2.23 5.26 11.03
C ASP C 253 1.60 4.06 11.76
N GLY C 254 1.34 4.19 13.06
CA GLY C 254 0.78 3.10 13.88
C GLY C 254 1.61 1.83 13.87
N SER C 255 2.92 1.99 13.90
CA SER C 255 3.84 0.88 13.62
C SER C 255 4.33 0.11 14.85
N VAL C 256 4.32 0.76 16.01
CA VAL C 256 4.90 0.24 17.23
C VAL C 256 3.83 0.11 18.33
N TRP C 257 3.64 -1.11 18.84
CA TRP C 257 2.57 -1.36 19.83
C TRP C 257 3.01 -1.22 21.28
N THR C 258 4.31 -1.17 21.54
CA THR C 258 4.81 -1.06 22.90
C THR C 258 5.57 0.26 23.14
N LEU C 259 5.37 0.78 24.34
CA LEU C 259 5.94 2.06 24.76
C LEU C 259 7.45 1.91 24.88
N GLU C 260 7.89 0.69 25.20
CA GLU C 260 9.30 0.37 25.19
C GLU C 260 9.95 0.66 23.83
N GLU C 261 9.30 0.19 22.77
CA GLU C 261 9.77 0.42 21.40
C GLU C 261 9.76 1.91 21.07
N ALA C 262 8.64 2.57 21.38
CA ALA C 262 8.46 3.99 21.12
C ALA C 262 9.50 4.86 21.86
N VAL C 263 9.73 4.55 23.13
CA VAL C 263 10.67 5.32 23.94
C VAL C 263 12.10 5.13 23.43
N ASN C 264 12.45 3.91 23.03
CA ASN C 264 13.80 3.60 22.55
C ASN C 264 14.08 4.17 21.14
N THR C 265 13.09 4.10 20.26
CA THR C 265 13.17 4.72 18.94
C THR C 265 13.39 6.22 19.06
N MET C 266 12.58 6.85 19.92
CA MET C 266 12.66 8.28 20.16
C MET C 266 14.06 8.70 20.62
N ALA C 267 14.57 8.02 21.65
CA ALA C 267 15.91 8.33 22.19
C ALA C 267 16.97 8.18 21.10
N ASP C 268 16.82 7.13 20.30
CA ASP C 268 17.76 6.86 19.24
C ASP C 268 17.73 7.95 18.17
N ILE C 269 16.58 8.12 17.53
CA ILE C 269 16.49 8.97 16.35
C ILE C 269 16.30 10.46 16.65
N GLN C 270 15.68 10.81 17.78
CA GLN C 270 15.51 12.23 18.16
C GLN C 270 16.69 12.79 18.95
N LEU C 271 17.36 11.91 19.71
CA LEU C 271 18.45 12.33 20.62
C LEU C 271 19.82 11.70 20.30
N GLY C 272 19.86 10.69 19.42
CA GLY C 272 21.10 9.97 19.14
C GLY C 272 21.59 9.18 20.34
N GLN C 273 20.67 8.50 21.02
CA GLN C 273 20.96 7.88 22.31
C GLN C 273 20.39 6.49 22.53
N LYS C 274 21.18 5.65 23.20
CA LYS C 274 20.77 4.31 23.60
C LYS C 274 20.44 4.31 25.09
N LEU C 275 19.22 3.86 25.42
CA LEU C 275 18.78 3.72 26.81
C LEU C 275 19.08 2.31 27.32
N THR C 276 19.45 2.21 28.59
CA THR C 276 19.62 0.91 29.24
C THR C 276 18.26 0.31 29.54
N GLU C 277 18.23 -1.01 29.76
CA GLU C 277 16.97 -1.69 30.06
C GLU C 277 16.30 -1.07 31.30
N LYS C 278 17.14 -0.68 32.27
CA LYS C 278 16.70 -0.02 33.49
C LYS C 278 16.00 1.30 33.17
N GLU C 279 16.69 2.17 32.43
CA GLU C 279 16.13 3.47 32.04
C GLU C 279 14.87 3.35 31.17
N THR C 280 14.78 2.27 30.39
CA THR C 280 13.59 2.06 29.55
C THR C 280 12.35 1.75 30.38
N LYS C 281 12.47 0.88 31.39
CA LYS C 281 11.32 0.55 32.24
C LYS C 281 10.96 1.74 33.14
N GLU C 282 11.97 2.54 33.50
CA GLU C 282 11.75 3.75 34.28
C GLU C 282 10.95 4.74 33.45
N MET C 283 11.40 4.99 32.23
CA MET C 283 10.68 5.87 31.30
C MET C 283 9.22 5.42 31.05
N VAL C 284 9.02 4.11 30.86
CA VAL C 284 7.67 3.56 30.65
C VAL C 284 6.78 3.78 31.87
N ALA C 285 7.36 3.62 33.07
CA ALA C 285 6.61 3.78 34.32
C ALA C 285 6.14 5.23 34.48
N PHE C 286 7.02 6.16 34.16
CA PHE C 286 6.63 7.58 34.07
C PHE C 286 5.56 7.81 33.01
N LEU C 287 5.78 7.31 31.80
CA LEU C 287 4.78 7.52 30.73
C LEU C 287 3.43 6.95 31.13
N ASN C 288 3.44 5.80 31.80
CA ASN C 288 2.18 5.18 32.26
C ASN C 288 1.47 6.03 33.32
N SER C 289 2.23 6.69 34.17
CA SER C 289 1.66 7.56 35.20
C SER C 289 0.95 8.81 34.65
N LEU C 290 1.08 9.05 33.35
CA LEU C 290 0.39 10.16 32.68
C LEU C 290 -1.07 9.85 32.29
N THR C 291 -1.53 8.62 32.54
CA THR C 291 -2.92 8.27 32.28
C THR C 291 -3.82 8.93 33.34
N GLY C 292 -4.69 9.84 32.90
CA GLY C 292 -5.61 10.55 33.80
C GLY C 292 -6.98 9.91 33.89
N GLU C 293 -7.88 10.56 34.61
CA GLU C 293 -9.25 10.09 34.67
C GLU C 293 -9.94 10.29 33.32
N GLN C 294 -10.57 9.23 32.86
CA GLN C 294 -11.18 9.23 31.54
C GLN C 294 -12.55 9.88 31.66
N PRO C 295 -13.07 10.44 30.55
CA PRO C 295 -14.39 11.05 30.56
C PRO C 295 -15.45 10.19 31.21
N GLN C 296 -16.10 10.75 32.23
CA GLN C 296 -17.25 10.15 32.86
C GLN C 296 -18.47 10.81 32.24
N ILE C 297 -19.07 10.13 31.27
CA ILE C 297 -20.19 10.69 30.55
C ILE C 297 -21.30 9.70 30.32
N SER C 298 -22.47 10.27 30.09
CA SER C 298 -23.69 9.53 29.85
C SER C 298 -23.79 9.29 28.36
N LEU C 299 -24.07 8.04 27.98
CA LEU C 299 -24.27 7.68 26.59
C LEU C 299 -25.48 8.43 26.06
N PRO C 300 -25.28 9.25 25.03
CA PRO C 300 -26.36 10.10 24.55
C PRO C 300 -27.48 9.33 23.89
N ILE C 301 -28.72 9.73 24.14
CA ILE C 301 -29.88 9.18 23.46
C ILE C 301 -30.20 10.13 22.32
N LEU C 302 -30.22 9.57 21.12
CA LEU C 302 -30.36 10.33 19.90
C LEU C 302 -31.79 10.20 19.42
N PRO C 303 -32.29 11.26 18.75
CA PRO C 303 -33.66 11.25 18.27
C PRO C 303 -33.88 10.34 17.08
N PRO C 304 -35.13 9.94 16.84
CA PRO C 304 -35.39 9.09 15.70
C PRO C 304 -35.41 9.83 14.35
N SER C 305 -34.81 9.21 13.33
CA SER C 305 -34.98 9.62 11.96
C SER C 305 -36.44 9.56 11.63
N ASN C 306 -36.86 10.45 10.73
CA ASN C 306 -38.25 10.55 10.31
C ASN C 306 -38.32 10.59 8.77
N LYS C 307 -39.50 10.94 8.23
CA LYS C 307 -39.69 11.00 6.78
C LYS C 307 -38.73 11.95 6.03
N GLU C 308 -38.31 13.02 6.69
CA GLU C 308 -37.48 14.06 6.08
C GLU C 308 -35.99 13.80 6.20
N THR C 309 -35.63 12.73 6.93
CA THR C 309 -34.24 12.39 7.17
C THR C 309 -33.75 11.59 5.96
N PRO C 310 -32.63 12.01 5.33
CA PRO C 310 -32.02 11.18 4.29
C PRO C 310 -31.72 9.78 4.82
N ARG C 311 -31.95 8.76 4.01
CA ARG C 311 -31.64 7.39 4.43
C ARG C 311 -30.15 7.14 4.37
N PRO C 312 -29.65 6.31 5.29
CA PRO C 312 -28.25 5.94 5.19
C PRO C 312 -27.99 5.12 3.93
N VAL C 313 -26.78 5.24 3.38
CA VAL C 313 -26.36 4.44 2.23
C VAL C 313 -25.10 3.65 2.61
N PRO C 314 -25.27 2.56 3.40
CA PRO C 314 -24.15 1.74 3.89
C PRO C 314 -23.43 0.92 2.80
N PHE C 315 -24.14 0.49 1.77
CA PHE C 315 -23.56 -0.36 0.72
C PHE C 315 -23.73 0.25 -0.67
N GLU D 11 -56.63 -7.27 30.00
CA GLU D 11 -55.88 -6.31 29.13
C GLU D 11 -54.65 -6.98 28.49
N PRO D 12 -54.71 -7.27 27.17
CA PRO D 12 -53.68 -8.09 26.51
C PRO D 12 -52.23 -7.58 26.55
N ILE D 13 -52.03 -6.28 26.81
CA ILE D 13 -50.69 -5.71 26.99
C ILE D 13 -50.45 -5.38 28.46
N GLU D 14 -49.24 -5.65 28.96
CA GLU D 14 -48.89 -5.46 30.36
C GLU D 14 -47.71 -4.50 30.50
N VAL D 15 -47.62 -3.84 31.65
CA VAL D 15 -46.57 -2.84 31.89
C VAL D 15 -45.20 -3.51 32.06
N ILE D 16 -44.16 -2.77 31.68
CA ILE D 16 -42.78 -3.20 31.86
C ILE D 16 -42.22 -2.58 33.14
N THR D 17 -41.83 -3.41 34.10
CA THR D 17 -41.26 -2.92 35.35
C THR D 17 -39.75 -2.69 35.22
N PRO D 18 -39.21 -1.69 35.95
CA PRO D 18 -37.78 -1.45 35.91
C PRO D 18 -36.92 -2.64 36.30
N ALA D 19 -35.69 -2.66 35.81
CA ALA D 19 -34.75 -3.74 36.10
C ALA D 19 -34.28 -3.66 37.55
N LYS D 20 -34.29 -4.80 38.24
CA LYS D 20 -33.70 -4.93 39.58
C LYS D 20 -32.33 -5.54 39.40
N ILE D 21 -31.29 -4.82 39.84
CA ILE D 21 -29.92 -5.25 39.65
C ILE D 21 -29.42 -6.01 40.87
N THR D 22 -29.41 -7.34 40.78
CA THR D 22 -29.04 -8.25 41.86
C THR D 22 -27.60 -8.76 41.79
N GLU D 23 -26.95 -8.55 40.66
CA GLU D 23 -25.55 -8.91 40.46
C GLU D 23 -24.82 -7.69 39.85
N PRO D 24 -24.58 -6.65 40.67
CA PRO D 24 -24.02 -5.41 40.14
C PRO D 24 -22.64 -5.55 39.45
N GLU D 25 -21.76 -6.38 40.02
CA GLU D 25 -20.43 -6.60 39.44
C GLU D 25 -20.48 -7.28 38.07
N LYS D 26 -21.35 -8.27 37.92
CA LYS D 26 -21.56 -8.97 36.65
C LYS D 26 -22.23 -8.08 35.58
N VAL D 27 -23.23 -7.31 35.98
CA VAL D 27 -23.88 -6.37 35.08
C VAL D 27 -22.86 -5.36 34.51
N GLU D 28 -21.95 -4.87 35.37
CA GLU D 28 -20.93 -3.94 34.91
C GLU D 28 -19.88 -4.60 34.01
N LEU D 29 -19.51 -5.84 34.31
CA LEU D 29 -18.61 -6.59 33.43
C LEU D 29 -19.29 -6.83 32.07
N GLY D 30 -20.57 -7.15 32.08
CA GLY D 30 -21.33 -7.30 30.84
C GLY D 30 -21.36 -6.02 30.03
N LYS D 31 -21.46 -4.88 30.73
CA LYS D 31 -21.58 -3.57 30.08
C LYS D 31 -20.31 -3.26 29.30
N MET D 32 -19.17 -3.44 29.97
CA MET D 32 -17.87 -3.32 29.36
C MET D 32 -17.77 -4.18 28.09
N LEU D 33 -18.18 -5.44 28.20
CA LEU D 33 -18.11 -6.41 27.11
C LEU D 33 -19.05 -6.06 25.94
N PHE D 34 -20.23 -5.54 26.25
CA PHE D 34 -21.20 -5.10 25.23
C PHE D 34 -20.56 -3.98 24.38
N PHE D 35 -19.67 -3.20 24.99
CA PHE D 35 -19.05 -2.06 24.27
C PHE D 35 -17.60 -2.34 23.84
N GLU D 36 -17.20 -3.61 23.94
CA GLU D 36 -15.80 -3.96 23.82
C GLU D 36 -15.48 -4.38 22.39
N PRO D 37 -14.81 -3.50 21.62
CA PRO D 37 -14.61 -3.83 20.21
C PRO D 37 -13.56 -4.90 19.99
N ARG D 38 -12.72 -5.16 20.99
CA ARG D 38 -11.73 -6.21 20.89
C ARG D 38 -12.33 -7.61 21.01
N LEU D 39 -13.65 -7.69 21.17
CA LEU D 39 -14.34 -8.99 21.00
C LEU D 39 -14.53 -9.32 19.51
N SER D 40 -14.07 -8.43 18.63
CA SER D 40 -14.13 -8.65 17.19
C SER D 40 -12.70 -8.79 16.62
N LYS D 41 -12.60 -9.51 15.52
CA LYS D 41 -11.29 -9.72 14.91
C LYS D 41 -10.65 -8.38 14.51
N SER D 42 -11.46 -7.48 14.01
CA SER D 42 -10.98 -6.19 13.52
C SER D 42 -10.59 -5.21 14.63
N GLY D 43 -11.11 -5.43 15.84
CA GLY D 43 -10.88 -4.49 16.95
C GLY D 43 -11.73 -3.25 16.85
N PHE D 44 -12.79 -3.32 16.05
CA PHE D 44 -13.58 -2.16 15.65
C PHE D 44 -15.08 -2.32 15.92
N ILE D 45 -15.57 -3.56 16.00
CA ILE D 45 -16.99 -3.83 16.11
C ILE D 45 -17.34 -4.43 17.47
N SER D 46 -18.31 -3.82 18.14
CA SER D 46 -18.86 -4.29 19.42
C SER D 46 -20.34 -4.61 19.27
N CYS D 47 -20.94 -5.20 20.30
CA CYS D 47 -22.39 -5.40 20.33
C CYS D 47 -23.10 -4.09 20.03
N ASN D 48 -22.59 -3.01 20.61
CA ASN D 48 -23.18 -1.69 20.42
C ASN D 48 -23.13 -1.19 18.97
N SER D 49 -22.21 -1.71 18.15
CA SER D 49 -22.13 -1.28 16.76
C SER D 49 -23.44 -1.60 16.02
N CYS D 50 -24.04 -2.75 16.33
CA CYS D 50 -25.25 -3.18 15.64
C CYS D 50 -26.50 -3.08 16.49
N HIS D 51 -26.32 -2.79 17.77
CA HIS D 51 -27.41 -2.66 18.73
C HIS D 51 -27.22 -1.42 19.53
N ASN D 52 -27.02 -0.33 18.80
CA ASN D 52 -26.59 0.93 19.33
C ASN D 52 -27.62 1.49 20.32
N LEU D 53 -27.16 1.65 21.54
CA LEU D 53 -28.02 2.01 22.66
C LEU D 53 -28.38 3.48 22.63
N SER D 54 -27.59 4.26 21.91
CA SER D 54 -27.95 5.63 21.58
C SER D 54 -29.17 5.69 20.62
N THR D 55 -29.38 4.65 19.82
CA THR D 55 -30.46 4.67 18.82
C THR D 55 -31.40 3.45 18.91
N GLY D 56 -32.13 3.33 20.02
CA GLY D 56 -33.13 2.26 20.16
C GLY D 56 -32.62 0.83 20.22
N GLY D 57 -31.34 0.66 20.54
CA GLY D 57 -30.74 -0.65 20.60
C GLY D 57 -30.54 -1.33 19.25
N VAL D 58 -30.41 -0.55 18.19
CA VAL D 58 -30.29 -1.07 16.83
C VAL D 58 -29.40 -0.16 15.99
N ASP D 59 -28.89 -0.70 14.89
CA ASP D 59 -28.06 0.06 13.98
C ASP D 59 -28.91 0.91 13.03
N ALA D 60 -30.19 0.56 12.90
CA ALA D 60 -31.17 1.28 12.06
C ALA D 60 -30.87 1.27 10.57
N LEU D 61 -30.24 0.19 10.12
CA LEU D 61 -29.92 -0.05 8.73
C LEU D 61 -30.78 -1.22 8.24
N PRO D 62 -30.93 -1.34 6.91
CA PRO D 62 -31.72 -2.46 6.37
C PRO D 62 -31.22 -3.81 6.85
N THR D 63 -29.92 -4.08 6.67
CA THR D 63 -29.25 -5.19 7.32
C THR D 63 -27.93 -4.66 7.83
N SER D 64 -27.23 -5.46 8.64
CA SER D 64 -26.07 -4.96 9.36
C SER D 64 -24.81 -4.89 8.52
N ILE D 65 -23.91 -4.01 8.96
CA ILE D 65 -22.55 -3.93 8.47
C ILE D 65 -21.71 -4.66 9.49
N GLY D 66 -21.00 -5.68 9.03
CA GLY D 66 -20.14 -6.45 9.90
C GLY D 66 -18.70 -6.35 9.45
N HIS D 67 -17.88 -7.26 9.97
CA HIS D 67 -16.46 -7.36 9.69
C HIS D 67 -16.18 -7.17 8.21
N HIS D 68 -15.19 -6.33 7.90
CA HIS D 68 -14.79 -6.02 6.51
C HIS D 68 -15.93 -5.41 5.67
N TRP D 69 -16.87 -4.73 6.31
CA TRP D 69 -18.05 -4.12 5.63
C TRP D 69 -18.95 -5.14 4.93
N GLN D 70 -18.93 -6.38 5.39
CA GLN D 70 -19.83 -7.38 4.83
C GLN D 70 -21.28 -7.06 5.13
N GLU D 71 -22.11 -7.28 4.13
CA GLU D 71 -23.54 -6.99 4.22
C GLU D 71 -24.24 -8.16 4.89
N GLY D 72 -24.95 -7.87 5.98
CA GLY D 72 -25.61 -8.91 6.75
C GLY D 72 -26.85 -9.42 6.03
N PRO D 73 -27.32 -10.62 6.40
CA PRO D 73 -28.49 -11.21 5.74
C PRO D 73 -29.86 -10.75 6.27
N ILE D 74 -29.90 -10.07 7.42
CA ILE D 74 -31.18 -9.82 8.08
C ILE D 74 -31.13 -8.56 8.96
N ASN D 75 -32.28 -7.96 9.22
CA ASN D 75 -32.36 -6.71 9.99
C ASN D 75 -31.97 -6.95 11.44
N SER D 76 -31.04 -6.14 11.98
CA SER D 76 -30.65 -6.31 13.37
C SER D 76 -31.82 -5.88 14.26
N PRO D 77 -32.31 -6.80 15.12
CA PRO D 77 -33.38 -6.48 16.06
C PRO D 77 -32.85 -5.73 17.28
N THR D 78 -33.74 -5.03 17.99
CA THR D 78 -33.34 -4.30 19.18
C THR D 78 -32.98 -5.23 20.33
N VAL D 79 -31.99 -4.84 21.13
CA VAL D 79 -31.72 -5.55 22.38
C VAL D 79 -32.67 -5.06 23.48
N LEU D 80 -33.37 -3.95 23.26
CA LEU D 80 -34.28 -3.41 24.29
C LEU D 80 -35.47 -4.35 24.51
N ASN D 81 -35.68 -4.68 25.77
CA ASN D 81 -36.69 -5.63 26.20
C ASN D 81 -36.53 -7.03 25.60
N ALA D 82 -35.33 -7.37 25.15
CA ALA D 82 -35.11 -8.64 24.47
C ALA D 82 -35.21 -9.87 25.39
N ASP D 83 -35.08 -9.68 26.71
CA ASP D 83 -35.22 -10.80 27.65
C ASP D 83 -36.68 -11.28 27.80
N PHE D 84 -37.62 -10.58 27.18
CA PHE D 84 -39.03 -10.97 27.19
C PHE D 84 -39.40 -11.99 26.11
N MET D 85 -38.50 -12.20 25.15
CA MET D 85 -38.79 -12.98 23.95
C MET D 85 -38.78 -14.47 24.26
N LEU D 86 -39.63 -15.24 23.58
CA LEU D 86 -39.70 -16.71 23.79
C LEU D 86 -38.42 -17.39 23.33
N ALA D 87 -37.79 -16.81 22.32
CA ALA D 87 -36.50 -17.26 21.80
C ALA D 87 -35.75 -16.07 21.22
N GLN D 88 -34.51 -16.30 20.81
CA GLN D 88 -33.68 -15.24 20.28
C GLN D 88 -33.36 -15.51 18.81
N PHE D 89 -33.13 -14.41 18.08
CA PHE D 89 -33.00 -14.39 16.62
C PHE D 89 -34.37 -14.48 15.97
N TRP D 90 -34.45 -13.99 14.74
CA TRP D 90 -35.67 -14.08 13.94
C TRP D 90 -36.21 -15.50 13.78
N ASP D 91 -35.31 -16.49 13.71
CA ASP D 91 -35.73 -17.91 13.55
C ASP D 91 -35.79 -18.68 14.86
N GLY D 92 -35.54 -18.00 15.98
CA GLY D 92 -35.62 -18.60 17.31
C GLY D 92 -34.64 -19.72 17.59
N ARG D 93 -33.47 -19.69 16.96
CA ARG D 93 -32.49 -20.76 17.10
C ARG D 93 -31.74 -20.71 18.42
N ALA D 94 -31.78 -19.57 19.11
CA ALA D 94 -31.16 -19.46 20.42
C ALA D 94 -32.28 -19.38 21.47
N SER D 95 -32.11 -20.07 22.59
CA SER D 95 -33.16 -20.15 23.60
C SER D 95 -33.30 -18.84 24.39
N ASN D 96 -32.19 -18.14 24.59
CA ASN D 96 -32.16 -17.01 25.51
C ASN D 96 -30.93 -16.14 25.24
N LEU D 97 -30.85 -15.01 25.95
CA LEU D 97 -29.78 -14.00 25.75
C LEU D 97 -28.35 -14.54 25.94
N LYS D 98 -28.16 -15.43 26.91
CA LYS D 98 -26.83 -15.97 27.19
C LYS D 98 -26.36 -16.83 26.03
N GLU D 99 -27.24 -17.70 25.54
CA GLU D 99 -26.89 -18.53 24.39
C GLU D 99 -26.77 -17.69 23.13
N GLN D 100 -27.64 -16.68 22.99
CA GLN D 100 -27.57 -15.77 21.84
C GLN D 100 -26.17 -15.18 21.65
N ALA D 101 -25.60 -14.66 22.73
CA ALA D 101 -24.38 -13.83 22.66
C ALA D 101 -23.15 -14.56 22.09
N ALA D 102 -23.17 -15.89 22.16
CA ALA D 102 -22.12 -16.72 21.58
C ALA D 102 -22.04 -16.62 20.06
N GLY D 103 -23.17 -16.32 19.41
CA GLY D 103 -23.24 -16.24 17.96
C GLY D 103 -22.41 -15.15 17.32
N PRO D 104 -22.72 -13.86 17.63
CA PRO D 104 -22.05 -12.73 16.94
C PRO D 104 -20.52 -12.74 17.00
N ILE D 105 -19.99 -13.17 18.13
CA ILE D 105 -18.55 -13.16 18.38
C ILE D 105 -17.86 -14.09 17.37
N ALA D 106 -18.51 -15.23 17.08
CA ALA D 106 -17.98 -16.25 16.19
C ALA D 106 -18.57 -16.21 14.77
N ASN D 107 -19.47 -15.26 14.52
CA ASN D 107 -20.16 -15.14 13.22
C ASN D 107 -19.25 -14.35 12.28
N PRO D 108 -18.79 -14.98 11.17
CA PRO D 108 -17.82 -14.35 10.29
C PRO D 108 -18.34 -13.09 9.61
N LYS D 109 -19.65 -12.96 9.48
CA LYS D 109 -20.25 -11.78 8.88
C LYS D 109 -20.61 -10.71 9.90
N GLU D 110 -20.31 -10.95 11.18
CA GLU D 110 -20.55 -9.94 12.22
C GLU D 110 -19.24 -9.56 12.91
N MET D 111 -18.91 -10.17 14.03
CA MET D 111 -17.67 -9.78 14.72
C MET D 111 -16.44 -10.48 14.15
N GLY D 112 -16.68 -11.62 13.51
CA GLY D 112 -15.66 -12.30 12.71
C GLY D 112 -14.52 -12.87 13.52
N PHE D 113 -14.79 -13.21 14.78
CA PHE D 113 -13.75 -13.69 15.67
C PHE D 113 -14.00 -15.16 15.95
N THR D 114 -13.40 -15.69 17.00
CA THR D 114 -13.79 -17.01 17.53
C THR D 114 -13.93 -16.88 19.03
N HIS D 115 -14.60 -17.84 19.65
CA HIS D 115 -14.75 -17.83 21.11
C HIS D 115 -13.39 -17.90 21.73
N GLU D 116 -12.54 -18.69 21.12
CA GLU D 116 -11.19 -18.88 21.59
C GLU D 116 -10.36 -17.61 21.53
N LEU D 117 -10.47 -16.87 20.43
CA LEU D 117 -9.72 -15.63 20.32
C LEU D 117 -10.32 -14.55 21.23
N ALA D 118 -11.64 -14.47 21.26
CA ALA D 118 -12.35 -13.52 22.14
C ALA D 118 -11.95 -13.69 23.60
N THR D 119 -11.92 -14.94 24.07
CA THR D 119 -11.60 -15.22 25.46
C THR D 119 -10.12 -14.91 25.78
N GLU D 120 -9.19 -15.29 24.89
CA GLU D 120 -7.77 -15.00 25.08
C GLU D 120 -7.52 -13.50 25.09
N THR D 121 -8.31 -12.76 24.31
CA THR D 121 -8.15 -11.31 24.22
C THR D 121 -8.54 -10.68 25.56
N ILE D 122 -9.72 -11.05 26.04
CA ILE D 122 -10.26 -10.52 27.29
C ILE D 122 -9.33 -10.92 28.45
N ALA D 123 -8.87 -12.18 28.45
CA ALA D 123 -8.02 -12.68 29.56
C ALA D 123 -6.63 -12.08 29.57
N SER D 124 -6.20 -11.44 28.49
CA SER D 124 -4.87 -10.88 28.43
C SER D 124 -4.71 -9.70 29.38
N MET D 125 -5.83 -9.06 29.72
CA MET D 125 -5.84 -7.79 30.41
C MET D 125 -6.17 -8.02 31.87
N PRO D 126 -5.20 -7.75 32.75
CA PRO D 126 -5.44 -7.98 34.19
C PRO D 126 -6.69 -7.35 34.77
N ALA D 127 -7.12 -6.18 34.27
CA ALA D 127 -8.34 -5.50 34.76
C ALA D 127 -9.60 -6.30 34.47
N TYR D 128 -9.65 -6.98 33.33
CA TYR D 128 -10.76 -7.89 33.05
C TYR D 128 -10.71 -9.14 33.93
N ARG D 129 -9.52 -9.75 34.01
CA ARG D 129 -9.33 -10.96 34.79
C ARG D 129 -9.78 -10.77 36.24
N ALA D 130 -9.50 -9.59 36.79
CA ALA D 130 -9.94 -9.25 38.15
C ALA D 130 -11.47 -9.27 38.32
N ARG D 131 -12.20 -8.74 37.34
CA ARG D 131 -13.68 -8.72 37.39
C ARG D 131 -14.25 -10.12 37.25
N PHE D 132 -13.67 -10.91 36.34
CA PHE D 132 -14.08 -12.32 36.20
C PHE D 132 -13.88 -13.12 37.49
N ALA D 133 -12.80 -12.82 38.20
CA ALA D 133 -12.54 -13.44 39.49
C ALA D 133 -13.58 -13.00 40.53
N LYS D 134 -13.94 -11.72 40.51
CA LYS D 134 -14.93 -11.21 41.47
C LYS D 134 -16.32 -11.78 41.24
N VAL D 135 -16.69 -12.00 39.98
CA VAL D 135 -18.01 -12.53 39.66
C VAL D 135 -18.06 -14.08 39.76
N TYR D 136 -17.03 -14.76 39.26
CA TYR D 136 -17.08 -16.20 39.03
C TYR D 136 -16.08 -17.04 39.87
N GLY D 137 -15.09 -16.40 40.49
CA GLY D 137 -14.19 -17.08 41.44
C GLY D 137 -12.72 -17.25 41.06
N ASP D 138 -12.40 -17.10 39.79
CA ASP D 138 -11.01 -17.00 39.38
C ASP D 138 -10.92 -16.20 38.10
N GLU D 139 -9.70 -16.04 37.58
CA GLU D 139 -9.43 -15.14 36.47
C GLU D 139 -9.66 -15.78 35.09
N LYS D 140 -10.12 -17.03 35.07
CA LYS D 140 -10.40 -17.72 33.81
C LYS D 140 -11.47 -16.97 33.03
N VAL D 141 -11.22 -16.76 31.74
CA VAL D 141 -12.25 -16.25 30.82
C VAL D 141 -12.60 -17.37 29.85
N ASP D 142 -13.83 -17.86 29.94
CA ASP D 142 -14.33 -18.80 28.94
C ASP D 142 -15.61 -18.23 28.36
N ILE D 143 -16.07 -18.80 27.25
CA ILE D 143 -17.23 -18.25 26.55
C ILE D 143 -18.50 -18.34 27.41
N ASP D 144 -18.52 -19.27 28.36
CA ASP D 144 -19.67 -19.43 29.24
C ASP D 144 -19.82 -18.19 30.13
N ARG D 145 -18.73 -17.80 30.79
CA ARG D 145 -18.73 -16.62 31.65
C ARG D 145 -18.94 -15.32 30.87
N LEU D 146 -18.33 -15.24 29.70
CA LEU D 146 -18.30 -14.02 28.93
C LEU D 146 -19.72 -13.70 28.49
N THR D 147 -20.41 -14.69 27.95
CA THR D 147 -21.80 -14.52 27.51
C THR D 147 -22.78 -14.37 28.69
N ASP D 148 -22.48 -15.00 29.82
CA ASP D 148 -23.29 -14.85 31.03
C ASP D 148 -23.30 -13.40 31.50
N ALA D 149 -22.10 -12.82 31.61
CA ALA D 149 -21.94 -11.41 31.95
C ALA D 149 -22.67 -10.46 30.99
N ILE D 150 -22.51 -10.67 29.68
CA ILE D 150 -23.22 -9.88 28.65
C ILE D 150 -24.73 -9.96 28.84
N ALA D 151 -25.27 -11.17 29.01
CA ALA D 151 -26.72 -11.37 29.19
C ALA D 151 -27.25 -10.66 30.45
N ALA D 152 -26.49 -10.68 31.53
CA ALA D 152 -26.87 -9.99 32.77
C ALA D 152 -26.97 -8.48 32.56
N PHE D 153 -26.04 -7.91 31.81
CA PHE D 153 -26.14 -6.51 31.41
C PHE D 153 -27.39 -6.28 30.55
N GLU D 154 -27.55 -7.09 29.50
CA GLU D 154 -28.68 -6.93 28.57
C GLU D 154 -30.05 -7.01 29.23
N LYS D 155 -30.14 -7.86 30.26
CA LYS D 155 -31.36 -7.98 31.07
C LYS D 155 -31.80 -6.69 31.74
N THR D 156 -30.86 -5.76 31.94
CA THR D 156 -31.17 -4.45 32.49
C THR D 156 -31.69 -3.43 31.45
N LEU D 157 -31.59 -3.78 30.17
CA LEU D 157 -31.96 -2.87 29.08
C LEU D 157 -33.45 -2.97 28.82
N VAL D 158 -34.23 -2.72 29.86
CA VAL D 158 -35.69 -2.67 29.73
C VAL D 158 -36.07 -1.18 29.67
N THR D 159 -37.25 -0.89 29.13
CA THR D 159 -37.62 0.49 28.85
C THR D 159 -38.98 0.81 29.52
N PRO D 160 -38.94 1.09 30.84
CA PRO D 160 -40.15 1.37 31.59
C PRO D 160 -40.69 2.77 31.32
N ASN D 161 -41.87 3.07 31.87
CA ASN D 161 -42.41 4.42 31.92
C ASN D 161 -42.80 4.99 30.56
N SER D 162 -43.08 4.12 29.59
CA SER D 162 -43.57 4.59 28.30
C SER D 162 -44.91 5.25 28.54
N PRO D 163 -45.27 6.25 27.71
CA PRO D 163 -46.57 6.87 27.90
C PRO D 163 -47.71 5.84 27.91
N PHE D 164 -47.60 4.76 27.15
CA PHE D 164 -48.69 3.77 27.12
C PHE D 164 -48.82 3.03 28.45
N ASP D 165 -47.69 2.66 29.06
CA ASP D 165 -47.73 2.06 30.40
C ASP D 165 -48.38 2.99 31.42
N GLN D 166 -48.04 4.28 31.39
CA GLN D 166 -48.65 5.30 32.26
C GLN D 166 -50.17 5.28 32.12
N TYR D 167 -50.63 5.22 30.86
CA TYR D 167 -52.04 5.07 30.53
C TYR D 167 -52.65 3.81 31.16
N LEU D 168 -51.97 2.67 31.02
CA LEU D 168 -52.39 1.41 31.63
C LEU D 168 -52.47 1.48 33.16
N LEU D 169 -51.56 2.24 33.79
CA LEU D 169 -51.52 2.39 35.25
C LEU D 169 -52.56 3.37 35.80
N GLY D 170 -53.12 4.22 34.94
CA GLY D 170 -54.20 5.12 35.33
C GLY D 170 -54.04 6.59 34.98
N LYS D 171 -52.92 6.97 34.34
CA LYS D 171 -52.74 8.36 33.91
C LYS D 171 -53.42 8.58 32.55
N GLN D 172 -54.67 9.03 32.59
CA GLN D 172 -55.52 9.11 31.40
C GLN D 172 -55.06 10.17 30.37
N ASP D 173 -54.31 11.17 30.82
CA ASP D 173 -53.75 12.17 29.89
C ASP D 173 -52.33 11.84 29.44
N ALA D 174 -51.87 10.63 29.74
CA ALA D 174 -50.51 10.20 29.37
C ALA D 174 -50.37 9.98 27.87
N ILE D 175 -51.46 9.62 27.21
CA ILE D 175 -51.45 9.45 25.76
C ILE D 175 -52.60 10.22 25.09
N SER D 176 -52.39 10.57 23.83
CA SER D 176 -53.38 11.36 23.05
C SER D 176 -54.63 10.54 22.75
N GLY D 177 -55.69 11.21 22.31
CA GLY D 177 -56.91 10.54 21.91
C GLY D 177 -56.70 9.57 20.76
N ASP D 178 -55.96 10.02 19.74
CA ASP D 178 -55.57 9.15 18.63
C ASP D 178 -54.90 7.86 19.12
N ALA D 179 -53.98 7.99 20.09
CA ALA D 179 -53.32 6.84 20.69
C ALA D 179 -54.26 5.89 21.43
N LYS D 180 -55.28 6.41 22.09
CA LYS D 180 -56.28 5.57 22.77
C LYS D 180 -57.10 4.80 21.75
N ALA D 181 -57.55 5.51 20.71
CA ALA D 181 -58.24 4.89 19.57
C ALA D 181 -57.38 3.86 18.87
N GLY D 182 -56.08 4.13 18.75
CA GLY D 182 -55.13 3.22 18.09
C GLY D 182 -54.90 1.91 18.84
N TYR D 183 -54.88 1.98 20.17
CA TYR D 183 -54.90 0.78 20.98
C TYR D 183 -56.17 -0.05 20.73
N GLN D 184 -57.33 0.61 20.75
CA GLN D 184 -58.60 -0.10 20.53
C GLN D 184 -58.61 -0.78 19.14
N LEU D 185 -58.18 -0.05 18.11
CA LEU D 185 -58.06 -0.65 16.77
C LEU D 185 -57.09 -1.83 16.79
N PHE D 186 -55.96 -1.65 17.47
CA PHE D 186 -54.92 -2.68 17.60
C PHE D 186 -55.53 -4.00 18.09
N LYS D 187 -56.40 -3.90 19.09
CA LYS D 187 -57.12 -5.05 19.62
C LYS D 187 -58.28 -5.52 18.72
N ASP D 188 -59.11 -4.60 18.24
CA ASP D 188 -60.33 -4.98 17.51
C ASP D 188 -60.01 -5.66 16.18
N LYS D 189 -59.00 -5.17 15.49
CA LYS D 189 -58.62 -5.72 14.19
C LYS D 189 -57.88 -7.05 14.28
N GLY D 190 -57.22 -7.32 15.40
CA GLY D 190 -56.53 -8.59 15.60
C GLY D 190 -55.02 -8.52 15.65
N CYS D 191 -54.45 -7.32 15.56
CA CYS D 191 -53.00 -7.14 15.76
C CYS D 191 -52.51 -7.80 17.03
N VAL D 192 -53.33 -7.65 18.08
CA VAL D 192 -52.98 -8.12 19.42
C VAL D 192 -53.04 -9.65 19.52
N SER D 193 -53.69 -10.31 18.56
CA SER D 193 -53.63 -11.77 18.48
C SER D 193 -52.18 -12.28 18.42
N CYS D 194 -51.31 -11.55 17.71
CA CYS D 194 -49.91 -11.95 17.55
C CYS D 194 -48.91 -11.09 18.32
N HIS D 195 -49.22 -9.80 18.50
CA HIS D 195 -48.37 -8.88 19.28
C HIS D 195 -49.04 -8.60 20.63
N ASN D 196 -48.57 -9.28 21.68
CA ASN D 196 -49.19 -9.10 23.00
C ASN D 196 -48.20 -9.31 24.13
N GLY D 197 -48.70 -9.19 25.37
CA GLY D 197 -47.87 -9.32 26.56
C GLY D 197 -47.13 -8.03 26.82
N PRO D 198 -46.21 -8.03 27.80
CA PRO D 198 -45.46 -6.81 28.14
C PRO D 198 -44.59 -6.19 27.01
N ALA D 199 -44.05 -7.03 26.13
CA ALA D 199 -43.25 -6.59 24.99
C ALA D 199 -44.07 -6.26 23.74
N VAL D 200 -45.40 -6.37 23.81
CA VAL D 200 -46.28 -6.22 22.64
C VAL D 200 -45.66 -6.99 21.46
N GLY D 201 -45.42 -8.29 21.69
CA GLY D 201 -44.71 -9.15 20.75
C GLY D 201 -43.83 -10.17 21.50
N GLY D 202 -43.13 -11.01 20.75
CA GLY D 202 -42.16 -11.95 21.35
C GLY D 202 -42.70 -13.17 22.06
N THR D 203 -43.99 -13.45 21.91
CA THR D 203 -44.63 -14.59 22.58
C THR D 203 -44.84 -15.78 21.66
N MET D 204 -44.50 -15.64 20.38
CA MET D 204 -44.76 -16.70 19.39
C MET D 204 -44.02 -16.49 18.07
N PHE D 205 -43.98 -17.56 17.26
CA PHE D 205 -43.60 -17.48 15.85
C PHE D 205 -44.86 -17.47 14.99
N MET D 206 -44.93 -16.58 14.00
CA MET D 206 -46.04 -16.58 13.07
C MET D 206 -45.58 -16.39 11.62
N LYS D 207 -46.40 -16.84 10.68
CA LYS D 207 -46.08 -16.70 9.27
C LYS D 207 -46.09 -15.22 8.90
N MET D 208 -45.04 -14.78 8.20
CA MET D 208 -45.05 -13.45 7.56
C MET D 208 -45.73 -13.61 6.22
N GLY D 209 -46.95 -13.09 6.11
CA GLY D 209 -47.76 -13.21 4.90
C GLY D 209 -48.77 -14.31 5.06
N LEU D 210 -49.61 -14.19 6.09
CA LEU D 210 -50.55 -15.24 6.46
C LEU D 210 -51.68 -15.33 5.43
N ILE D 211 -52.32 -14.21 5.15
CA ILE D 211 -53.47 -14.16 4.24
C ILE D 211 -53.02 -13.84 2.81
N LYS D 212 -52.03 -12.95 2.68
CA LYS D 212 -51.45 -12.61 1.38
C LYS D 212 -49.90 -12.70 1.45
N PRO D 213 -49.25 -12.99 0.31
CA PRO D 213 -47.77 -13.09 0.29
C PRO D 213 -47.04 -11.82 0.70
N PHE D 214 -45.90 -11.99 1.35
CA PHE D 214 -44.95 -10.91 1.57
C PHE D 214 -43.91 -11.06 0.48
N HIS D 215 -43.88 -10.09 -0.44
CA HIS D 215 -42.90 -10.11 -1.54
C HIS D 215 -41.60 -9.49 -1.08
N THR D 216 -40.54 -10.29 -1.11
CA THR D 216 -39.24 -9.84 -0.68
C THR D 216 -38.14 -10.59 -1.44
N ASN D 217 -37.01 -9.92 -1.66
CA ASN D 217 -35.84 -10.53 -2.28
C ASN D 217 -34.92 -11.21 -1.25
N ASN D 218 -35.23 -11.02 0.02
CA ASN D 218 -34.46 -11.65 1.10
C ASN D 218 -34.82 -13.14 1.21
N PRO D 219 -33.81 -14.03 1.08
CA PRO D 219 -34.04 -15.47 1.10
C PRO D 219 -34.30 -16.12 2.47
N ALA D 220 -34.34 -15.33 3.55
CA ALA D 220 -34.48 -15.88 4.90
C ALA D 220 -35.78 -16.65 5.02
N GLU D 221 -35.69 -17.86 5.57
CA GLU D 221 -36.83 -18.77 5.66
C GLU D 221 -37.41 -18.94 7.06
N GLY D 222 -36.75 -18.35 8.06
CA GLY D 222 -37.30 -18.35 9.42
C GLY D 222 -37.21 -19.70 10.08
N ARG D 223 -38.30 -20.13 10.69
CA ARG D 223 -38.32 -21.36 11.49
C ARG D 223 -37.93 -22.62 10.75
N LYS D 224 -38.30 -22.73 9.47
CA LYS D 224 -37.86 -23.87 8.64
C LYS D 224 -36.32 -24.04 8.64
N GLY D 225 -35.59 -22.93 8.72
CA GLY D 225 -34.13 -22.99 8.88
C GLY D 225 -33.68 -23.72 10.14
N VAL D 226 -34.60 -23.88 11.10
CA VAL D 226 -34.32 -24.54 12.37
C VAL D 226 -34.91 -25.97 12.46
N THR D 227 -36.17 -26.15 12.05
CA THR D 227 -36.86 -27.46 12.14
C THR D 227 -36.89 -28.29 10.86
N GLY D 228 -36.67 -27.65 9.72
CA GLY D 228 -36.78 -28.32 8.42
C GLY D 228 -38.19 -28.74 8.03
N LYS D 229 -39.22 -28.10 8.60
CA LYS D 229 -40.62 -28.34 8.25
C LYS D 229 -41.09 -27.31 7.20
N ASP D 230 -41.62 -27.80 6.08
CA ASP D 230 -42.20 -26.95 5.04
C ASP D 230 -43.20 -25.94 5.61
N ALA D 231 -44.01 -26.37 6.59
CA ALA D 231 -45.01 -25.52 7.23
C ALA D 231 -44.43 -24.32 7.97
N ASP D 232 -43.17 -24.43 8.39
CA ASP D 232 -42.47 -23.35 9.10
C ASP D 232 -41.79 -22.35 8.16
N LYS D 233 -42.03 -22.46 6.86
CA LYS D 233 -41.35 -21.63 5.89
C LYS D 233 -41.86 -20.19 5.97
N PHE D 234 -40.94 -19.27 6.17
CA PHE D 234 -41.26 -17.85 6.35
C PHE D 234 -42.13 -17.62 7.60
N VAL D 235 -41.92 -18.46 8.60
CA VAL D 235 -42.51 -18.31 9.91
C VAL D 235 -41.41 -17.72 10.80
N PHE D 236 -41.66 -16.54 11.38
CA PHE D 236 -40.67 -15.80 12.14
C PHE D 236 -41.19 -15.46 13.53
N LYS D 237 -40.26 -15.27 14.47
CA LYS D 237 -40.61 -14.72 15.79
C LYS D 237 -41.30 -13.39 15.58
N VAL D 238 -42.43 -13.20 16.26
CA VAL D 238 -43.15 -11.95 16.21
C VAL D 238 -42.32 -10.92 16.97
N PRO D 239 -41.92 -9.83 16.31
CA PRO D 239 -41.11 -8.85 17.00
C PRO D 239 -41.88 -8.05 18.05
N THR D 240 -41.13 -7.49 18.98
CA THR D 240 -41.67 -6.59 19.98
C THR D 240 -42.08 -5.25 19.33
N LEU D 241 -43.20 -4.68 19.76
CA LEU D 241 -43.60 -3.35 19.25
C LEU D 241 -43.19 -2.23 20.22
N ARG D 242 -42.56 -2.61 21.32
CA ARG D 242 -41.95 -1.65 22.23
C ARG D 242 -40.81 -0.94 21.51
N ASN D 243 -40.83 0.40 21.56
CA ASN D 243 -39.79 1.20 20.92
C ASN D 243 -39.71 0.99 19.41
N ILE D 244 -40.82 0.55 18.82
CA ILE D 244 -40.89 0.39 17.38
C ILE D 244 -40.69 1.74 16.67
N GLU D 245 -41.03 2.83 17.36
CA GLU D 245 -40.75 4.18 16.86
C GLU D 245 -39.26 4.37 16.52
N LEU D 246 -38.38 3.72 17.27
CA LEU D 246 -36.94 3.93 17.20
C LEU D 246 -36.17 2.87 16.37
N THR D 247 -36.82 1.81 15.90
CA THR D 247 -36.10 0.64 15.34
C THR D 247 -36.38 0.36 13.84
N TYR D 248 -36.82 1.40 13.14
CA TYR D 248 -36.75 1.48 11.68
C TYR D 248 -35.37 1.03 11.12
N PRO D 249 -35.34 0.45 9.92
CA PRO D 249 -36.51 0.12 9.09
C PRO D 249 -37.12 -1.17 9.60
N TYR D 250 -38.22 -1.58 9.00
CA TYR D 250 -39.09 -2.61 9.57
C TYR D 250 -39.09 -3.87 8.73
N PHE D 251 -39.55 -4.93 9.38
CA PHE D 251 -39.53 -6.31 8.91
C PHE D 251 -38.12 -6.90 8.84
N HIS D 252 -38.04 -8.21 8.67
CA HIS D 252 -36.76 -8.91 8.76
C HIS D 252 -35.79 -8.54 7.65
N ASP D 253 -36.32 -8.06 6.52
CA ASP D 253 -35.50 -7.61 5.39
C ASP D 253 -35.14 -6.12 5.43
N GLY D 254 -35.64 -5.40 6.43
CA GLY D 254 -35.39 -3.97 6.56
C GLY D 254 -35.86 -3.17 5.37
N SER D 255 -36.98 -3.58 4.78
CA SER D 255 -37.45 -3.01 3.51
C SER D 255 -38.37 -1.79 3.69
N VAL D 256 -39.04 -1.69 4.84
CA VAL D 256 -40.06 -0.66 5.06
C VAL D 256 -39.54 0.38 6.04
N TRP D 257 -39.42 1.63 5.58
CA TRP D 257 -38.80 2.70 6.35
C TRP D 257 -39.79 3.51 7.20
N THR D 258 -41.08 3.43 6.88
CA THR D 258 -42.11 4.12 7.66
C THR D 258 -43.06 3.17 8.40
N LEU D 259 -43.44 3.58 9.61
CA LEU D 259 -44.37 2.82 10.45
C LEU D 259 -45.76 2.76 9.85
N GLU D 260 -46.10 3.81 9.09
CA GLU D 260 -47.38 3.88 8.40
C GLU D 260 -47.54 2.75 7.41
N GLU D 261 -46.49 2.46 6.63
CA GLU D 261 -46.53 1.36 5.69
C GLU D 261 -46.49 0.03 6.44
N ALA D 262 -45.68 -0.04 7.49
CA ALA D 262 -45.58 -1.26 8.31
C ALA D 262 -46.94 -1.72 8.80
N VAL D 263 -47.70 -0.79 9.39
CA VAL D 263 -49.00 -1.11 9.94
C VAL D 263 -50.01 -1.50 8.84
N ASN D 264 -49.94 -0.82 7.69
CA ASN D 264 -50.88 -1.13 6.59
C ASN D 264 -50.56 -2.45 5.92
N THR D 265 -49.27 -2.76 5.80
CA THR D 265 -48.85 -4.01 5.16
C THR D 265 -49.28 -5.16 6.03
N MET D 266 -49.04 -5.03 7.34
CA MET D 266 -49.50 -5.96 8.36
C MET D 266 -51.01 -6.20 8.32
N ALA D 267 -51.81 -5.14 8.28
CA ALA D 267 -53.26 -5.29 8.11
C ALA D 267 -53.58 -6.02 6.82
N ASP D 268 -52.92 -5.61 5.74
CA ASP D 268 -53.20 -6.21 4.43
C ASP D 268 -52.82 -7.69 4.40
N ILE D 269 -51.59 -8.04 4.80
CA ILE D 269 -51.13 -9.43 4.60
C ILE D 269 -51.36 -10.43 5.75
N GLN D 270 -51.41 -9.94 6.99
CA GLN D 270 -51.70 -10.80 8.16
C GLN D 270 -53.19 -10.94 8.48
N LEU D 271 -54.00 -9.96 8.06
CA LEU D 271 -55.43 -9.94 8.39
C LEU D 271 -56.36 -9.85 7.19
N GLY D 272 -55.83 -9.50 6.01
CA GLY D 272 -56.66 -9.29 4.81
C GLY D 272 -57.50 -8.04 4.98
N GLN D 273 -56.92 -7.00 5.56
CA GLN D 273 -57.68 -5.82 5.94
C GLN D 273 -57.02 -4.54 5.47
N LYS D 274 -57.84 -3.63 4.95
CA LYS D 274 -57.38 -2.29 4.62
C LYS D 274 -57.69 -1.38 5.82
N LEU D 275 -56.84 -0.37 5.99
CA LEU D 275 -57.01 0.64 7.03
C LEU D 275 -57.18 2.01 6.38
N THR D 276 -58.04 2.83 6.96
CA THR D 276 -58.18 4.20 6.52
C THR D 276 -57.00 5.03 7.03
N GLU D 277 -56.86 6.24 6.51
CA GLU D 277 -55.83 7.16 6.97
C GLU D 277 -55.94 7.52 8.47
N LYS D 278 -57.14 7.74 8.97
CA LYS D 278 -57.31 8.05 10.41
C LYS D 278 -56.89 6.86 11.26
N GLU D 279 -57.30 5.65 10.85
CA GLU D 279 -56.95 4.43 11.56
C GLU D 279 -55.44 4.22 11.64
N THR D 280 -54.76 4.50 10.53
CA THR D 280 -53.30 4.45 10.48
C THR D 280 -52.67 5.51 11.41
N LYS D 281 -53.20 6.74 11.41
CA LYS D 281 -52.62 7.78 12.30
C LYS D 281 -52.83 7.39 13.78
N GLU D 282 -54.01 6.84 14.08
CA GLU D 282 -54.32 6.33 15.42
C GLU D 282 -53.40 5.15 15.79
N MET D 283 -53.22 4.21 14.88
CA MET D 283 -52.40 3.03 15.16
C MET D 283 -50.96 3.48 15.42
N VAL D 284 -50.50 4.45 14.65
CA VAL D 284 -49.16 4.98 14.77
C VAL D 284 -49.02 5.76 16.08
N ALA D 285 -50.05 6.54 16.42
CA ALA D 285 -50.14 7.21 17.72
C ALA D 285 -49.87 6.17 18.81
N PHE D 286 -50.67 5.13 18.80
CA PHE D 286 -50.53 4.06 19.78
C PHE D 286 -49.11 3.48 19.84
N LEU D 287 -48.52 3.17 18.69
CA LEU D 287 -47.20 2.54 18.67
C LEU D 287 -46.09 3.46 19.16
N ASN D 288 -46.13 4.73 18.79
CA ASN D 288 -45.16 5.71 19.32
C ASN D 288 -45.22 5.82 20.84
N SER D 289 -46.41 5.66 21.41
CA SER D 289 -46.59 5.71 22.86
C SER D 289 -45.98 4.49 23.57
N LEU D 290 -45.60 3.47 22.81
CA LEU D 290 -44.92 2.29 23.35
C LEU D 290 -43.43 2.55 23.61
N THR D 291 -42.89 3.68 23.15
CA THR D 291 -41.49 4.04 23.42
C THR D 291 -41.29 4.42 24.88
N GLY D 292 -40.42 3.70 25.58
CA GLY D 292 -40.20 3.92 27.01
C GLY D 292 -38.89 4.62 27.29
N GLU D 293 -38.51 4.70 28.55
CA GLU D 293 -37.27 5.36 28.93
C GLU D 293 -36.08 4.56 28.41
N GLN D 294 -35.23 5.22 27.63
CA GLN D 294 -34.06 4.56 27.06
C GLN D 294 -33.00 4.41 28.16
N PRO D 295 -32.23 3.31 28.12
CA PRO D 295 -31.15 3.11 29.08
C PRO D 295 -30.26 4.34 29.32
N GLN D 296 -30.07 4.70 30.58
CA GLN D 296 -29.16 5.79 30.94
C GLN D 296 -27.93 5.17 31.57
N ILE D 297 -26.90 5.00 30.75
CA ILE D 297 -25.66 4.40 31.21
C ILE D 297 -24.47 5.31 30.93
N SER D 298 -23.50 5.29 31.82
CA SER D 298 -22.24 5.93 31.56
C SER D 298 -21.48 5.06 30.56
N LEU D 299 -20.76 5.69 29.64
CA LEU D 299 -19.91 4.98 28.69
C LEU D 299 -18.83 4.22 29.47
N PRO D 300 -18.71 2.90 29.25
CA PRO D 300 -17.74 2.17 30.02
C PRO D 300 -16.31 2.53 29.67
N ILE D 301 -15.44 2.54 30.66
CA ILE D 301 -14.03 2.75 30.42
C ILE D 301 -13.35 1.39 30.41
N LEU D 302 -12.76 1.07 29.27
CA LEU D 302 -12.21 -0.24 29.03
C LEU D 302 -10.70 -0.20 29.28
N PRO D 303 -10.12 -1.33 29.70
CA PRO D 303 -8.68 -1.33 29.96
C PRO D 303 -7.80 -1.39 28.71
N PRO D 304 -6.51 -1.05 28.86
CA PRO D 304 -5.64 -1.09 27.72
C PRO D 304 -5.20 -2.50 27.35
N SER D 305 -5.04 -2.73 26.05
CA SER D 305 -4.35 -3.91 25.55
C SER D 305 -2.89 -3.88 26.05
N ASN D 306 -2.23 -5.04 26.06
CA ASN D 306 -0.83 -5.14 26.44
C ASN D 306 -0.11 -6.13 25.50
N LYS D 307 1.12 -6.51 25.83
CA LYS D 307 1.91 -7.37 24.94
C LYS D 307 1.30 -8.76 24.73
N GLU D 308 0.51 -9.25 25.70
CA GLU D 308 -0.12 -10.57 25.55
C GLU D 308 -1.50 -10.46 24.91
N THR D 309 -1.89 -9.26 24.51
CA THR D 309 -3.18 -9.07 23.86
C THR D 309 -3.06 -9.27 22.34
N PRO D 310 -3.79 -10.26 21.79
CA PRO D 310 -3.80 -10.44 20.35
C PRO D 310 -4.01 -9.11 19.62
N ARG D 311 -3.22 -8.86 18.59
CA ARG D 311 -3.32 -7.61 17.85
C ARG D 311 -4.56 -7.70 16.97
N PRO D 312 -5.31 -6.60 16.87
CA PRO D 312 -6.46 -6.67 15.96
C PRO D 312 -6.05 -6.77 14.48
N VAL D 313 -6.97 -7.25 13.65
CA VAL D 313 -6.70 -7.47 12.24
C VAL D 313 -7.83 -6.80 11.45
N PRO D 314 -7.82 -5.46 11.43
CA PRO D 314 -8.86 -4.76 10.65
C PRO D 314 -8.69 -4.98 9.14
N PHE D 315 -7.44 -5.09 8.69
CA PHE D 315 -7.13 -5.15 7.26
C PHE D 315 -6.44 -6.48 6.88
N ALA D 316 -5.22 -6.44 6.36
CA ALA D 316 -4.59 -7.64 5.81
C ALA D 316 -4.04 -8.57 6.90
N THR D 317 -3.96 -9.85 6.55
CA THR D 317 -3.22 -10.92 7.28
C THR D 317 -4.16 -11.79 8.09
CHA HEM E . 5.35 -3.53 -10.48
CHB HEM E . 8.22 0.17 -11.68
CHC HEM E . 11.91 -2.52 -10.12
CHD HEM E . 9.27 -6.43 -11.04
C1A HEM E . 5.74 -2.28 -10.90
C2A HEM E . 4.89 -1.15 -11.25
C3A HEM E . 5.69 -0.12 -11.58
C4A HEM E . 7.06 -0.56 -11.47
CMA HEM E . 5.23 1.27 -12.01
CAA HEM E . 3.36 -1.18 -11.17
CBA HEM E . 2.67 -1.06 -12.52
CGA HEM E . 1.28 -1.66 -12.46
O1A HEM E . 0.52 -1.43 -13.41
O2A HEM E . 0.93 -2.40 -11.50
C1B HEM E . 9.46 -0.16 -11.16
C2B HEM E . 10.54 0.73 -10.78
C3B HEM E . 11.55 -0.04 -10.35
C4B HEM E . 11.15 -1.41 -10.43
CMB HEM E . 10.51 2.28 -10.86
CAB HEM E . 12.93 0.41 -9.78
CBB HEM E . 12.92 1.24 -8.73
C1C HEM E . 11.59 -3.83 -10.36
C2C HEM E . 12.50 -4.96 -10.41
C3C HEM E . 11.76 -6.06 -10.64
C4C HEM E . 10.38 -5.65 -10.77
CMC HEM E . 14.02 -4.84 -10.21
CAC HEM E . 12.23 -7.53 -10.79
CBC HEM E . 13.11 -8.06 -9.92
C1D HEM E . 7.97 -6.05 -10.79
C2D HEM E . 6.90 -6.92 -10.40
C3D HEM E . 5.69 -6.01 -10.23
C4D HEM E . 6.13 -4.68 -10.50
CMD HEM E . 6.96 -8.46 -10.22
CAD HEM E . 4.27 -6.44 -9.80
CBD HEM E . 4.34 -6.77 -8.31
CGD HEM E . 2.98 -6.78 -7.64
O1D HEM E . 2.92 -6.96 -6.39
O2D HEM E . 1.96 -6.59 -8.33
NA HEM E . 7.04 -1.87 -11.07
NB HEM E . 9.87 -1.44 -10.93
NC HEM E . 10.31 -4.28 -10.60
ND HEM E . 7.48 -4.74 -10.83
FE HEM E . 8.67 -3.06 -10.88
CHA HEM F . -6.59 -9.06 -18.16
CHB HEM F . -8.55 -8.73 -22.59
CHC HEM F . -12.99 -8.78 -20.58
CHD HEM F . -10.91 -7.58 -16.33
C1A HEM F . -6.73 -9.07 -19.53
C2A HEM F . -5.69 -9.34 -20.47
C3A HEM F . -6.20 -9.24 -21.71
C4A HEM F . -7.62 -8.93 -21.58
CMA HEM F . -5.44 -9.46 -23.03
CAA HEM F . -4.23 -9.65 -20.09
CBA HEM F . -3.62 -8.35 -19.57
CGA HEM F . -2.24 -8.58 -19.04
O1A HEM F . -1.48 -7.58 -18.88
O2A HEM F . -1.89 -9.76 -18.75
C1B HEM F . -9.92 -8.85 -22.43
C2B HEM F . -10.87 -9.19 -23.46
C3B HEM F . -12.09 -9.22 -22.93
C4B HEM F . -11.98 -8.87 -21.52
CMB HEM F . -10.47 -9.47 -24.93
CAB HEM F . -13.41 -9.57 -23.64
CBB HEM F . -13.39 -10.65 -24.43
C1C HEM F . -12.81 -8.42 -19.24
C2C HEM F . -13.85 -8.23 -18.25
C3C HEM F . -13.29 -7.90 -17.09
C4C HEM F . -11.86 -7.88 -17.28
CMC HEM F . -15.38 -8.36 -18.52
CAC HEM F . -14.00 -7.61 -15.74
CBC HEM F . -15.13 -8.27 -15.43
C1D HEM F . -9.60 -8.00 -16.39
C2D HEM F . -8.77 -8.24 -15.25
C3D HEM F . -7.44 -8.71 -15.83
C4D HEM F . -7.58 -8.70 -17.25
CMD HEM F . -9.14 -8.08 -13.75
CAD HEM F . -6.21 -9.12 -15.01
CBD HEM F . -6.52 -10.54 -14.54
CGD HEM F . -5.30 -11.16 -13.93
O1D HEM F . -4.31 -11.41 -14.66
O2D HEM F . -5.34 -11.42 -12.70
NA HEM F . -7.88 -8.83 -20.23
NB HEM F . -10.64 -8.68 -21.26
NC HEM F . -11.60 -8.20 -18.61
ND HEM F . -8.87 -8.28 -17.55
FE HEM F . -9.74 -8.49 -19.40
CA CA G . 2.64 -9.66 -18.99
CHA HEM H . 34.83 -10.49 -23.03
CHB HEM H . 31.57 -8.47 -25.98
CHC HEM H . 28.31 -11.19 -23.62
CHD HEM H . 31.25 -11.35 -19.84
C1A HEM H . 34.30 -9.73 -24.06
C2A HEM H . 35.04 -8.96 -25.06
C3A HEM H . 34.16 -8.40 -25.88
C4A HEM H . 32.81 -8.78 -25.44
CMA HEM H . 34.52 -7.50 -27.08
CAA HEM H . 36.58 -8.85 -25.17
CBA HEM H . 37.18 -7.45 -24.97
CGA HEM H . 38.62 -7.61 -24.55
O1A HEM H . 39.30 -6.60 -24.22
O2A HEM H . 39.13 -8.75 -24.50
C1B HEM H . 30.42 -9.18 -25.72
C2B HEM H . 29.26 -9.39 -26.59
C3B HEM H . 28.36 -10.16 -25.92
C4B HEM H . 28.92 -10.45 -24.62
CMB HEM H . 29.14 -8.79 -28.01
CAB HEM H . 26.99 -10.67 -26.39
CBB HEM H . 26.90 -11.22 -27.61
C1C HEM H . 28.76 -11.35 -22.34
C2C HEM H . 27.97 -11.75 -21.18
C3C HEM H . 28.80 -11.80 -20.13
C4C HEM H . 30.12 -11.43 -20.61
CMC HEM H . 26.46 -12.07 -21.17
CAC HEM H . 28.51 -12.17 -18.67
CBC HEM H . 27.60 -13.10 -18.32
C1D HEM H . 32.49 -11.32 -20.39
C2D HEM H . 33.69 -11.83 -19.75
C3D HEM H . 34.80 -11.55 -20.76
C4D HEM H . 34.17 -10.92 -21.90
CMD HEM H . 33.79 -12.48 -18.35
CAD HEM H . 36.28 -11.92 -20.61
CBD HEM H . 36.32 -13.42 -20.89
CGD HEM H . 37.69 -13.96 -21.22
O1D HEM H . 37.76 -15.20 -21.38
O2D HEM H . 38.68 -13.18 -21.34
NA HEM H . 32.95 -9.57 -24.31
NB HEM H . 30.16 -9.87 -24.54
NC HEM H . 30.06 -11.14 -21.94
ND HEM H . 32.80 -10.79 -21.62
FE HEM H . 31.44 -10.32 -23.07
CHA HEM I . 46.85 -3.87 -16.42
CHB HEM I . 48.32 0.65 -15.49
CHC HEM I . 52.86 -0.77 -16.44
CHD HEM I . 51.14 -4.75 -18.62
C1A HEM I . 46.85 -2.54 -16.01
C2A HEM I . 45.75 -1.85 -15.37
C3A HEM I . 46.14 -0.60 -15.10
C4A HEM I . 47.52 -0.47 -15.55
CMA HEM I . 45.32 0.54 -14.45
CAA HEM I . 44.36 -2.49 -15.09
CBA HEM I . 43.59 -2.55 -16.41
CGA HEM I . 42.27 -3.24 -16.25
O1A HEM I . 41.41 -3.10 -17.17
O2A HEM I . 42.08 -3.95 -15.23
C1B HEM I . 49.69 0.60 -15.52
C2B HEM I . 50.59 1.56 -14.92
C3B HEM I . 51.84 1.16 -15.18
C4B HEM I . 51.78 -0.05 -15.97
CMB HEM I . 50.11 2.80 -14.12
CAB HEM I . 53.17 1.84 -14.73
CBB HEM I . 53.34 2.05 -13.41
C1C HEM I . 52.81 -1.95 -17.16
C2C HEM I . 53.94 -2.64 -17.75
C3C HEM I . 53.47 -3.76 -18.34
C4C HEM I . 52.03 -3.79 -18.17
CMC HEM I . 55.40 -2.16 -17.65
CAC HEM I . 54.28 -4.82 -19.11
CBC HEM I . 55.53 -5.10 -18.71
C1D HEM I . 49.88 -4.96 -18.13
C2D HEM I . 49.13 -6.20 -18.22
C3D HEM I . 47.81 -5.89 -17.53
C4D HEM I . 47.87 -4.53 -17.07
CMD HEM I . 49.55 -7.55 -18.84
CAD HEM I . 46.67 -6.89 -17.31
CBD HEM I . 47.14 -7.63 -16.05
CGD HEM I . 46.10 -8.57 -15.54
O1D HEM I . 45.03 -8.07 -15.10
O2D HEM I . 46.35 -9.79 -15.51
NA HEM I . 47.91 -1.66 -16.10
NB HEM I . 50.45 -0.36 -16.15
NC HEM I . 51.66 -2.67 -17.45
ND HEM I . 49.10 -4.01 -17.48
FE HEM I . 49.76 -2.15 -16.81
CA CA J . 37.64 -4.19 -14.76
CHA HEM K . -7.73 13.63 13.67
CHB HEM K . -11.72 14.70 16.12
CHC HEM K . -14.12 11.74 13.05
CHD HEM K . -9.97 9.57 12.04
C1A HEM K . -8.59 14.23 14.56
C2A HEM K . -8.27 15.30 15.49
C3A HEM K . -9.38 15.60 16.18
C4A HEM K . -10.43 14.73 15.70
CMA HEM K . -9.57 16.68 17.26
CAA HEM K . -6.91 16.00 15.62
CBA HEM K . -6.21 15.63 16.93
CGA HEM K . -4.74 15.91 16.81
O1A HEM K . -4.01 15.87 17.84
O2A HEM K . -4.24 16.19 15.69
C1B HEM K . -12.72 14.14 15.36
C2B HEM K . -14.12 14.51 15.37
C3B HEM K . -14.75 13.68 14.54
C4B HEM K . -13.82 12.76 13.96
CMB HEM K . -14.71 15.66 16.24
CAB HEM K . -16.23 13.69 14.15
CBB HEM K . -16.68 14.82 13.57
C1C HEM K . -13.26 10.78 12.60
C2C HEM K . -13.54 9.51 11.94
C3C HEM K . -12.37 8.93 11.66
C4C HEM K . -11.31 9.80 12.14
CMC HEM K . -14.94 8.91 11.64
CAC HEM K . -12.09 7.57 10.99
CBC HEM K . -12.86 7.09 9.99
C1D HEM K . -9.00 10.54 12.24
C2D HEM K . -7.64 10.48 11.72
C3D HEM K . -6.97 11.75 12.23
C4D HEM K . -7.96 12.44 13.02
CMD HEM K . -6.97 9.41 10.82
CAD HEM K . -5.53 12.20 11.94
CBD HEM K . -5.63 12.70 10.49
CGD HEM K . -4.52 13.65 10.09
O1D HEM K . -4.47 14.00 8.89
O2D HEM K . -3.72 14.07 10.95
NA HEM K . -9.91 13.89 14.74
NB HEM K . -12.57 13.07 14.51
NC HEM K . -11.90 10.91 12.70
ND HEM K . -9.14 11.69 12.99
FE HEM K . -10.89 12.37 13.78
CHA HEM L . 6.16 10.94 19.40
CHB HEM L . 8.26 9.81 23.62
CHC HEM L . 11.97 12.78 22.63
CHD HEM L . 9.25 14.69 19.13
C1A HEM L . 6.44 10.32 20.59
C2A HEM L . 5.71 9.21 21.15
C3A HEM L . 6.28 8.88 22.32
C4A HEM L . 7.39 9.77 22.54
CMA HEM L . 5.83 7.72 23.25
CAA HEM L . 4.50 8.57 20.44
CBA HEM L . 3.25 9.43 20.65
CGA HEM L . 2.11 8.96 19.75
O1A HEM L . 0.95 9.43 19.93
O2A HEM L . 2.36 8.13 18.84
C1B HEM L . 9.47 10.43 23.64
C2B HEM L . 10.56 10.06 24.50
C3B HEM L . 11.60 10.87 24.23
C4B HEM L . 11.19 11.78 23.18
CMB HEM L . 10.50 8.91 25.52
CAB HEM L . 13.01 10.86 24.84
CBB HEM L . 13.68 9.70 24.76
C1C HEM L . 11.56 13.59 21.59
C2C HEM L . 12.31 14.67 20.98
C3C HEM L . 11.54 15.19 20.00
C4C HEM L . 10.30 14.46 19.98
CMC HEM L . 13.73 15.09 21.42
CAC HEM L . 11.84 16.36 19.02
CBC HEM L . 13.08 16.54 18.55
C1D HEM L . 8.27 13.80 18.79
C2D HEM L . 7.53 13.85 17.56
C3D HEM L . 6.56 12.68 17.65
C4D HEM L . 6.81 12.04 18.91
CMD HEM L . 7.65 14.85 16.39
CAD HEM L . 5.58 12.29 16.54
CBD HEM L . 6.44 11.43 15.62
CGD HEM L . 5.59 10.79 14.55
O1D HEM L . 4.83 9.83 14.88
O2D HEM L . 5.68 11.24 13.39
NA HEM L . 7.45 10.64 21.47
NB HEM L . 9.88 11.48 22.85
NC HEM L . 10.34 13.49 20.96
ND HEM L . 7.82 12.72 19.56
FE HEM L . 8.85 12.09 21.23
CA CA M . -1.66 6.05 18.52
O6 BU3 N . -29.17 11.55 26.41
C3 BU3 N . -29.11 12.96 26.19
C4 BU3 N . -29.85 13.24 24.88
C2 BU3 N . -27.64 13.38 26.15
O5 BU3 N . -26.96 12.88 27.32
C1 BU3 N . -27.49 14.89 26.06
CHA HEM O . -29.69 -10.58 16.90
CHB HEM O . -27.43 -9.08 20.92
CHC HEM O . -23.53 -8.49 18.09
CHD HEM O . -26.41 -8.09 14.26
C1A HEM O . -29.46 -10.30 18.24
C2A HEM O . -30.35 -10.58 19.35
C3A HEM O . -29.72 -10.17 20.49
C4A HEM O . -28.43 -9.61 20.12
CMA HEM O . -30.27 -10.27 21.92
CAA HEM O . -31.73 -11.27 19.24
CBA HEM O . -32.93 -10.32 19.39
CGA HEM O . -34.18 -10.92 18.76
O1A HEM O . -35.30 -10.37 18.97
O2A HEM O . -34.09 -11.95 18.05
C1B HEM O . -26.09 -8.97 20.55
C2B HEM O . -24.88 -9.00 21.38
C3B HEM O . -23.81 -8.83 20.56
C4B HEM O . -24.29 -8.70 19.22
CMB HEM O . -24.90 -9.20 22.91
CAB HEM O . -22.29 -8.82 20.92
CBB HEM O . -21.83 -9.94 21.54
C1C HEM O . -23.97 -8.17 16.83
C2C HEM O . -23.20 -7.53 15.79
C3C HEM O . -23.99 -7.44 14.70
C4C HEM O . -25.29 -7.98 15.05
CMC HEM O . -21.73 -7.08 15.94
CAC HEM O . -23.66 -6.82 13.31
CBC HEM O . -22.43 -6.85 12.80
C1D HEM O . -27.48 -8.89 14.57
C2D HEM O . -28.36 -9.50 13.59
C3D HEM O . -29.37 -10.28 14.41
C4D HEM O . -29.01 -10.08 15.81
CMD HEM O . -28.27 -9.39 12.04
CAD HEM O . -30.50 -11.15 13.85
CBD HEM O . -29.81 -12.40 13.28
CGD HEM O . -30.77 -13.53 12.97
O1D HEM O . -30.35 -14.48 12.27
O2D HEM O . -31.94 -13.47 13.40
NA HEM O . -28.31 -9.70 18.75
NB HEM O . -25.65 -8.80 19.24
NC HEM O . -25.23 -8.41 16.36
ND HEM O . -27.91 -9.24 15.85
FE HEM O . -26.76 -9.00 17.57
CHA HEM P . -44.05 -7.37 12.28
CHB HEM P . -47.49 -4.22 13.57
CHC HEM P . -50.74 -7.75 12.92
CHD HEM P . -47.17 -11.04 12.97
C1A HEM P . -44.70 -6.20 12.59
C2A HEM P . -44.11 -4.89 12.59
C3A HEM P . -45.05 -3.99 12.95
C4A HEM P . -46.27 -4.73 13.19
CMA HEM P . -44.86 -2.46 13.09
CAA HEM P . -42.62 -4.64 12.27
CBA HEM P . -41.81 -5.17 13.45
CGA HEM P . -40.32 -4.99 13.27
O1A HEM P . -39.59 -5.03 14.30
O2A HEM P . -39.85 -4.82 12.11
C1B HEM P . -48.69 -4.86 13.37
C2B HEM P . -49.99 -4.26 13.21
C3B HEM P . -50.87 -5.25 13.03
C4B HEM P . -50.17 -6.51 13.07
CMB HEM P . -50.24 -2.74 13.25
CAB HEM P . -52.39 -5.13 12.76
CBB HEM P . -52.78 -4.22 11.85
C1C HEM P . -50.06 -8.96 12.93
C2C HEM P . -50.67 -10.27 12.90
C3C HEM P . -49.68 -11.17 12.89
C4C HEM P . -48.41 -10.46 12.95
CMC HEM P . -52.20 -10.51 12.85
CAC HEM P . -49.79 -12.71 12.85
CBC HEM P . -50.75 -13.29 12.11
C1D HEM P . -46.00 -10.39 12.67
C2D HEM P . -44.77 -11.01 12.27
C3D HEM P . -43.80 -9.86 12.07
C4D HEM P . -44.54 -8.65 12.35
CMD HEM P . -44.47 -12.52 12.10
CAD HEM P . -42.35 -9.99 11.59
CBD HEM P . -42.50 -10.35 10.13
CGD HEM P . -41.20 -10.25 9.35
O1D HEM P . -40.52 -9.19 9.37
O2D HEM P . -40.88 -11.25 8.65
NA HEM P . -46.00 -6.07 12.96
NB HEM P . -48.83 -6.23 13.28
NC HEM P . -48.70 -9.11 12.95
ND HEM P . -45.82 -9.01 12.70
FE HEM P . -47.32 -7.60 12.97
CA CA Q . -35.83 -2.85 12.41
#